data_2IA7
# 
_entry.id   2IA7 
# 
_audit_conform.dict_name       mmcif_pdbx.dic 
_audit_conform.dict_version    5.397 
_audit_conform.dict_location   http://mmcif.pdb.org/dictionaries/ascii/mmcif_pdbx.dic 
# 
loop_
_database_2.database_id 
_database_2.database_code 
_database_2.pdbx_database_accession 
_database_2.pdbx_DOI 
PDB   2IA7         pdb_00002ia7 10.2210/pdb2ia7/pdb 
RCSB  RCSB039331   ?            ?                   
WWPDB D_1000039331 ?            ?                   
# 
loop_
_pdbx_audit_revision_history.ordinal 
_pdbx_audit_revision_history.data_content_type 
_pdbx_audit_revision_history.major_revision 
_pdbx_audit_revision_history.minor_revision 
_pdbx_audit_revision_history.revision_date 
1 'Structure model' 1 0 2006-09-19 
2 'Structure model' 1 1 2008-05-01 
3 'Structure model' 1 2 2011-07-13 
4 'Structure model' 1 3 2017-10-18 
5 'Structure model' 1 4 2017-10-25 
6 'Structure model' 1 5 2024-10-16 
# 
_pdbx_audit_revision_details.ordinal             1 
_pdbx_audit_revision_details.revision_ordinal    1 
_pdbx_audit_revision_details.data_content_type   'Structure model' 
_pdbx_audit_revision_details.provider            repository 
_pdbx_audit_revision_details.type                'Initial release' 
_pdbx_audit_revision_details.description         ? 
_pdbx_audit_revision_details.details             ? 
# 
loop_
_pdbx_audit_revision_group.ordinal 
_pdbx_audit_revision_group.revision_ordinal 
_pdbx_audit_revision_group.data_content_type 
_pdbx_audit_revision_group.group 
1 2 'Structure model' 'Version format compliance'  
2 3 'Structure model' Advisory                     
3 3 'Structure model' 'Version format compliance'  
4 4 'Structure model' 'Refinement description'     
5 5 'Structure model' 'Author supporting evidence' 
6 6 'Structure model' 'Data collection'            
7 6 'Structure model' 'Database references'        
8 6 'Structure model' 'Derived calculations'       
9 6 'Structure model' 'Structure summary'          
# 
loop_
_pdbx_audit_revision_category.ordinal 
_pdbx_audit_revision_category.revision_ordinal 
_pdbx_audit_revision_category.data_content_type 
_pdbx_audit_revision_category.category 
1  4 'Structure model' software                           
2  5 'Structure model' pdbx_struct_assembly_auth_evidence 
3  6 'Structure model' chem_comp_atom                     
4  6 'Structure model' chem_comp_bond                     
5  6 'Structure model' database_2                         
6  6 'Structure model' pdbx_entry_details                 
7  6 'Structure model' pdbx_modification_feature          
8  6 'Structure model' struct_conn                        
9  6 'Structure model' struct_ref_seq_dif                 
10 6 'Structure model' struct_site                        
# 
loop_
_pdbx_audit_revision_item.ordinal 
_pdbx_audit_revision_item.revision_ordinal 
_pdbx_audit_revision_item.data_content_type 
_pdbx_audit_revision_item.item 
1 4 'Structure model' '_software.classification'            
2 4 'Structure model' '_software.name'                      
3 6 'Structure model' '_database_2.pdbx_DOI'                
4 6 'Structure model' '_database_2.pdbx_database_accession' 
5 6 'Structure model' '_struct_conn.pdbx_leaving_atom_flag' 
6 6 'Structure model' '_struct_ref_seq_dif.details'         
7 6 'Structure model' '_struct_site.pdbx_auth_asym_id'      
8 6 'Structure model' '_struct_site.pdbx_auth_comp_id'      
9 6 'Structure model' '_struct_site.pdbx_auth_seq_id'       
# 
_pdbx_database_status.SG_entry                        Y 
_pdbx_database_status.entry_id                        2IA7 
_pdbx_database_status.deposit_site                    RCSB 
_pdbx_database_status.process_site                    RCSB 
_pdbx_database_status.recvd_initial_deposition_date   2006-09-07 
_pdbx_database_status.status_code                     REL 
_pdbx_database_status.status_code_sf                  REL 
_pdbx_database_status.status_code_mr                  ? 
_pdbx_database_status.pdb_format_compatible           Y 
_pdbx_database_status.status_code_cs                  ? 
_pdbx_database_status.methods_development_category    ? 
_pdbx_database_status.status_code_nmr_data            ? 
# 
_pdbx_database_related.db_name        TargetDB 
_pdbx_database_related.db_id          367993 
_pdbx_database_related.details        . 
_pdbx_database_related.content_type   unspecified 
# 
_audit_author.name           'Joint Center for Structural Genomics (JCSG)' 
_audit_author.pdbx_ordinal   1 
# 
_citation.id                        primary 
_citation.title                     
'Crystal structure of putative tail lysozyme (NP_952040.1) from GEOBACTER SULFURREDUCENS at 1.44 A resolution' 
_citation.journal_abbrev            'To be published' 
_citation.journal_volume            ? 
_citation.page_first                ? 
_citation.page_last                 ? 
_citation.year                      ? 
_citation.journal_id_ASTM           ? 
_citation.country                   ? 
_citation.journal_id_ISSN           ? 
_citation.journal_id_CSD            0353 
_citation.book_publisher            ? 
_citation.pdbx_database_id_PubMed   ? 
_citation.pdbx_database_id_DOI      ? 
# 
_citation_author.citation_id        primary 
_citation_author.name               'Joint Center for Structural Genomics (JCSG)' 
_citation_author.ordinal            1 
_citation_author.identifier_ORCID   ? 
# 
loop_
_entity.id 
_entity.type 
_entity.src_method 
_entity.pdbx_description 
_entity.formula_weight 
_entity.pdbx_number_of_molecules 
_entity.pdbx_ec 
_entity.pdbx_mutation 
_entity.pdbx_fragment 
_entity.details 
1 polymer     man 'Tail lysozyme, putative' 15032.729 1   ? ? ? ? 
2 non-polymer syn 'NITRATE ION'             62.005    1   ? ? ? ? 
3 non-polymer syn 1,2-ETHANEDIOL            62.068    1   ? ? ? ? 
4 water       nat water                     18.015    120 ? ? ? ? 
# 
_entity_poly.entity_id                      1 
_entity_poly.type                           'polypeptide(L)' 
_entity_poly.nstd_linkage                   no 
_entity_poly.nstd_monomer                   yes 
_entity_poly.pdbx_seq_one_letter_code       
;G(MSE)TKAREFLGTGWKFPVAAGADGA(MSE)VLSSAEEDIAESIRIILGTARGERV(MSE)RPDFGCGIHDRVFSVIN
TTTLGLIENEVKEALILWEPRIELLSVTASPREAAEGRLLIDIEYRVRSTNTRFNLVYPFYLKESA
;
_entity_poly.pdbx_seq_one_letter_code_can   
;GMTKAREFLGTGWKFPVAAGADGAMVLSSAEEDIAESIRIILGTARGERVMRPDFGCGIHDRVFSVINTTTLGLIENEVK
EALILWEPRIELLSVTASPREAAEGRLLIDIEYRVRSTNTRFNLVYPFYLKESA
;
_entity_poly.pdbx_strand_id                 A 
_entity_poly.pdbx_target_identifier         367993 
# 
loop_
_pdbx_entity_nonpoly.entity_id 
_pdbx_entity_nonpoly.name 
_pdbx_entity_nonpoly.comp_id 
2 'NITRATE ION'  NO3 
3 1,2-ETHANEDIOL EDO 
4 water          HOH 
# 
loop_
_entity_poly_seq.entity_id 
_entity_poly_seq.num 
_entity_poly_seq.mon_id 
_entity_poly_seq.hetero 
1 1   GLY n 
1 2   MSE n 
1 3   THR n 
1 4   LYS n 
1 5   ALA n 
1 6   ARG n 
1 7   GLU n 
1 8   PHE n 
1 9   LEU n 
1 10  GLY n 
1 11  THR n 
1 12  GLY n 
1 13  TRP n 
1 14  LYS n 
1 15  PHE n 
1 16  PRO n 
1 17  VAL n 
1 18  ALA n 
1 19  ALA n 
1 20  GLY n 
1 21  ALA n 
1 22  ASP n 
1 23  GLY n 
1 24  ALA n 
1 25  MSE n 
1 26  VAL n 
1 27  LEU n 
1 28  SER n 
1 29  SER n 
1 30  ALA n 
1 31  GLU n 
1 32  GLU n 
1 33  ASP n 
1 34  ILE n 
1 35  ALA n 
1 36  GLU n 
1 37  SER n 
1 38  ILE n 
1 39  ARG n 
1 40  ILE n 
1 41  ILE n 
1 42  LEU n 
1 43  GLY n 
1 44  THR n 
1 45  ALA n 
1 46  ARG n 
1 47  GLY n 
1 48  GLU n 
1 49  ARG n 
1 50  VAL n 
1 51  MSE n 
1 52  ARG n 
1 53  PRO n 
1 54  ASP n 
1 55  PHE n 
1 56  GLY n 
1 57  CYS n 
1 58  GLY n 
1 59  ILE n 
1 60  HIS n 
1 61  ASP n 
1 62  ARG n 
1 63  VAL n 
1 64  PHE n 
1 65  SER n 
1 66  VAL n 
1 67  ILE n 
1 68  ASN n 
1 69  THR n 
1 70  THR n 
1 71  THR n 
1 72  LEU n 
1 73  GLY n 
1 74  LEU n 
1 75  ILE n 
1 76  GLU n 
1 77  ASN n 
1 78  GLU n 
1 79  VAL n 
1 80  LYS n 
1 81  GLU n 
1 82  ALA n 
1 83  LEU n 
1 84  ILE n 
1 85  LEU n 
1 86  TRP n 
1 87  GLU n 
1 88  PRO n 
1 89  ARG n 
1 90  ILE n 
1 91  GLU n 
1 92  LEU n 
1 93  LEU n 
1 94  SER n 
1 95  VAL n 
1 96  THR n 
1 97  ALA n 
1 98  SER n 
1 99  PRO n 
1 100 ARG n 
1 101 GLU n 
1 102 ALA n 
1 103 ALA n 
1 104 GLU n 
1 105 GLY n 
1 106 ARG n 
1 107 LEU n 
1 108 LEU n 
1 109 ILE n 
1 110 ASP n 
1 111 ILE n 
1 112 GLU n 
1 113 TYR n 
1 114 ARG n 
1 115 VAL n 
1 116 ARG n 
1 117 SER n 
1 118 THR n 
1 119 ASN n 
1 120 THR n 
1 121 ARG n 
1 122 PHE n 
1 123 ASN n 
1 124 LEU n 
1 125 VAL n 
1 126 TYR n 
1 127 PRO n 
1 128 PHE n 
1 129 TYR n 
1 130 LEU n 
1 131 LYS n 
1 132 GLU n 
1 133 SER n 
1 134 ALA n 
# 
_entity_src_gen.entity_id                          1 
_entity_src_gen.pdbx_src_id                        1 
_entity_src_gen.pdbx_alt_source_flag               sample 
_entity_src_gen.pdbx_seq_type                      ? 
_entity_src_gen.pdbx_beg_seq_num                   ? 
_entity_src_gen.pdbx_end_seq_num                   ? 
_entity_src_gen.gene_src_common_name               ? 
_entity_src_gen.gene_src_genus                     Geobacter 
_entity_src_gen.pdbx_gene_src_gene                 NP_952040.1 
_entity_src_gen.gene_src_species                   ? 
_entity_src_gen.gene_src_strain                    ? 
_entity_src_gen.gene_src_tissue                    ? 
_entity_src_gen.gene_src_tissue_fraction           ? 
_entity_src_gen.gene_src_details                   ? 
_entity_src_gen.pdbx_gene_src_fragment             ? 
_entity_src_gen.pdbx_gene_src_scientific_name      'Geobacter sulfurreducens' 
_entity_src_gen.pdbx_gene_src_ncbi_taxonomy_id     35554 
_entity_src_gen.pdbx_gene_src_variant              ? 
_entity_src_gen.pdbx_gene_src_cell_line            ? 
_entity_src_gen.pdbx_gene_src_atcc                 ? 
_entity_src_gen.pdbx_gene_src_organ                ? 
_entity_src_gen.pdbx_gene_src_organelle            ? 
_entity_src_gen.pdbx_gene_src_cell                 ? 
_entity_src_gen.pdbx_gene_src_cellular_location    ? 
_entity_src_gen.host_org_common_name               ? 
_entity_src_gen.pdbx_host_org_scientific_name      'Escherichia coli' 
_entity_src_gen.pdbx_host_org_ncbi_taxonomy_id     562 
_entity_src_gen.host_org_genus                     Escherichia 
_entity_src_gen.pdbx_host_org_gene                 ? 
_entity_src_gen.pdbx_host_org_organ                ? 
_entity_src_gen.host_org_species                   ? 
_entity_src_gen.pdbx_host_org_tissue               ? 
_entity_src_gen.pdbx_host_org_tissue_fraction      ? 
_entity_src_gen.pdbx_host_org_strain               ? 
_entity_src_gen.pdbx_host_org_variant              ? 
_entity_src_gen.pdbx_host_org_cell_line            ? 
_entity_src_gen.pdbx_host_org_atcc                 ? 
_entity_src_gen.pdbx_host_org_culture_collection   ? 
_entity_src_gen.pdbx_host_org_cell                 ? 
_entity_src_gen.pdbx_host_org_organelle            ? 
_entity_src_gen.pdbx_host_org_cellular_location    ? 
_entity_src_gen.pdbx_host_org_vector_type          Plasmid 
_entity_src_gen.pdbx_host_org_vector               ? 
_entity_src_gen.host_org_details                   ? 
_entity_src_gen.expression_system_id               ? 
_entity_src_gen.plasmid_name                       ? 
_entity_src_gen.plasmid_details                    ? 
_entity_src_gen.pdbx_description                   ? 
# 
loop_
_chem_comp.id 
_chem_comp.type 
_chem_comp.mon_nstd_flag 
_chem_comp.name 
_chem_comp.pdbx_synonyms 
_chem_comp.formula 
_chem_comp.formula_weight 
ALA 'L-peptide linking' y ALANINE          ?                 'C3 H7 N O2'     89.093  
ARG 'L-peptide linking' y ARGININE         ?                 'C6 H15 N4 O2 1' 175.209 
ASN 'L-peptide linking' y ASPARAGINE       ?                 'C4 H8 N2 O3'    132.118 
ASP 'L-peptide linking' y 'ASPARTIC ACID'  ?                 'C4 H7 N O4'     133.103 
CYS 'L-peptide linking' y CYSTEINE         ?                 'C3 H7 N O2 S'   121.158 
EDO non-polymer         . 1,2-ETHANEDIOL   'ETHYLENE GLYCOL' 'C2 H6 O2'       62.068  
GLU 'L-peptide linking' y 'GLUTAMIC ACID'  ?                 'C5 H9 N O4'     147.129 
GLY 'peptide linking'   y GLYCINE          ?                 'C2 H5 N O2'     75.067  
HIS 'L-peptide linking' y HISTIDINE        ?                 'C6 H10 N3 O2 1' 156.162 
HOH non-polymer         . WATER            ?                 'H2 O'           18.015  
ILE 'L-peptide linking' y ISOLEUCINE       ?                 'C6 H13 N O2'    131.173 
LEU 'L-peptide linking' y LEUCINE          ?                 'C6 H13 N O2'    131.173 
LYS 'L-peptide linking' y LYSINE           ?                 'C6 H15 N2 O2 1' 147.195 
MET 'L-peptide linking' y METHIONINE       ?                 'C5 H11 N O2 S'  149.211 
MSE 'L-peptide linking' n SELENOMETHIONINE ?                 'C5 H11 N O2 Se' 196.106 
NO3 non-polymer         . 'NITRATE ION'    ?                 'N O3 -1'        62.005  
PHE 'L-peptide linking' y PHENYLALANINE    ?                 'C9 H11 N O2'    165.189 
PRO 'L-peptide linking' y PROLINE          ?                 'C5 H9 N O2'     115.130 
SER 'L-peptide linking' y SERINE           ?                 'C3 H7 N O3'     105.093 
THR 'L-peptide linking' y THREONINE        ?                 'C4 H9 N O3'     119.119 
TRP 'L-peptide linking' y TRYPTOPHAN       ?                 'C11 H12 N2 O2'  204.225 
TYR 'L-peptide linking' y TYROSINE         ?                 'C9 H11 N O3'    181.189 
VAL 'L-peptide linking' y VALINE           ?                 'C5 H11 N O2'    117.146 
# 
loop_
_pdbx_poly_seq_scheme.asym_id 
_pdbx_poly_seq_scheme.entity_id 
_pdbx_poly_seq_scheme.seq_id 
_pdbx_poly_seq_scheme.mon_id 
_pdbx_poly_seq_scheme.ndb_seq_num 
_pdbx_poly_seq_scheme.pdb_seq_num 
_pdbx_poly_seq_scheme.auth_seq_num 
_pdbx_poly_seq_scheme.pdb_mon_id 
_pdbx_poly_seq_scheme.auth_mon_id 
_pdbx_poly_seq_scheme.pdb_strand_id 
_pdbx_poly_seq_scheme.pdb_ins_code 
_pdbx_poly_seq_scheme.hetero 
A 1 1   GLY 1   0   ?   ?   ?   A . n 
A 1 2   MSE 2   1   ?   ?   ?   A . n 
A 1 3   THR 3   2   ?   ?   ?   A . n 
A 1 4   LYS 4   3   ?   ?   ?   A . n 
A 1 5   ALA 5   4   ?   ?   ?   A . n 
A 1 6   ARG 6   5   ?   ?   ?   A . n 
A 1 7   GLU 7   6   ?   ?   ?   A . n 
A 1 8   PHE 8   7   ?   ?   ?   A . n 
A 1 9   LEU 9   8   ?   ?   ?   A . n 
A 1 10  GLY 10  9   ?   ?   ?   A . n 
A 1 11  THR 11  10  ?   ?   ?   A . n 
A 1 12  GLY 12  11  ?   ?   ?   A . n 
A 1 13  TRP 13  12  ?   ?   ?   A . n 
A 1 14  LYS 14  13  ?   ?   ?   A . n 
A 1 15  PHE 15  14  ?   ?   ?   A . n 
A 1 16  PRO 16  15  ?   ?   ?   A . n 
A 1 17  VAL 17  16  ?   ?   ?   A . n 
A 1 18  ALA 18  17  ?   ?   ?   A . n 
A 1 19  ALA 19  18  ?   ?   ?   A . n 
A 1 20  GLY 20  19  ?   ?   ?   A . n 
A 1 21  ALA 21  20  ?   ?   ?   A . n 
A 1 22  ASP 22  21  ?   ?   ?   A . n 
A 1 23  GLY 23  22  ?   ?   ?   A . n 
A 1 24  ALA 24  23  23  ALA ALA A . n 
A 1 25  MSE 25  24  24  MSE MSE A . n 
A 1 26  VAL 26  25  25  VAL VAL A . n 
A 1 27  LEU 27  26  26  LEU LEU A . n 
A 1 28  SER 28  27  27  SER SER A . n 
A 1 29  SER 29  28  28  SER SER A . n 
A 1 30  ALA 30  29  29  ALA ALA A . n 
A 1 31  GLU 31  30  30  GLU GLU A . n 
A 1 32  GLU 32  31  31  GLU GLU A . n 
A 1 33  ASP 33  32  32  ASP ASP A . n 
A 1 34  ILE 34  33  33  ILE ILE A . n 
A 1 35  ALA 35  34  34  ALA ALA A . n 
A 1 36  GLU 36  35  35  GLU GLU A . n 
A 1 37  SER 37  36  36  SER SER A . n 
A 1 38  ILE 38  37  37  ILE ILE A . n 
A 1 39  ARG 39  38  38  ARG ARG A . n 
A 1 40  ILE 40  39  39  ILE ILE A . n 
A 1 41  ILE 41  40  40  ILE ILE A . n 
A 1 42  LEU 42  41  41  LEU LEU A . n 
A 1 43  GLY 43  42  42  GLY GLY A . n 
A 1 44  THR 44  43  43  THR THR A . n 
A 1 45  ALA 45  44  44  ALA ALA A . n 
A 1 46  ARG 46  45  45  ARG ARG A . n 
A 1 47  GLY 47  46  46  GLY GLY A . n 
A 1 48  GLU 48  47  47  GLU GLU A . n 
A 1 49  ARG 49  48  48  ARG ARG A . n 
A 1 50  VAL 50  49  49  VAL VAL A . n 
A 1 51  MSE 51  50  50  MSE MSE A . n 
A 1 52  ARG 52  51  51  ARG ARG A . n 
A 1 53  PRO 53  52  52  PRO PRO A . n 
A 1 54  ASP 54  53  53  ASP ASP A . n 
A 1 55  PHE 55  54  54  PHE PHE A . n 
A 1 56  GLY 56  55  55  GLY GLY A . n 
A 1 57  CYS 57  56  56  CYS CYS A . n 
A 1 58  GLY 58  57  57  GLY GLY A . n 
A 1 59  ILE 59  58  58  ILE ILE A . n 
A 1 60  HIS 60  59  59  HIS HIS A . n 
A 1 61  ASP 61  60  60  ASP ASP A . n 
A 1 62  ARG 62  61  61  ARG ARG A . n 
A 1 63  VAL 63  62  62  VAL VAL A . n 
A 1 64  PHE 64  63  63  PHE PHE A . n 
A 1 65  SER 65  64  64  SER SER A . n 
A 1 66  VAL 66  65  65  VAL VAL A . n 
A 1 67  ILE 67  66  66  ILE ILE A . n 
A 1 68  ASN 68  67  67  ASN ASN A . n 
A 1 69  THR 69  68  68  THR THR A . n 
A 1 70  THR 70  69  69  THR THR A . n 
A 1 71  THR 71  70  70  THR THR A . n 
A 1 72  LEU 72  71  71  LEU LEU A . n 
A 1 73  GLY 73  72  72  GLY GLY A . n 
A 1 74  LEU 74  73  73  LEU LEU A . n 
A 1 75  ILE 75  74  74  ILE ILE A . n 
A 1 76  GLU 76  75  75  GLU GLU A . n 
A 1 77  ASN 77  76  76  ASN ASN A . n 
A 1 78  GLU 78  77  77  GLU GLU A . n 
A 1 79  VAL 79  78  78  VAL VAL A . n 
A 1 80  LYS 80  79  79  LYS LYS A . n 
A 1 81  GLU 81  80  80  GLU GLU A . n 
A 1 82  ALA 82  81  81  ALA ALA A . n 
A 1 83  LEU 83  82  82  LEU LEU A . n 
A 1 84  ILE 84  83  83  ILE ILE A . n 
A 1 85  LEU 85  84  84  LEU LEU A . n 
A 1 86  TRP 86  85  85  TRP TRP A . n 
A 1 87  GLU 87  86  86  GLU GLU A . n 
A 1 88  PRO 88  87  87  PRO PRO A . n 
A 1 89  ARG 89  88  88  ARG ARG A . n 
A 1 90  ILE 90  89  89  ILE ILE A . n 
A 1 91  GLU 91  90  90  GLU GLU A . n 
A 1 92  LEU 92  91  91  LEU LEU A . n 
A 1 93  LEU 93  92  92  LEU LEU A . n 
A 1 94  SER 94  93  93  SER SER A . n 
A 1 95  VAL 95  94  94  VAL VAL A . n 
A 1 96  THR 96  95  95  THR THR A . n 
A 1 97  ALA 97  96  96  ALA ALA A . n 
A 1 98  SER 98  97  97  SER SER A . n 
A 1 99  PRO 99  98  98  PRO PRO A . n 
A 1 100 ARG 100 99  99  ARG ARG A . n 
A 1 101 GLU 101 100 100 GLU GLU A . n 
A 1 102 ALA 102 101 101 ALA ALA A . n 
A 1 103 ALA 103 102 102 ALA ALA A . n 
A 1 104 GLU 104 103 103 GLU GLU A . n 
A 1 105 GLY 105 104 104 GLY GLY A . n 
A 1 106 ARG 106 105 105 ARG ARG A . n 
A 1 107 LEU 107 106 106 LEU LEU A . n 
A 1 108 LEU 108 107 107 LEU LEU A . n 
A 1 109 ILE 109 108 108 ILE ILE A . n 
A 1 110 ASP 110 109 109 ASP ASP A . n 
A 1 111 ILE 111 110 110 ILE ILE A . n 
A 1 112 GLU 112 111 111 GLU GLU A . n 
A 1 113 TYR 113 112 112 TYR TYR A . n 
A 1 114 ARG 114 113 113 ARG ARG A . n 
A 1 115 VAL 115 114 114 VAL VAL A . n 
A 1 116 ARG 116 115 115 ARG ARG A . n 
A 1 117 SER 117 116 116 SER SER A . n 
A 1 118 THR 118 117 117 THR THR A . n 
A 1 119 ASN 119 118 118 ASN ASN A . n 
A 1 120 THR 120 119 119 THR THR A . n 
A 1 121 ARG 121 120 120 ARG ARG A . n 
A 1 122 PHE 122 121 121 PHE PHE A . n 
A 1 123 ASN 123 122 122 ASN ASN A . n 
A 1 124 LEU 124 123 123 LEU LEU A . n 
A 1 125 VAL 125 124 124 VAL VAL A . n 
A 1 126 TYR 126 125 125 TYR TYR A . n 
A 1 127 PRO 127 126 126 PRO PRO A . n 
A 1 128 PHE 128 127 127 PHE PHE A . n 
A 1 129 TYR 129 128 128 TYR TYR A . n 
A 1 130 LEU 130 129 129 LEU LEU A . n 
A 1 131 LYS 131 130 130 LYS LYS A . n 
A 1 132 GLU 132 131 131 GLU GLU A . n 
A 1 133 SER 133 132 132 SER SER A . n 
A 1 134 ALA 134 133 133 ALA ALA A . n 
# 
loop_
_pdbx_nonpoly_scheme.asym_id 
_pdbx_nonpoly_scheme.entity_id 
_pdbx_nonpoly_scheme.mon_id 
_pdbx_nonpoly_scheme.ndb_seq_num 
_pdbx_nonpoly_scheme.pdb_seq_num 
_pdbx_nonpoly_scheme.auth_seq_num 
_pdbx_nonpoly_scheme.pdb_mon_id 
_pdbx_nonpoly_scheme.auth_mon_id 
_pdbx_nonpoly_scheme.pdb_strand_id 
_pdbx_nonpoly_scheme.pdb_ins_code 
B 2 NO3 1   134 2   NO3 NO3 A . 
C 3 EDO 1   135 1   EDO EDO A . 
D 4 HOH 1   136 3   HOH HOH A . 
D 4 HOH 2   137 4   HOH HOH A . 
D 4 HOH 3   138 5   HOH HOH A . 
D 4 HOH 4   139 6   HOH HOH A . 
D 4 HOH 5   140 7   HOH HOH A . 
D 4 HOH 6   141 8   HOH HOH A . 
D 4 HOH 7   142 9   HOH HOH A . 
D 4 HOH 8   143 10  HOH HOH A . 
D 4 HOH 9   144 11  HOH HOH A . 
D 4 HOH 10  145 12  HOH HOH A . 
D 4 HOH 11  146 13  HOH HOH A . 
D 4 HOH 12  147 14  HOH HOH A . 
D 4 HOH 13  148 15  HOH HOH A . 
D 4 HOH 14  149 16  HOH HOH A . 
D 4 HOH 15  150 17  HOH HOH A . 
D 4 HOH 16  151 18  HOH HOH A . 
D 4 HOH 17  152 19  HOH HOH A . 
D 4 HOH 18  153 20  HOH HOH A . 
D 4 HOH 19  154 21  HOH HOH A . 
D 4 HOH 20  155 22  HOH HOH A . 
D 4 HOH 21  156 23  HOH HOH A . 
D 4 HOH 22  157 24  HOH HOH A . 
D 4 HOH 23  158 25  HOH HOH A . 
D 4 HOH 24  159 26  HOH HOH A . 
D 4 HOH 25  160 27  HOH HOH A . 
D 4 HOH 26  161 28  HOH HOH A . 
D 4 HOH 27  162 29  HOH HOH A . 
D 4 HOH 28  163 30  HOH HOH A . 
D 4 HOH 29  164 31  HOH HOH A . 
D 4 HOH 30  165 32  HOH HOH A . 
D 4 HOH 31  166 33  HOH HOH A . 
D 4 HOH 32  167 34  HOH HOH A . 
D 4 HOH 33  168 35  HOH HOH A . 
D 4 HOH 34  169 36  HOH HOH A . 
D 4 HOH 35  170 37  HOH HOH A . 
D 4 HOH 36  171 38  HOH HOH A . 
D 4 HOH 37  172 39  HOH HOH A . 
D 4 HOH 38  173 40  HOH HOH A . 
D 4 HOH 39  174 41  HOH HOH A . 
D 4 HOH 40  175 42  HOH HOH A . 
D 4 HOH 41  176 43  HOH HOH A . 
D 4 HOH 42  177 44  HOH HOH A . 
D 4 HOH 43  178 45  HOH HOH A . 
D 4 HOH 44  179 46  HOH HOH A . 
D 4 HOH 45  180 47  HOH HOH A . 
D 4 HOH 46  181 48  HOH HOH A . 
D 4 HOH 47  182 49  HOH HOH A . 
D 4 HOH 48  183 50  HOH HOH A . 
D 4 HOH 49  184 51  HOH HOH A . 
D 4 HOH 50  185 52  HOH HOH A . 
D 4 HOH 51  186 53  HOH HOH A . 
D 4 HOH 52  187 54  HOH HOH A . 
D 4 HOH 53  188 55  HOH HOH A . 
D 4 HOH 54  189 56  HOH HOH A . 
D 4 HOH 55  190 57  HOH HOH A . 
D 4 HOH 56  191 58  HOH HOH A . 
D 4 HOH 57  192 59  HOH HOH A . 
D 4 HOH 58  193 60  HOH HOH A . 
D 4 HOH 59  194 61  HOH HOH A . 
D 4 HOH 60  195 62  HOH HOH A . 
D 4 HOH 61  196 63  HOH HOH A . 
D 4 HOH 62  197 64  HOH HOH A . 
D 4 HOH 63  198 65  HOH HOH A . 
D 4 HOH 64  199 66  HOH HOH A . 
D 4 HOH 65  200 67  HOH HOH A . 
D 4 HOH 66  201 68  HOH HOH A . 
D 4 HOH 67  202 69  HOH HOH A . 
D 4 HOH 68  203 70  HOH HOH A . 
D 4 HOH 69  204 71  HOH HOH A . 
D 4 HOH 70  205 72  HOH HOH A . 
D 4 HOH 71  206 73  HOH HOH A . 
D 4 HOH 72  207 74  HOH HOH A . 
D 4 HOH 73  208 75  HOH HOH A . 
D 4 HOH 74  209 76  HOH HOH A . 
D 4 HOH 75  210 77  HOH HOH A . 
D 4 HOH 76  211 78  HOH HOH A . 
D 4 HOH 77  212 79  HOH HOH A . 
D 4 HOH 78  213 80  HOH HOH A . 
D 4 HOH 79  214 81  HOH HOH A . 
D 4 HOH 80  215 82  HOH HOH A . 
D 4 HOH 81  216 83  HOH HOH A . 
D 4 HOH 82  217 84  HOH HOH A . 
D 4 HOH 83  218 85  HOH HOH A . 
D 4 HOH 84  219 86  HOH HOH A . 
D 4 HOH 85  220 87  HOH HOH A . 
D 4 HOH 86  221 88  HOH HOH A . 
D 4 HOH 87  222 89  HOH HOH A . 
D 4 HOH 88  223 90  HOH HOH A . 
D 4 HOH 89  224 91  HOH HOH A . 
D 4 HOH 90  225 92  HOH HOH A . 
D 4 HOH 91  226 93  HOH HOH A . 
D 4 HOH 92  227 94  HOH HOH A . 
D 4 HOH 93  228 95  HOH HOH A . 
D 4 HOH 94  229 96  HOH HOH A . 
D 4 HOH 95  230 97  HOH HOH A . 
D 4 HOH 96  231 98  HOH HOH A . 
D 4 HOH 97  232 99  HOH HOH A . 
D 4 HOH 98  233 100 HOH HOH A . 
D 4 HOH 99  234 101 HOH HOH A . 
D 4 HOH 100 235 102 HOH HOH A . 
D 4 HOH 101 236 103 HOH HOH A . 
D 4 HOH 102 237 104 HOH HOH A . 
D 4 HOH 103 238 105 HOH HOH A . 
D 4 HOH 104 239 106 HOH HOH A . 
D 4 HOH 105 240 107 HOH HOH A . 
D 4 HOH 106 241 108 HOH HOH A . 
D 4 HOH 107 242 109 HOH HOH A . 
D 4 HOH 108 243 110 HOH HOH A . 
D 4 HOH 109 244 111 HOH HOH A . 
D 4 HOH 110 245 112 HOH HOH A . 
D 4 HOH 111 246 113 HOH HOH A . 
D 4 HOH 112 247 114 HOH HOH A . 
D 4 HOH 113 248 115 HOH HOH A . 
D 4 HOH 114 249 116 HOH HOH A . 
D 4 HOH 115 250 117 HOH HOH A . 
D 4 HOH 116 251 118 HOH HOH A . 
D 4 HOH 117 252 119 HOH HOH A . 
D 4 HOH 118 253 120 HOH HOH A . 
D 4 HOH 119 254 121 HOH HOH A . 
D 4 HOH 120 255 122 HOH HOH A . 
# 
loop_
_pdbx_unobs_or_zero_occ_atoms.id 
_pdbx_unobs_or_zero_occ_atoms.PDB_model_num 
_pdbx_unobs_or_zero_occ_atoms.polymer_flag 
_pdbx_unobs_or_zero_occ_atoms.occupancy_flag 
_pdbx_unobs_or_zero_occ_atoms.auth_asym_id 
_pdbx_unobs_or_zero_occ_atoms.auth_comp_id 
_pdbx_unobs_or_zero_occ_atoms.auth_seq_id 
_pdbx_unobs_or_zero_occ_atoms.PDB_ins_code 
_pdbx_unobs_or_zero_occ_atoms.auth_atom_id 
_pdbx_unobs_or_zero_occ_atoms.label_alt_id 
_pdbx_unobs_or_zero_occ_atoms.label_asym_id 
_pdbx_unobs_or_zero_occ_atoms.label_comp_id 
_pdbx_unobs_or_zero_occ_atoms.label_seq_id 
_pdbx_unobs_or_zero_occ_atoms.label_atom_id 
1  1 Y 1 A ARG 51  ? CD  ? A ARG 52  CD  
2  1 Y 1 A ARG 51  ? NE  ? A ARG 52  NE  
3  1 Y 1 A ARG 51  ? CZ  ? A ARG 52  CZ  
4  1 Y 1 A ARG 51  ? NH1 ? A ARG 52  NH1 
5  1 Y 1 A ARG 51  ? NH2 ? A ARG 52  NH2 
6  1 Y 1 A GLU 103 ? OE1 ? A GLU 104 OE1 
7  1 Y 1 A GLU 103 ? OE2 ? A GLU 104 OE2 
8  1 Y 1 A GLU 131 ? CD  ? A GLU 132 CD  
9  1 Y 1 A GLU 131 ? OE1 ? A GLU 132 OE1 
10 1 Y 1 A GLU 131 ? OE2 ? A GLU 132 OE2 
11 1 Y 1 A SER 132 ? OG  ? A SER 133 OG  
# 
loop_
_software.name 
_software.version 
_software.date 
_software.type 
_software.contact_author 
_software.contact_author_email 
_software.classification 
_software.location 
_software.language 
_software.citation_id 
_software.pdbx_ordinal 
MolProbity  3beta29  ?                package 'D.C. & J.S. Richardson lab' molprobity@kinemage.biochem.duke.edu 'model building'  
http://kinemage.biochem.duke.edu/molprobity/                       ?          ? 1 
SHELX       .        ?                package 'George Sheldrick'           gsheldr@shelx.uni-ac.gwdg.de         phasing           
http://shelx.uni-ac.gwdg.de/SHELX/                                 Fortran_77 ? 2 
REFMAC      5.2.0019 ?                program 'Murshudov, G.N.'            ccp4@dl.ac.uk                        refinement        
http://www.ccp4.ac.uk/main.html                                    Fortran_77 ? 3 
XSCALE      .        ?                package 'Wolfgang Kabsch'            ?                                    'data scaling'    
http://www.mpimf-heidelberg.mpg.de/~kabsch/xds/xscale_program.html ?          ? 4 
PDB_EXTRACT 2.000    'April. 3, 2006' package PDB                          sw-help@rcsb.rutgers.edu             'data extraction' 
http://pdb.rutgers.edu/software/                                   C++        ? 5 
XDS         .        ?                ?       ?                            ?                                    'data reduction'  
?                                                                  ?          ? 6 
SHELXD      .        ?                ?       ?                            ?                                    phasing           
?                                                                  ?          ? 7 
SOLVE       .        ?                ?       ?                            ?                                    phasing           
?                                                                  ?          ? 8 
# 
_cell.entry_id           2IA7 
_cell.length_a           40.270 
_cell.length_b           43.332 
_cell.length_c           64.636 
_cell.angle_alpha        90.000 
_cell.angle_beta         90.000 
_cell.angle_gamma        90.000 
_cell.pdbx_unique_axis   ? 
_cell.Z_PDB              4 
_cell.length_a_esd       ? 
_cell.length_b_esd       ? 
_cell.length_c_esd       ? 
_cell.angle_alpha_esd    ? 
_cell.angle_beta_esd     ? 
_cell.angle_gamma_esd    ? 
# 
_symmetry.entry_id                         2IA7 
_symmetry.Int_Tables_number                19 
_symmetry.space_group_name_H-M             'P 21 21 21' 
_symmetry.pdbx_full_space_group_name_H-M   ? 
_symmetry.cell_setting                     ? 
_symmetry.space_group_name_Hall            ? 
# 
_exptl.crystals_number   1 
_exptl.method            'X-RAY DIFFRACTION' 
_exptl.entry_id          2IA7 
# 
_exptl_crystal.id                    1 
_exptl_crystal.density_percent_sol   37.10 
_exptl_crystal.density_Matthews      1.97 
_exptl_crystal.description           ? 
_exptl_crystal.density_meas          ? 
_exptl_crystal.F_000                 ? 
_exptl_crystal.preparation           ? 
# 
_exptl_crystal_grow.crystal_id      1 
_exptl_crystal_grow.method          'VAPOR DIFFUSION,SITTING DROP, NANODROP' 
_exptl_crystal_grow.pH              7.1 
_exptl_crystal_grow.temp            277 
_exptl_crystal_grow.pdbx_details    '0.2M LiNO3, 20.0% PEG 3350, pH 7.1, VAPOR DIFFUSION,SITTING DROP, NANODROP, temperature 277K' 
_exptl_crystal_grow.temp_details    ? 
_exptl_crystal_grow.pdbx_pH_range   . 
# 
_diffrn.id                     1 
_diffrn.ambient_temp           100 
_diffrn.ambient_temp_details   ? 
_diffrn.crystal_id             1 
# 
_diffrn_detector.diffrn_id              1 
_diffrn_detector.detector               CCD 
_diffrn_detector.type                   'MARMOSAIC 300 mm CCD' 
_diffrn_detector.details                'Adjustable focusing mirrors in K-B geometry' 
_diffrn_detector.pdbx_collection_date   2006-08-11 
# 
_diffrn_radiation.diffrn_id                        1 
_diffrn_radiation.pdbx_monochromatic_or_laue_m_l   M 
_diffrn_radiation.monochromator                    'Si(111) Double Crystal Monochromator' 
_diffrn_radiation.pdbx_diffrn_protocol             MAD 
_diffrn_radiation.wavelength_id                    1 
_diffrn_radiation.pdbx_scattering_type             x-ray 
# 
loop_
_diffrn_radiation_wavelength.id 
_diffrn_radiation_wavelength.wavelength 
_diffrn_radiation_wavelength.wt 
1 0.94926 1.0 
2 0.97925 1.0 
3 0.97939 1.0 
# 
_diffrn_source.diffrn_id                   1 
_diffrn_source.source                      SYNCHROTRON 
_diffrn_source.pdbx_synchrotron_beamline   23-ID-D 
_diffrn_source.type                        'APS BEAMLINE 23-ID-D' 
_diffrn_source.pdbx_wavelength_list        0.94926,0.97925,0.97939 
_diffrn_source.pdbx_wavelength             ? 
_diffrn_source.pdbx_synchrotron_site       APS 
# 
_reflns.entry_id                     2IA7 
_reflns.d_resolution_high            1.440 
_reflns.d_resolution_low             43.315 
_reflns.number_obs                   19105 
_reflns.pdbx_Rmerge_I_obs            0.049 
_reflns.pdbx_netI_over_sigmaI        13.380 
_reflns.percent_possible_obs         90.4 
_reflns.B_iso_Wilson_estimate        23.067 
_reflns.observed_criterion_sigma_F   ? 
_reflns.observed_criterion_sigma_I   ? 
_reflns.number_all                   ? 
_reflns.pdbx_Rsym_value              ? 
_reflns.pdbx_redundancy              3.92 
_reflns.R_free_details               ? 
_reflns.limit_h_max                  ? 
_reflns.limit_h_min                  ? 
_reflns.limit_k_max                  ? 
_reflns.limit_k_min                  ? 
_reflns.limit_l_max                  ? 
_reflns.limit_l_min                  ? 
_reflns.observed_criterion_F_max     ? 
_reflns.observed_criterion_F_min     ? 
_reflns.pdbx_chi_squared             ? 
_reflns.pdbx_scaling_rejects         ? 
_reflns.pdbx_ordinal                 1 
_reflns.pdbx_diffrn_id               1 
# 
loop_
_reflns_shell.d_res_high 
_reflns_shell.d_res_low 
_reflns_shell.number_measured_obs 
_reflns_shell.number_measured_all 
_reflns_shell.number_unique_obs 
_reflns_shell.Rmerge_I_obs 
_reflns_shell.meanI_over_sigI_obs 
_reflns_shell.pdbx_Rsym_value 
_reflns_shell.pdbx_chi_squared 
_reflns_shell.pdbx_redundancy 
_reflns_shell.percent_possible_obs 
_reflns_shell.number_unique_all 
_reflns_shell.percent_possible_all 
_reflns_shell.pdbx_ordinal 
_reflns_shell.pdbx_diffrn_id 
1.44 1.49 1882 ? ? 0.439 1.8  ? ? 1.92 ? 982  48.90 1  1 
1.49 1.55 3145 ? ? 0.375 2.3  ? ? 2.12 ? 1482 70.60 2  1 
1.55 1.62 4370 ? ? 0.307 3.0  ? ? 2.42 ? 1804 87.70 3  1 
1.62 1.71 6843 ? ? 0.245 4.6  ? ? 3.25 ? 2106 97.00 4  1 
1.71 1.81 6954 ? ? 0.18  6.7  ? ? 3.54 ? 1963 99.80 5  1 
1.81 1.95 7579 ? ? 0.105 10.6 ? ? 3.57 ? 2124 100.0 6  1 
1.95 2.15 7646 ? ? 0.066 15.5 ? ? 3.58 ? 2135 99.70 7  1 
2.15 2.46 7552 ? ? 0.048 20.2 ? ? 3.55 ? 2127 100.0 8  1 
2.46 3.10 7580 ? ? 0.043 24.6 ? ? 3.51 ? 2158 99.50 9  1 
3.10 43.3 7444 ? ? 0.035 28.7 ? ? 2.35 ? 2223 97.80 10 1 
# 
_refine.entry_id                                 2IA7 
_refine.ls_d_res_high                            1.440 
_refine.ls_d_res_low                             43.315 
_refine.pdbx_ls_sigma_F                          0.00 
_refine.ls_percent_reflns_obs                    90.950 
_refine.ls_number_reflns_obs                     19064 
_refine.pdbx_ls_cross_valid_method               THROUGHOUT 
_refine.pdbx_R_Free_selection_details            RANDOM 
_refine.details                                  
;1. HYDROGENS HAVE BEEN ADDED IN THE RIDING POSITIONS.
 2. A MET-INHIBITION PROTOCOL WAS USED FOR SELENOMETHIONINE
 INCORPORATION DURING PROTEIN EXPRESSION. THE OCCUPANCY
 OF THE SE ATOMS IN THE MSE RESIDUES WAS REDUCED TO 0.7 FOR
 THE REDUCED SCATTERING POWER DUE TO PARTIAL S-MET INCORPORATION.
 3. ATOM RECORDS CONTAIN RESIDUAL   FACTORS ONLY.
 4. THE N-TERMINAL 0-22 IS DISODERED.
;
_refine.ls_R_factor_obs                          0.169 
_refine.ls_R_factor_R_work                       0.168 
_refine.ls_R_factor_R_free                       0.203 
_refine.ls_percent_reflns_R_free                 5.100 
_refine.ls_number_reflns_R_free                  978 
_refine.B_iso_mean                               17.112 
_refine.aniso_B[1][1]                            1.520 
_refine.aniso_B[2][2]                            -0.800 
_refine.aniso_B[3][3]                            -0.720 
_refine.aniso_B[1][2]                            0.000 
_refine.aniso_B[1][3]                            0.000 
_refine.aniso_B[2][3]                            0.000 
_refine.correlation_coeff_Fo_to_Fc               0.971 
_refine.correlation_coeff_Fo_to_Fc_free          0.961 
_refine.pdbx_overall_ESU_R                       0.069 
_refine.pdbx_overall_ESU_R_Free                  0.073 
_refine.overall_SU_ML                            0.051 
_refine.overall_SU_B                             2.740 
_refine.solvent_model_details                    'BABINET MODEL WITH MASK' 
_refine.pdbx_solvent_vdw_probe_radii             1.200 
_refine.pdbx_solvent_ion_probe_radii             0.800 
_refine.pdbx_solvent_shrinkage_radii             0.800 
_refine.pdbx_method_to_determine_struct          MAD 
_refine.pdbx_stereochemistry_target_values       'MAXIMUM LIKELIHOOD WITH PHASES' 
_refine.pdbx_ls_sigma_I                          ? 
_refine.ls_number_reflns_all                     ? 
_refine.ls_redundancy_reflns_obs                 ? 
_refine.pdbx_data_cutoff_high_absF               ? 
_refine.pdbx_data_cutoff_low_absF                ? 
_refine.ls_number_parameters                     ? 
_refine.ls_number_restraints                     ? 
_refine.ls_R_factor_R_free_error                 ? 
_refine.ls_R_factor_R_free_error_details         ? 
_refine.pdbx_starting_model                      ? 
_refine.pdbx_stereochem_target_val_spec_case     ? 
_refine.solvent_model_param_bsol                 ? 
_refine.solvent_model_param_ksol                 ? 
_refine.occupancy_max                            ? 
_refine.occupancy_min                            ? 
_refine.pdbx_isotropic_thermal_model             ? 
_refine.B_iso_min                                ? 
_refine.B_iso_max                                ? 
_refine.overall_SU_R_Cruickshank_DPI             ? 
_refine.overall_SU_R_free                        ? 
_refine.pdbx_data_cutoff_high_rms_absF           ? 
_refine.ls_wR_factor_R_free                      ? 
_refine.ls_wR_factor_R_work                      ? 
_refine.overall_FOM_free_R_set                   ? 
_refine.overall_FOM_work_R_set                   ? 
_refine.ls_R_factor_all                          ? 
_refine.pdbx_refine_id                           'X-RAY DIFFRACTION' 
_refine.pdbx_TLS_residual_ADP_flag               'LIKELY RESIDUAL' 
_refine.pdbx_diffrn_id                           1 
_refine.pdbx_overall_phase_error                 ? 
_refine.pdbx_overall_SU_R_free_Cruickshank_DPI   ? 
_refine.pdbx_overall_SU_R_Blow_DPI               ? 
_refine.pdbx_overall_SU_R_free_Blow_DPI          ? 
# 
_refine_hist.pdbx_refine_id                   'X-RAY DIFFRACTION' 
_refine_hist.cycle_id                         LAST 
_refine_hist.pdbx_number_atoms_protein        870 
_refine_hist.pdbx_number_atoms_nucleic_acid   0 
_refine_hist.pdbx_number_atoms_ligand         8 
_refine_hist.number_atoms_solvent             120 
_refine_hist.number_atoms_total               998 
_refine_hist.d_res_high                       1.440 
_refine_hist.d_res_low                        43.315 
# 
loop_
_refine_ls_restr.type 
_refine_ls_restr.number 
_refine_ls_restr.dev_ideal 
_refine_ls_restr.dev_ideal_target 
_refine_ls_restr.weight 
_refine_ls_restr.pdbx_refine_id 
_refine_ls_restr.pdbx_restraint_function 
r_bond_refined_d         919  0.015  0.022  ? 'X-RAY DIFFRACTION' ? 
r_bond_other_d           629  0.002  0.020  ? 'X-RAY DIFFRACTION' ? 
r_angle_refined_deg      1254 1.544  1.985  ? 'X-RAY DIFFRACTION' ? 
r_angle_other_deg        1535 0.956  3.000  ? 'X-RAY DIFFRACTION' ? 
r_dihedral_angle_1_deg   122  5.578  5.000  ? 'X-RAY DIFFRACTION' ? 
r_dihedral_angle_2_deg   39   35.218 22.564 ? 'X-RAY DIFFRACTION' ? 
r_dihedral_angle_3_deg   163  11.943 15.000 ? 'X-RAY DIFFRACTION' ? 
r_dihedral_angle_4_deg   10   15.474 15.000 ? 'X-RAY DIFFRACTION' ? 
r_chiral_restr           152  0.088  0.200  ? 'X-RAY DIFFRACTION' ? 
r_gen_planes_refined     1022 0.007  0.020  ? 'X-RAY DIFFRACTION' ? 
r_gen_planes_other       191  0.001  0.020  ? 'X-RAY DIFFRACTION' ? 
r_nbd_refined            151  0.202  0.200  ? 'X-RAY DIFFRACTION' ? 
r_nbd_other              685  0.207  0.200  ? 'X-RAY DIFFRACTION' ? 
r_nbtor_refined          445  0.177  0.200  ? 'X-RAY DIFFRACTION' ? 
r_nbtor_other            535  0.086  0.200  ? 'X-RAY DIFFRACTION' ? 
r_xyhbond_nbd_refined    88   0.144  0.200  ? 'X-RAY DIFFRACTION' ? 
r_symmetry_vdw_refined   12   0.124  0.200  ? 'X-RAY DIFFRACTION' ? 
r_symmetry_vdw_other     39   0.323  0.200  ? 'X-RAY DIFFRACTION' ? 
r_symmetry_hbond_refined 19   0.172  0.200  ? 'X-RAY DIFFRACTION' ? 
r_mcbond_it              615  2.246  3.000  ? 'X-RAY DIFFRACTION' ? 
r_mcbond_other           229  0.439  3.000  ? 'X-RAY DIFFRACTION' ? 
r_mcangle_it             936  2.820  5.000  ? 'X-RAY DIFFRACTION' ? 
r_scbond_it              367  4.144  8.000  ? 'X-RAY DIFFRACTION' ? 
r_scangle_it             312  5.613  11.000 ? 'X-RAY DIFFRACTION' ? 
# 
_refine_ls_shell.d_res_high                       1.44 
_refine_ls_shell.d_res_low                        1.480 
_refine_ls_shell.pdbx_total_number_of_bins_used   20 
_refine_ls_shell.percent_reflns_obs               50.730 
_refine_ls_shell.number_reflns_R_work             725 
_refine_ls_shell.R_factor_all                     ? 
_refine_ls_shell.R_factor_R_work                  0.291 
_refine_ls_shell.R_factor_R_free                  0.327 
_refine_ls_shell.percent_reflns_R_free            ? 
_refine_ls_shell.number_reflns_R_free             42 
_refine_ls_shell.R_factor_R_free_error            ? 
_refine_ls_shell.number_reflns_all                ? 
_refine_ls_shell.number_reflns_obs                767 
_refine_ls_shell.redundancy_reflns_obs            ? 
_refine_ls_shell.pdbx_refine_id                   'X-RAY DIFFRACTION' 
# 
_struct.entry_id                  2IA7 
_struct.title                     
'Crystal structure of putative tail lysozyme (NP_952040.1) from GEOBACTER SULFURREDUCENS at 1.44 A resolution' 
_struct.pdbx_model_details        ? 
_struct.pdbx_CASP_flag            ? 
_struct.pdbx_model_type_details   ? 
# 
_struct_keywords.text            
;NP_952040.1, putative tail lysozyme, Structural Genomics, Joint Center for Structural Genomics, JCSG, Protein Structure Initiative, PSI, Unknown function
;
_struct_keywords.pdbx_keywords   'UNKNOWN FUNCTION' 
_struct_keywords.entry_id        2IA7 
# 
loop_
_struct_asym.id 
_struct_asym.pdbx_blank_PDB_chainid_flag 
_struct_asym.pdbx_modified 
_struct_asym.entity_id 
_struct_asym.details 
A N N 1 ? 
B N N 2 ? 
C N N 3 ? 
D N N 4 ? 
# 
_struct_ref.id                         1 
_struct_ref.db_name                    UNP 
_struct_ref.db_code                    Q74EH6_GEOSL 
_struct_ref.pdbx_db_accession          Q74EH6 
_struct_ref.entity_id                  1 
_struct_ref.pdbx_seq_one_letter_code   
;MTKAREFLGTGWKFPVAAGADGAMVLSSAEEDIAESIRIILGTARGERVMRPDFGCGIHDRVFSVINTTTLGLIENEVKE
ALILWEPRIELLSVTASPREAAEGRLLIDIEYRVRSTNTRFNLVYPFYLKESA
;
_struct_ref.pdbx_align_begin           1 
_struct_ref.pdbx_db_isoform            ? 
# 
_struct_ref_seq.align_id                      1 
_struct_ref_seq.ref_id                        1 
_struct_ref_seq.pdbx_PDB_id_code              2IA7 
_struct_ref_seq.pdbx_strand_id                A 
_struct_ref_seq.seq_align_beg                 2 
_struct_ref_seq.pdbx_seq_align_beg_ins_code   ? 
_struct_ref_seq.seq_align_end                 134 
_struct_ref_seq.pdbx_seq_align_end_ins_code   ? 
_struct_ref_seq.pdbx_db_accession             Q74EH6 
_struct_ref_seq.db_align_beg                  1 
_struct_ref_seq.pdbx_db_align_beg_ins_code    ? 
_struct_ref_seq.db_align_end                  133 
_struct_ref_seq.pdbx_db_align_end_ins_code    ? 
_struct_ref_seq.pdbx_auth_seq_align_beg       1 
_struct_ref_seq.pdbx_auth_seq_align_end       133 
# 
loop_
_struct_ref_seq_dif.align_id 
_struct_ref_seq_dif.pdbx_pdb_id_code 
_struct_ref_seq_dif.mon_id 
_struct_ref_seq_dif.pdbx_pdb_strand_id 
_struct_ref_seq_dif.seq_num 
_struct_ref_seq_dif.pdbx_pdb_ins_code 
_struct_ref_seq_dif.pdbx_seq_db_name 
_struct_ref_seq_dif.pdbx_seq_db_accession_code 
_struct_ref_seq_dif.db_mon_id 
_struct_ref_seq_dif.pdbx_seq_db_seq_num 
_struct_ref_seq_dif.details 
_struct_ref_seq_dif.pdbx_auth_seq_num 
_struct_ref_seq_dif.pdbx_ordinal 
1 2IA7 GLY A 1  ? UNP Q74EH6 ?   ?  'cloning artifact' 0  1 
1 2IA7 MSE A 2  ? UNP Q74EH6 MET 1  'modified residue' 1  2 
1 2IA7 MSE A 25 ? UNP Q74EH6 MET 24 'modified residue' 24 3 
1 2IA7 MSE A 51 ? UNP Q74EH6 MET 50 'modified residue' 50 4 
# 
_pdbx_struct_assembly.id                   1 
_pdbx_struct_assembly.details              author_defined_assembly 
_pdbx_struct_assembly.method_details       ? 
_pdbx_struct_assembly.oligomeric_details   monomeric 
_pdbx_struct_assembly.oligomeric_count     1 
# 
_pdbx_struct_assembly_gen.assembly_id       1 
_pdbx_struct_assembly_gen.oper_expression   1 
_pdbx_struct_assembly_gen.asym_id_list      A,B,C,D 
# 
_pdbx_struct_assembly_auth_evidence.id                     1 
_pdbx_struct_assembly_auth_evidence.assembly_id            1 
_pdbx_struct_assembly_auth_evidence.experimental_support   'gel filtration' 
_pdbx_struct_assembly_auth_evidence.details                ? 
# 
_pdbx_struct_oper_list.id                   1 
_pdbx_struct_oper_list.type                 'identity operation' 
_pdbx_struct_oper_list.name                 1_555 
_pdbx_struct_oper_list.symmetry_operation   x,y,z 
_pdbx_struct_oper_list.matrix[1][1]         1.0000000000 
_pdbx_struct_oper_list.matrix[1][2]         0.0000000000 
_pdbx_struct_oper_list.matrix[1][3]         0.0000000000 
_pdbx_struct_oper_list.vector[1]            0.0000000000 
_pdbx_struct_oper_list.matrix[2][1]         0.0000000000 
_pdbx_struct_oper_list.matrix[2][2]         1.0000000000 
_pdbx_struct_oper_list.matrix[2][3]         0.0000000000 
_pdbx_struct_oper_list.vector[2]            0.0000000000 
_pdbx_struct_oper_list.matrix[3][1]         0.0000000000 
_pdbx_struct_oper_list.matrix[3][2]         0.0000000000 
_pdbx_struct_oper_list.matrix[3][3]         1.0000000000 
_pdbx_struct_oper_list.vector[3]            0.0000000000 
# 
_struct_biol.id                    1 
_struct_biol.details               
;SIZE EXCLUSION CHROMATOGRAPHY SUPPORTS THE ASSIGNMENT
OF A MONOMER AS A BIOLOGICALLY SIGNIFICANT
OLIGOMERIZATION STATE.
;
_struct_biol.pdbx_parent_biol_id   ? 
# 
loop_
_struct_conf.conf_type_id 
_struct_conf.id 
_struct_conf.pdbx_PDB_helix_id 
_struct_conf.beg_label_comp_id 
_struct_conf.beg_label_asym_id 
_struct_conf.beg_label_seq_id 
_struct_conf.pdbx_beg_PDB_ins_code 
_struct_conf.end_label_comp_id 
_struct_conf.end_label_asym_id 
_struct_conf.end_label_seq_id 
_struct_conf.pdbx_end_PDB_ins_code 
_struct_conf.beg_auth_comp_id 
_struct_conf.beg_auth_asym_id 
_struct_conf.beg_auth_seq_id 
_struct_conf.end_auth_comp_id 
_struct_conf.end_auth_asym_id 
_struct_conf.end_auth_seq_id 
_struct_conf.pdbx_PDB_helix_class 
_struct_conf.details 
_struct_conf.pdbx_PDB_helix_length 
HELX_P HELX_P1 1 SER A 29  ? GLY A 43  ? SER A 28  GLY A 42  1 ? 15 
HELX_P HELX_P2 2 CYS A 57  ? ARG A 62  ? CYS A 56  ARG A 61  5 ? 6  
HELX_P HELX_P3 3 ASN A 68  ? GLU A 87  ? ASN A 67  GLU A 86  1 ? 20 
HELX_P HELX_P4 4 GLU A 101 ? GLU A 104 ? GLU A 100 GLU A 103 5 ? 4  
# 
_struct_conf_type.id          HELX_P 
_struct_conf_type.criteria    ? 
_struct_conf_type.reference   ? 
# 
loop_
_struct_conn.id 
_struct_conn.conn_type_id 
_struct_conn.pdbx_leaving_atom_flag 
_struct_conn.pdbx_PDB_id 
_struct_conn.ptnr1_label_asym_id 
_struct_conn.ptnr1_label_comp_id 
_struct_conn.ptnr1_label_seq_id 
_struct_conn.ptnr1_label_atom_id 
_struct_conn.pdbx_ptnr1_label_alt_id 
_struct_conn.pdbx_ptnr1_PDB_ins_code 
_struct_conn.pdbx_ptnr1_standard_comp_id 
_struct_conn.ptnr1_symmetry 
_struct_conn.ptnr2_label_asym_id 
_struct_conn.ptnr2_label_comp_id 
_struct_conn.ptnr2_label_seq_id 
_struct_conn.ptnr2_label_atom_id 
_struct_conn.pdbx_ptnr2_label_alt_id 
_struct_conn.pdbx_ptnr2_PDB_ins_code 
_struct_conn.ptnr1_auth_asym_id 
_struct_conn.ptnr1_auth_comp_id 
_struct_conn.ptnr1_auth_seq_id 
_struct_conn.ptnr2_auth_asym_id 
_struct_conn.ptnr2_auth_comp_id 
_struct_conn.ptnr2_auth_seq_id 
_struct_conn.ptnr2_symmetry 
_struct_conn.pdbx_ptnr3_label_atom_id 
_struct_conn.pdbx_ptnr3_label_seq_id 
_struct_conn.pdbx_ptnr3_label_comp_id 
_struct_conn.pdbx_ptnr3_label_asym_id 
_struct_conn.pdbx_ptnr3_label_alt_id 
_struct_conn.pdbx_ptnr3_PDB_ins_code 
_struct_conn.details 
_struct_conn.pdbx_dist_value 
_struct_conn.pdbx_value_order 
_struct_conn.pdbx_role 
covale1 covale both ? A ALA 24 C ? ? ? 1_555 A MSE 25 N ? ? A ALA 23 A MSE 24 1_555 ? ? ? ? ? ? ? 1.336 ? ? 
covale2 covale both ? A MSE 25 C ? ? ? 1_555 A VAL 26 N ? ? A MSE 24 A VAL 25 1_555 ? ? ? ? ? ? ? 1.313 ? ? 
covale3 covale both ? A VAL 50 C ? ? ? 1_555 A MSE 51 N ? ? A VAL 49 A MSE 50 1_555 ? ? ? ? ? ? ? 1.329 ? ? 
covale4 covale both ? A MSE 51 C ? ? ? 1_555 A ARG 52 N ? ? A MSE 50 A ARG 51 1_555 ? ? ? ? ? ? ? 1.337 ? ? 
# 
_struct_conn_type.id          covale 
_struct_conn_type.criteria    ? 
_struct_conn_type.reference   ? 
# 
loop_
_pdbx_modification_feature.ordinal 
_pdbx_modification_feature.label_comp_id 
_pdbx_modification_feature.label_asym_id 
_pdbx_modification_feature.label_seq_id 
_pdbx_modification_feature.label_alt_id 
_pdbx_modification_feature.modified_residue_label_comp_id 
_pdbx_modification_feature.modified_residue_label_asym_id 
_pdbx_modification_feature.modified_residue_label_seq_id 
_pdbx_modification_feature.modified_residue_label_alt_id 
_pdbx_modification_feature.auth_comp_id 
_pdbx_modification_feature.auth_asym_id 
_pdbx_modification_feature.auth_seq_id 
_pdbx_modification_feature.PDB_ins_code 
_pdbx_modification_feature.symmetry 
_pdbx_modification_feature.modified_residue_auth_comp_id 
_pdbx_modification_feature.modified_residue_auth_asym_id 
_pdbx_modification_feature.modified_residue_auth_seq_id 
_pdbx_modification_feature.modified_residue_PDB_ins_code 
_pdbx_modification_feature.modified_residue_symmetry 
_pdbx_modification_feature.comp_id_linking_atom 
_pdbx_modification_feature.modified_residue_id_linking_atom 
_pdbx_modification_feature.modified_residue_id 
_pdbx_modification_feature.ref_pcm_id 
_pdbx_modification_feature.ref_comp_id 
_pdbx_modification_feature.type 
_pdbx_modification_feature.category 
1 MSE A 25 ? . . . . MSE A 24 ? 1_555 . . . . . . . MET 1 MSE Selenomethionine 'Named protein modification' 
2 MSE A 51 ? . . . . MSE A 50 ? 1_555 . . . . . . . MET 1 MSE Selenomethionine 'Named protein modification' 
# 
_struct_sheet.id               A 
_struct_sheet.type             ? 
_struct_sheet.number_strands   3 
_struct_sheet.details          ? 
# 
loop_
_struct_sheet_order.sheet_id 
_struct_sheet_order.range_id_1 
_struct_sheet_order.range_id_2 
_struct_sheet_order.offset 
_struct_sheet_order.sense 
A 1 2 ? anti-parallel 
A 2 3 ? anti-parallel 
# 
loop_
_struct_sheet_range.sheet_id 
_struct_sheet_range.id 
_struct_sheet_range.beg_label_comp_id 
_struct_sheet_range.beg_label_asym_id 
_struct_sheet_range.beg_label_seq_id 
_struct_sheet_range.pdbx_beg_PDB_ins_code 
_struct_sheet_range.end_label_comp_id 
_struct_sheet_range.end_label_asym_id 
_struct_sheet_range.end_label_seq_id 
_struct_sheet_range.pdbx_end_PDB_ins_code 
_struct_sheet_range.beg_auth_comp_id 
_struct_sheet_range.beg_auth_asym_id 
_struct_sheet_range.beg_auth_seq_id 
_struct_sheet_range.end_auth_comp_id 
_struct_sheet_range.end_auth_asym_id 
_struct_sheet_range.end_auth_seq_id 
A 1 ILE A 90  ? SER A 98  ? ILE A 89  SER A 97  
A 2 ARG A 106 ? VAL A 115 ? ARG A 105 VAL A 114 
A 3 ARG A 121 ? TYR A 129 ? ARG A 120 TYR A 128 
# 
loop_
_pdbx_struct_sheet_hbond.sheet_id 
_pdbx_struct_sheet_hbond.range_id_1 
_pdbx_struct_sheet_hbond.range_id_2 
_pdbx_struct_sheet_hbond.range_1_label_atom_id 
_pdbx_struct_sheet_hbond.range_1_label_comp_id 
_pdbx_struct_sheet_hbond.range_1_label_asym_id 
_pdbx_struct_sheet_hbond.range_1_label_seq_id 
_pdbx_struct_sheet_hbond.range_1_PDB_ins_code 
_pdbx_struct_sheet_hbond.range_1_auth_atom_id 
_pdbx_struct_sheet_hbond.range_1_auth_comp_id 
_pdbx_struct_sheet_hbond.range_1_auth_asym_id 
_pdbx_struct_sheet_hbond.range_1_auth_seq_id 
_pdbx_struct_sheet_hbond.range_2_label_atom_id 
_pdbx_struct_sheet_hbond.range_2_label_comp_id 
_pdbx_struct_sheet_hbond.range_2_label_asym_id 
_pdbx_struct_sheet_hbond.range_2_label_seq_id 
_pdbx_struct_sheet_hbond.range_2_PDB_ins_code 
_pdbx_struct_sheet_hbond.range_2_auth_atom_id 
_pdbx_struct_sheet_hbond.range_2_auth_comp_id 
_pdbx_struct_sheet_hbond.range_2_auth_asym_id 
_pdbx_struct_sheet_hbond.range_2_auth_seq_id 
A 1 2 N SER A 98  ? N SER A 97  O LEU A 108 ? O LEU A 107 
A 2 3 N ILE A 111 ? N ILE A 110 O LEU A 124 ? O LEU A 123 
# 
loop_
_struct_site.id 
_struct_site.pdbx_evidence_code 
_struct_site.pdbx_auth_asym_id 
_struct_site.pdbx_auth_comp_id 
_struct_site.pdbx_auth_seq_id 
_struct_site.pdbx_auth_ins_code 
_struct_site.pdbx_num_residues 
_struct_site.details 
AC1 Software A NO3 134 ? 7 'BINDING SITE FOR RESIDUE NO3 A 134' 
AC2 Software A EDO 135 ? 4 'BINDING SITE FOR RESIDUE EDO A 135' 
# 
loop_
_struct_site_gen.id 
_struct_site_gen.site_id 
_struct_site_gen.pdbx_num_res 
_struct_site_gen.label_comp_id 
_struct_site_gen.label_asym_id 
_struct_site_gen.label_seq_id 
_struct_site_gen.pdbx_auth_ins_code 
_struct_site_gen.auth_comp_id 
_struct_site_gen.auth_asym_id 
_struct_site_gen.auth_seq_id 
_struct_site_gen.label_atom_id 
_struct_site_gen.label_alt_id 
_struct_site_gen.symmetry 
_struct_site_gen.details 
1  AC1 7 ARG A 49 ? ARG A 48  . ? 1_555 ? 
2  AC1 7 VAL A 50 ? VAL A 49  . ? 1_555 ? 
3  AC1 7 MSE A 51 ? MSE A 50  . ? 1_555 ? 
4  AC1 7 ARG A 52 ? ARG A 51  . ? 1_555 ? 
5  AC1 7 VAL A 66 ? VAL A 65  . ? 2_665 ? 
6  AC1 7 ILE A 67 ? ILE A 66  . ? 2_665 ? 
7  AC1 7 HOH D .  ? HOH A 240 . ? 1_555 ? 
8  AC2 4 LEU A 93 ? LEU A 92  . ? 4_456 ? 
9  AC2 4 SER A 94 ? SER A 93  . ? 4_456 ? 
10 AC2 4 HOH D .  ? HOH A 159 . ? 1_555 ? 
11 AC2 4 HOH D .  ? HOH A 219 . ? 1_555 ? 
# 
_pdbx_entry_details.entry_id                   2IA7 
_pdbx_entry_details.compound_details           ? 
_pdbx_entry_details.source_details             ? 
_pdbx_entry_details.nonpolymer_details         ? 
_pdbx_entry_details.sequence_details           ? 
_pdbx_entry_details.has_ligand_of_interest     ? 
_pdbx_entry_details.has_protein_modification   Y 
# 
_pdbx_SG_project.project_name          'PSI, Protein Structure Initiative' 
_pdbx_SG_project.full_name_of_center   'Joint Center for Structural Genomics' 
_pdbx_SG_project.id                    1 
_pdbx_SG_project.initial_of_center     JCSG 
# 
loop_
_pdbx_struct_mod_residue.id 
_pdbx_struct_mod_residue.label_asym_id 
_pdbx_struct_mod_residue.label_comp_id 
_pdbx_struct_mod_residue.label_seq_id 
_pdbx_struct_mod_residue.auth_asym_id 
_pdbx_struct_mod_residue.auth_comp_id 
_pdbx_struct_mod_residue.auth_seq_id 
_pdbx_struct_mod_residue.PDB_ins_code 
_pdbx_struct_mod_residue.parent_comp_id 
_pdbx_struct_mod_residue.details 
1 A MSE 25 A MSE 24 ? MET SELENOMETHIONINE 
2 A MSE 51 A MSE 50 ? MET SELENOMETHIONINE 
# 
_pdbx_refine_tls.id               1 
_pdbx_refine_tls.details          ? 
_pdbx_refine_tls.method           refined 
_pdbx_refine_tls.origin_x         0.3270 
_pdbx_refine_tls.origin_y         0.4071 
_pdbx_refine_tls.origin_z         -0.2432 
_pdbx_refine_tls.T[1][1]          -0.0050 
_pdbx_refine_tls.T[2][2]          -0.0117 
_pdbx_refine_tls.T[3][3]          -0.0320 
_pdbx_refine_tls.T[1][2]          0.0018 
_pdbx_refine_tls.T[1][3]          -0.0104 
_pdbx_refine_tls.T[2][3]          0.0030 
_pdbx_refine_tls.L[1][1]          1.0417 
_pdbx_refine_tls.L[2][2]          0.6676 
_pdbx_refine_tls.L[3][3]          1.0407 
_pdbx_refine_tls.L[1][2]          -0.1271 
_pdbx_refine_tls.L[1][3]          -0.4705 
_pdbx_refine_tls.L[2][3]          0.0149 
_pdbx_refine_tls.S[1][1]          -0.0313 
_pdbx_refine_tls.S[2][2]          0.0214 
_pdbx_refine_tls.S[3][3]          0.0099 
_pdbx_refine_tls.S[1][2]          -0.0353 
_pdbx_refine_tls.S[1][3]          -0.0719 
_pdbx_refine_tls.S[2][3]          0.0307 
_pdbx_refine_tls.S[2][1]          0.0350 
_pdbx_refine_tls.S[3][1]          0.0386 
_pdbx_refine_tls.S[3][2]          -0.0174 
_pdbx_refine_tls.pdbx_refine_id   'X-RAY DIFFRACTION' 
# 
_pdbx_refine_tls_group.id                  1 
_pdbx_refine_tls_group.refine_tls_id       1 
_pdbx_refine_tls_group.beg_label_asym_id   A 
_pdbx_refine_tls_group.beg_label_seq_id    24 
_pdbx_refine_tls_group.end_label_asym_id   A 
_pdbx_refine_tls_group.end_label_seq_id    134 
_pdbx_refine_tls_group.selection           ALL 
_pdbx_refine_tls_group.beg_auth_asym_id    A 
_pdbx_refine_tls_group.beg_auth_seq_id     23 
_pdbx_refine_tls_group.end_auth_asym_id    A 
_pdbx_refine_tls_group.end_auth_seq_id     133 
_pdbx_refine_tls_group.pdbx_refine_id      'X-RAY DIFFRACTION' 
_pdbx_refine_tls_group.selection_details   ? 
# 
_phasing.method   MAD 
# 
loop_
_pdbx_database_remark.id 
_pdbx_database_remark.text 
300 
;
BIOMOLECULE: 1
THIS ENTRY CONTAINS THE CRYSTALLOGRAPHIC ASYMMETRIC UNIT 
WHICH CONSISTS OF 1 CHAIN(S). SEEREMARK 350 FOR 
INFORMATION ON GENERATING THE BIOLOGICAL MOLECULE(S).
SIZE EXCLUSION CHROMATOGRAPHY SUPPORTS THE ASSIGNMENT
OF A MONOMER AS A BIOLOGICALLY SIGNIFICANT
OLIGOMERIZATION STATE.

;
999 
;SEQUENCE
THE CONSTRUCT WAS EXPRESSED WITH A PURIFICATION TAG 
MGSDKIHHHHHHENLYFQG. THE TAG WAS REMOVED WITH TEV PROTEASE
LEAVING ONLY A GLYCINE FOLLOWED BY THE TARGET SEQUENCE.
;
# 
loop_
_pdbx_unobs_or_zero_occ_residues.id 
_pdbx_unobs_or_zero_occ_residues.PDB_model_num 
_pdbx_unobs_or_zero_occ_residues.polymer_flag 
_pdbx_unobs_or_zero_occ_residues.occupancy_flag 
_pdbx_unobs_or_zero_occ_residues.auth_asym_id 
_pdbx_unobs_or_zero_occ_residues.auth_comp_id 
_pdbx_unobs_or_zero_occ_residues.auth_seq_id 
_pdbx_unobs_or_zero_occ_residues.PDB_ins_code 
_pdbx_unobs_or_zero_occ_residues.label_asym_id 
_pdbx_unobs_or_zero_occ_residues.label_comp_id 
_pdbx_unobs_or_zero_occ_residues.label_seq_id 
1  1 Y 1 A GLY 0  ? A GLY 1  
2  1 Y 1 A MSE 1  ? A MSE 2  
3  1 Y 1 A THR 2  ? A THR 3  
4  1 Y 1 A LYS 3  ? A LYS 4  
5  1 Y 1 A ALA 4  ? A ALA 5  
6  1 Y 1 A ARG 5  ? A ARG 6  
7  1 Y 1 A GLU 6  ? A GLU 7  
8  1 Y 1 A PHE 7  ? A PHE 8  
9  1 Y 1 A LEU 8  ? A LEU 9  
10 1 Y 1 A GLY 9  ? A GLY 10 
11 1 Y 1 A THR 10 ? A THR 11 
12 1 Y 1 A GLY 11 ? A GLY 12 
13 1 Y 1 A TRP 12 ? A TRP 13 
14 1 Y 1 A LYS 13 ? A LYS 14 
15 1 Y 1 A PHE 14 ? A PHE 15 
16 1 Y 1 A PRO 15 ? A PRO 16 
17 1 Y 1 A VAL 16 ? A VAL 17 
18 1 Y 1 A ALA 17 ? A ALA 18 
19 1 Y 1 A ALA 18 ? A ALA 19 
20 1 Y 1 A GLY 19 ? A GLY 20 
21 1 Y 1 A ALA 20 ? A ALA 21 
22 1 Y 1 A ASP 21 ? A ASP 22 
23 1 Y 1 A GLY 22 ? A GLY 23 
# 
loop_
_chem_comp_atom.comp_id 
_chem_comp_atom.atom_id 
_chem_comp_atom.type_symbol 
_chem_comp_atom.pdbx_aromatic_flag 
_chem_comp_atom.pdbx_stereo_config 
_chem_comp_atom.pdbx_ordinal 
ALA N    N  N N 1   
ALA CA   C  N S 2   
ALA C    C  N N 3   
ALA O    O  N N 4   
ALA CB   C  N N 5   
ALA OXT  O  N N 6   
ALA H    H  N N 7   
ALA H2   H  N N 8   
ALA HA   H  N N 9   
ALA HB1  H  N N 10  
ALA HB2  H  N N 11  
ALA HB3  H  N N 12  
ALA HXT  H  N N 13  
ARG N    N  N N 14  
ARG CA   C  N S 15  
ARG C    C  N N 16  
ARG O    O  N N 17  
ARG CB   C  N N 18  
ARG CG   C  N N 19  
ARG CD   C  N N 20  
ARG NE   N  N N 21  
ARG CZ   C  N N 22  
ARG NH1  N  N N 23  
ARG NH2  N  N N 24  
ARG OXT  O  N N 25  
ARG H    H  N N 26  
ARG H2   H  N N 27  
ARG HA   H  N N 28  
ARG HB2  H  N N 29  
ARG HB3  H  N N 30  
ARG HG2  H  N N 31  
ARG HG3  H  N N 32  
ARG HD2  H  N N 33  
ARG HD3  H  N N 34  
ARG HE   H  N N 35  
ARG HH11 H  N N 36  
ARG HH12 H  N N 37  
ARG HH21 H  N N 38  
ARG HH22 H  N N 39  
ARG HXT  H  N N 40  
ASN N    N  N N 41  
ASN CA   C  N S 42  
ASN C    C  N N 43  
ASN O    O  N N 44  
ASN CB   C  N N 45  
ASN CG   C  N N 46  
ASN OD1  O  N N 47  
ASN ND2  N  N N 48  
ASN OXT  O  N N 49  
ASN H    H  N N 50  
ASN H2   H  N N 51  
ASN HA   H  N N 52  
ASN HB2  H  N N 53  
ASN HB3  H  N N 54  
ASN HD21 H  N N 55  
ASN HD22 H  N N 56  
ASN HXT  H  N N 57  
ASP N    N  N N 58  
ASP CA   C  N S 59  
ASP C    C  N N 60  
ASP O    O  N N 61  
ASP CB   C  N N 62  
ASP CG   C  N N 63  
ASP OD1  O  N N 64  
ASP OD2  O  N N 65  
ASP OXT  O  N N 66  
ASP H    H  N N 67  
ASP H2   H  N N 68  
ASP HA   H  N N 69  
ASP HB2  H  N N 70  
ASP HB3  H  N N 71  
ASP HD2  H  N N 72  
ASP HXT  H  N N 73  
CYS N    N  N N 74  
CYS CA   C  N R 75  
CYS C    C  N N 76  
CYS O    O  N N 77  
CYS CB   C  N N 78  
CYS SG   S  N N 79  
CYS OXT  O  N N 80  
CYS H    H  N N 81  
CYS H2   H  N N 82  
CYS HA   H  N N 83  
CYS HB2  H  N N 84  
CYS HB3  H  N N 85  
CYS HG   H  N N 86  
CYS HXT  H  N N 87  
EDO C1   C  N N 88  
EDO O1   O  N N 89  
EDO C2   C  N N 90  
EDO O2   O  N N 91  
EDO H11  H  N N 92  
EDO H12  H  N N 93  
EDO HO1  H  N N 94  
EDO H21  H  N N 95  
EDO H22  H  N N 96  
EDO HO2  H  N N 97  
GLU N    N  N N 98  
GLU CA   C  N S 99  
GLU C    C  N N 100 
GLU O    O  N N 101 
GLU CB   C  N N 102 
GLU CG   C  N N 103 
GLU CD   C  N N 104 
GLU OE1  O  N N 105 
GLU OE2  O  N N 106 
GLU OXT  O  N N 107 
GLU H    H  N N 108 
GLU H2   H  N N 109 
GLU HA   H  N N 110 
GLU HB2  H  N N 111 
GLU HB3  H  N N 112 
GLU HG2  H  N N 113 
GLU HG3  H  N N 114 
GLU HE2  H  N N 115 
GLU HXT  H  N N 116 
GLY N    N  N N 117 
GLY CA   C  N N 118 
GLY C    C  N N 119 
GLY O    O  N N 120 
GLY OXT  O  N N 121 
GLY H    H  N N 122 
GLY H2   H  N N 123 
GLY HA2  H  N N 124 
GLY HA3  H  N N 125 
GLY HXT  H  N N 126 
HIS N    N  N N 127 
HIS CA   C  N S 128 
HIS C    C  N N 129 
HIS O    O  N N 130 
HIS CB   C  N N 131 
HIS CG   C  Y N 132 
HIS ND1  N  Y N 133 
HIS CD2  C  Y N 134 
HIS CE1  C  Y N 135 
HIS NE2  N  Y N 136 
HIS OXT  O  N N 137 
HIS H    H  N N 138 
HIS H2   H  N N 139 
HIS HA   H  N N 140 
HIS HB2  H  N N 141 
HIS HB3  H  N N 142 
HIS HD1  H  N N 143 
HIS HD2  H  N N 144 
HIS HE1  H  N N 145 
HIS HE2  H  N N 146 
HIS HXT  H  N N 147 
HOH O    O  N N 148 
HOH H1   H  N N 149 
HOH H2   H  N N 150 
ILE N    N  N N 151 
ILE CA   C  N S 152 
ILE C    C  N N 153 
ILE O    O  N N 154 
ILE CB   C  N S 155 
ILE CG1  C  N N 156 
ILE CG2  C  N N 157 
ILE CD1  C  N N 158 
ILE OXT  O  N N 159 
ILE H    H  N N 160 
ILE H2   H  N N 161 
ILE HA   H  N N 162 
ILE HB   H  N N 163 
ILE HG12 H  N N 164 
ILE HG13 H  N N 165 
ILE HG21 H  N N 166 
ILE HG22 H  N N 167 
ILE HG23 H  N N 168 
ILE HD11 H  N N 169 
ILE HD12 H  N N 170 
ILE HD13 H  N N 171 
ILE HXT  H  N N 172 
LEU N    N  N N 173 
LEU CA   C  N S 174 
LEU C    C  N N 175 
LEU O    O  N N 176 
LEU CB   C  N N 177 
LEU CG   C  N N 178 
LEU CD1  C  N N 179 
LEU CD2  C  N N 180 
LEU OXT  O  N N 181 
LEU H    H  N N 182 
LEU H2   H  N N 183 
LEU HA   H  N N 184 
LEU HB2  H  N N 185 
LEU HB3  H  N N 186 
LEU HG   H  N N 187 
LEU HD11 H  N N 188 
LEU HD12 H  N N 189 
LEU HD13 H  N N 190 
LEU HD21 H  N N 191 
LEU HD22 H  N N 192 
LEU HD23 H  N N 193 
LEU HXT  H  N N 194 
LYS N    N  N N 195 
LYS CA   C  N S 196 
LYS C    C  N N 197 
LYS O    O  N N 198 
LYS CB   C  N N 199 
LYS CG   C  N N 200 
LYS CD   C  N N 201 
LYS CE   C  N N 202 
LYS NZ   N  N N 203 
LYS OXT  O  N N 204 
LYS H    H  N N 205 
LYS H2   H  N N 206 
LYS HA   H  N N 207 
LYS HB2  H  N N 208 
LYS HB3  H  N N 209 
LYS HG2  H  N N 210 
LYS HG3  H  N N 211 
LYS HD2  H  N N 212 
LYS HD3  H  N N 213 
LYS HE2  H  N N 214 
LYS HE3  H  N N 215 
LYS HZ1  H  N N 216 
LYS HZ2  H  N N 217 
LYS HZ3  H  N N 218 
LYS HXT  H  N N 219 
MET N    N  N N 220 
MET CA   C  N S 221 
MET C    C  N N 222 
MET O    O  N N 223 
MET CB   C  N N 224 
MET CG   C  N N 225 
MET SD   S  N N 226 
MET CE   C  N N 227 
MET OXT  O  N N 228 
MET H    H  N N 229 
MET H2   H  N N 230 
MET HA   H  N N 231 
MET HB2  H  N N 232 
MET HB3  H  N N 233 
MET HG2  H  N N 234 
MET HG3  H  N N 235 
MET HE1  H  N N 236 
MET HE2  H  N N 237 
MET HE3  H  N N 238 
MET HXT  H  N N 239 
MSE N    N  N N 240 
MSE CA   C  N S 241 
MSE C    C  N N 242 
MSE O    O  N N 243 
MSE OXT  O  N N 244 
MSE CB   C  N N 245 
MSE CG   C  N N 246 
MSE SE   SE N N 247 
MSE CE   C  N N 248 
MSE H    H  N N 249 
MSE H2   H  N N 250 
MSE HA   H  N N 251 
MSE HXT  H  N N 252 
MSE HB2  H  N N 253 
MSE HB3  H  N N 254 
MSE HG2  H  N N 255 
MSE HG3  H  N N 256 
MSE HE1  H  N N 257 
MSE HE2  H  N N 258 
MSE HE3  H  N N 259 
NO3 N    N  N N 260 
NO3 O1   O  N N 261 
NO3 O2   O  N N 262 
NO3 O3   O  N N 263 
PHE N    N  N N 264 
PHE CA   C  N S 265 
PHE C    C  N N 266 
PHE O    O  N N 267 
PHE CB   C  N N 268 
PHE CG   C  Y N 269 
PHE CD1  C  Y N 270 
PHE CD2  C  Y N 271 
PHE CE1  C  Y N 272 
PHE CE2  C  Y N 273 
PHE CZ   C  Y N 274 
PHE OXT  O  N N 275 
PHE H    H  N N 276 
PHE H2   H  N N 277 
PHE HA   H  N N 278 
PHE HB2  H  N N 279 
PHE HB3  H  N N 280 
PHE HD1  H  N N 281 
PHE HD2  H  N N 282 
PHE HE1  H  N N 283 
PHE HE2  H  N N 284 
PHE HZ   H  N N 285 
PHE HXT  H  N N 286 
PRO N    N  N N 287 
PRO CA   C  N S 288 
PRO C    C  N N 289 
PRO O    O  N N 290 
PRO CB   C  N N 291 
PRO CG   C  N N 292 
PRO CD   C  N N 293 
PRO OXT  O  N N 294 
PRO H    H  N N 295 
PRO HA   H  N N 296 
PRO HB2  H  N N 297 
PRO HB3  H  N N 298 
PRO HG2  H  N N 299 
PRO HG3  H  N N 300 
PRO HD2  H  N N 301 
PRO HD3  H  N N 302 
PRO HXT  H  N N 303 
SER N    N  N N 304 
SER CA   C  N S 305 
SER C    C  N N 306 
SER O    O  N N 307 
SER CB   C  N N 308 
SER OG   O  N N 309 
SER OXT  O  N N 310 
SER H    H  N N 311 
SER H2   H  N N 312 
SER HA   H  N N 313 
SER HB2  H  N N 314 
SER HB3  H  N N 315 
SER HG   H  N N 316 
SER HXT  H  N N 317 
THR N    N  N N 318 
THR CA   C  N S 319 
THR C    C  N N 320 
THR O    O  N N 321 
THR CB   C  N R 322 
THR OG1  O  N N 323 
THR CG2  C  N N 324 
THR OXT  O  N N 325 
THR H    H  N N 326 
THR H2   H  N N 327 
THR HA   H  N N 328 
THR HB   H  N N 329 
THR HG1  H  N N 330 
THR HG21 H  N N 331 
THR HG22 H  N N 332 
THR HG23 H  N N 333 
THR HXT  H  N N 334 
TRP N    N  N N 335 
TRP CA   C  N S 336 
TRP C    C  N N 337 
TRP O    O  N N 338 
TRP CB   C  N N 339 
TRP CG   C  Y N 340 
TRP CD1  C  Y N 341 
TRP CD2  C  Y N 342 
TRP NE1  N  Y N 343 
TRP CE2  C  Y N 344 
TRP CE3  C  Y N 345 
TRP CZ2  C  Y N 346 
TRP CZ3  C  Y N 347 
TRP CH2  C  Y N 348 
TRP OXT  O  N N 349 
TRP H    H  N N 350 
TRP H2   H  N N 351 
TRP HA   H  N N 352 
TRP HB2  H  N N 353 
TRP HB3  H  N N 354 
TRP HD1  H  N N 355 
TRP HE1  H  N N 356 
TRP HE3  H  N N 357 
TRP HZ2  H  N N 358 
TRP HZ3  H  N N 359 
TRP HH2  H  N N 360 
TRP HXT  H  N N 361 
TYR N    N  N N 362 
TYR CA   C  N S 363 
TYR C    C  N N 364 
TYR O    O  N N 365 
TYR CB   C  N N 366 
TYR CG   C  Y N 367 
TYR CD1  C  Y N 368 
TYR CD2  C  Y N 369 
TYR CE1  C  Y N 370 
TYR CE2  C  Y N 371 
TYR CZ   C  Y N 372 
TYR OH   O  N N 373 
TYR OXT  O  N N 374 
TYR H    H  N N 375 
TYR H2   H  N N 376 
TYR HA   H  N N 377 
TYR HB2  H  N N 378 
TYR HB3  H  N N 379 
TYR HD1  H  N N 380 
TYR HD2  H  N N 381 
TYR HE1  H  N N 382 
TYR HE2  H  N N 383 
TYR HH   H  N N 384 
TYR HXT  H  N N 385 
VAL N    N  N N 386 
VAL CA   C  N S 387 
VAL C    C  N N 388 
VAL O    O  N N 389 
VAL CB   C  N N 390 
VAL CG1  C  N N 391 
VAL CG2  C  N N 392 
VAL OXT  O  N N 393 
VAL H    H  N N 394 
VAL H2   H  N N 395 
VAL HA   H  N N 396 
VAL HB   H  N N 397 
VAL HG11 H  N N 398 
VAL HG12 H  N N 399 
VAL HG13 H  N N 400 
VAL HG21 H  N N 401 
VAL HG22 H  N N 402 
VAL HG23 H  N N 403 
VAL HXT  H  N N 404 
# 
loop_
_chem_comp_bond.comp_id 
_chem_comp_bond.atom_id_1 
_chem_comp_bond.atom_id_2 
_chem_comp_bond.value_order 
_chem_comp_bond.pdbx_aromatic_flag 
_chem_comp_bond.pdbx_stereo_config 
_chem_comp_bond.pdbx_ordinal 
ALA N   CA   sing N N 1   
ALA N   H    sing N N 2   
ALA N   H2   sing N N 3   
ALA CA  C    sing N N 4   
ALA CA  CB   sing N N 5   
ALA CA  HA   sing N N 6   
ALA C   O    doub N N 7   
ALA C   OXT  sing N N 8   
ALA CB  HB1  sing N N 9   
ALA CB  HB2  sing N N 10  
ALA CB  HB3  sing N N 11  
ALA OXT HXT  sing N N 12  
ARG N   CA   sing N N 13  
ARG N   H    sing N N 14  
ARG N   H2   sing N N 15  
ARG CA  C    sing N N 16  
ARG CA  CB   sing N N 17  
ARG CA  HA   sing N N 18  
ARG C   O    doub N N 19  
ARG C   OXT  sing N N 20  
ARG CB  CG   sing N N 21  
ARG CB  HB2  sing N N 22  
ARG CB  HB3  sing N N 23  
ARG CG  CD   sing N N 24  
ARG CG  HG2  sing N N 25  
ARG CG  HG3  sing N N 26  
ARG CD  NE   sing N N 27  
ARG CD  HD2  sing N N 28  
ARG CD  HD3  sing N N 29  
ARG NE  CZ   sing N N 30  
ARG NE  HE   sing N N 31  
ARG CZ  NH1  sing N N 32  
ARG CZ  NH2  doub N N 33  
ARG NH1 HH11 sing N N 34  
ARG NH1 HH12 sing N N 35  
ARG NH2 HH21 sing N N 36  
ARG NH2 HH22 sing N N 37  
ARG OXT HXT  sing N N 38  
ASN N   CA   sing N N 39  
ASN N   H    sing N N 40  
ASN N   H2   sing N N 41  
ASN CA  C    sing N N 42  
ASN CA  CB   sing N N 43  
ASN CA  HA   sing N N 44  
ASN C   O    doub N N 45  
ASN C   OXT  sing N N 46  
ASN CB  CG   sing N N 47  
ASN CB  HB2  sing N N 48  
ASN CB  HB3  sing N N 49  
ASN CG  OD1  doub N N 50  
ASN CG  ND2  sing N N 51  
ASN ND2 HD21 sing N N 52  
ASN ND2 HD22 sing N N 53  
ASN OXT HXT  sing N N 54  
ASP N   CA   sing N N 55  
ASP N   H    sing N N 56  
ASP N   H2   sing N N 57  
ASP CA  C    sing N N 58  
ASP CA  CB   sing N N 59  
ASP CA  HA   sing N N 60  
ASP C   O    doub N N 61  
ASP C   OXT  sing N N 62  
ASP CB  CG   sing N N 63  
ASP CB  HB2  sing N N 64  
ASP CB  HB3  sing N N 65  
ASP CG  OD1  doub N N 66  
ASP CG  OD2  sing N N 67  
ASP OD2 HD2  sing N N 68  
ASP OXT HXT  sing N N 69  
CYS N   CA   sing N N 70  
CYS N   H    sing N N 71  
CYS N   H2   sing N N 72  
CYS CA  C    sing N N 73  
CYS CA  CB   sing N N 74  
CYS CA  HA   sing N N 75  
CYS C   O    doub N N 76  
CYS C   OXT  sing N N 77  
CYS CB  SG   sing N N 78  
CYS CB  HB2  sing N N 79  
CYS CB  HB3  sing N N 80  
CYS SG  HG   sing N N 81  
CYS OXT HXT  sing N N 82  
EDO C1  O1   sing N N 83  
EDO C1  C2   sing N N 84  
EDO C1  H11  sing N N 85  
EDO C1  H12  sing N N 86  
EDO O1  HO1  sing N N 87  
EDO C2  O2   sing N N 88  
EDO C2  H21  sing N N 89  
EDO C2  H22  sing N N 90  
EDO O2  HO2  sing N N 91  
GLU N   CA   sing N N 92  
GLU N   H    sing N N 93  
GLU N   H2   sing N N 94  
GLU CA  C    sing N N 95  
GLU CA  CB   sing N N 96  
GLU CA  HA   sing N N 97  
GLU C   O    doub N N 98  
GLU C   OXT  sing N N 99  
GLU CB  CG   sing N N 100 
GLU CB  HB2  sing N N 101 
GLU CB  HB3  sing N N 102 
GLU CG  CD   sing N N 103 
GLU CG  HG2  sing N N 104 
GLU CG  HG3  sing N N 105 
GLU CD  OE1  doub N N 106 
GLU CD  OE2  sing N N 107 
GLU OE2 HE2  sing N N 108 
GLU OXT HXT  sing N N 109 
GLY N   CA   sing N N 110 
GLY N   H    sing N N 111 
GLY N   H2   sing N N 112 
GLY CA  C    sing N N 113 
GLY CA  HA2  sing N N 114 
GLY CA  HA3  sing N N 115 
GLY C   O    doub N N 116 
GLY C   OXT  sing N N 117 
GLY OXT HXT  sing N N 118 
HIS N   CA   sing N N 119 
HIS N   H    sing N N 120 
HIS N   H2   sing N N 121 
HIS CA  C    sing N N 122 
HIS CA  CB   sing N N 123 
HIS CA  HA   sing N N 124 
HIS C   O    doub N N 125 
HIS C   OXT  sing N N 126 
HIS CB  CG   sing N N 127 
HIS CB  HB2  sing N N 128 
HIS CB  HB3  sing N N 129 
HIS CG  ND1  sing Y N 130 
HIS CG  CD2  doub Y N 131 
HIS ND1 CE1  doub Y N 132 
HIS ND1 HD1  sing N N 133 
HIS CD2 NE2  sing Y N 134 
HIS CD2 HD2  sing N N 135 
HIS CE1 NE2  sing Y N 136 
HIS CE1 HE1  sing N N 137 
HIS NE2 HE2  sing N N 138 
HIS OXT HXT  sing N N 139 
HOH O   H1   sing N N 140 
HOH O   H2   sing N N 141 
ILE N   CA   sing N N 142 
ILE N   H    sing N N 143 
ILE N   H2   sing N N 144 
ILE CA  C    sing N N 145 
ILE CA  CB   sing N N 146 
ILE CA  HA   sing N N 147 
ILE C   O    doub N N 148 
ILE C   OXT  sing N N 149 
ILE CB  CG1  sing N N 150 
ILE CB  CG2  sing N N 151 
ILE CB  HB   sing N N 152 
ILE CG1 CD1  sing N N 153 
ILE CG1 HG12 sing N N 154 
ILE CG1 HG13 sing N N 155 
ILE CG2 HG21 sing N N 156 
ILE CG2 HG22 sing N N 157 
ILE CG2 HG23 sing N N 158 
ILE CD1 HD11 sing N N 159 
ILE CD1 HD12 sing N N 160 
ILE CD1 HD13 sing N N 161 
ILE OXT HXT  sing N N 162 
LEU N   CA   sing N N 163 
LEU N   H    sing N N 164 
LEU N   H2   sing N N 165 
LEU CA  C    sing N N 166 
LEU CA  CB   sing N N 167 
LEU CA  HA   sing N N 168 
LEU C   O    doub N N 169 
LEU C   OXT  sing N N 170 
LEU CB  CG   sing N N 171 
LEU CB  HB2  sing N N 172 
LEU CB  HB3  sing N N 173 
LEU CG  CD1  sing N N 174 
LEU CG  CD2  sing N N 175 
LEU CG  HG   sing N N 176 
LEU CD1 HD11 sing N N 177 
LEU CD1 HD12 sing N N 178 
LEU CD1 HD13 sing N N 179 
LEU CD2 HD21 sing N N 180 
LEU CD2 HD22 sing N N 181 
LEU CD2 HD23 sing N N 182 
LEU OXT HXT  sing N N 183 
LYS N   CA   sing N N 184 
LYS N   H    sing N N 185 
LYS N   H2   sing N N 186 
LYS CA  C    sing N N 187 
LYS CA  CB   sing N N 188 
LYS CA  HA   sing N N 189 
LYS C   O    doub N N 190 
LYS C   OXT  sing N N 191 
LYS CB  CG   sing N N 192 
LYS CB  HB2  sing N N 193 
LYS CB  HB3  sing N N 194 
LYS CG  CD   sing N N 195 
LYS CG  HG2  sing N N 196 
LYS CG  HG3  sing N N 197 
LYS CD  CE   sing N N 198 
LYS CD  HD2  sing N N 199 
LYS CD  HD3  sing N N 200 
LYS CE  NZ   sing N N 201 
LYS CE  HE2  sing N N 202 
LYS CE  HE3  sing N N 203 
LYS NZ  HZ1  sing N N 204 
LYS NZ  HZ2  sing N N 205 
LYS NZ  HZ3  sing N N 206 
LYS OXT HXT  sing N N 207 
MET N   CA   sing N N 208 
MET N   H    sing N N 209 
MET N   H2   sing N N 210 
MET CA  C    sing N N 211 
MET CA  CB   sing N N 212 
MET CA  HA   sing N N 213 
MET C   O    doub N N 214 
MET C   OXT  sing N N 215 
MET CB  CG   sing N N 216 
MET CB  HB2  sing N N 217 
MET CB  HB3  sing N N 218 
MET CG  SD   sing N N 219 
MET CG  HG2  sing N N 220 
MET CG  HG3  sing N N 221 
MET SD  CE   sing N N 222 
MET CE  HE1  sing N N 223 
MET CE  HE2  sing N N 224 
MET CE  HE3  sing N N 225 
MET OXT HXT  sing N N 226 
MSE N   CA   sing N N 227 
MSE N   H    sing N N 228 
MSE N   H2   sing N N 229 
MSE CA  C    sing N N 230 
MSE CA  CB   sing N N 231 
MSE CA  HA   sing N N 232 
MSE C   O    doub N N 233 
MSE C   OXT  sing N N 234 
MSE OXT HXT  sing N N 235 
MSE CB  CG   sing N N 236 
MSE CB  HB2  sing N N 237 
MSE CB  HB3  sing N N 238 
MSE CG  SE   sing N N 239 
MSE CG  HG2  sing N N 240 
MSE CG  HG3  sing N N 241 
MSE SE  CE   sing N N 242 
MSE CE  HE1  sing N N 243 
MSE CE  HE2  sing N N 244 
MSE CE  HE3  sing N N 245 
NO3 N   O1   doub N N 246 
NO3 N   O2   sing N N 247 
NO3 N   O3   sing N N 248 
PHE N   CA   sing N N 249 
PHE N   H    sing N N 250 
PHE N   H2   sing N N 251 
PHE CA  C    sing N N 252 
PHE CA  CB   sing N N 253 
PHE CA  HA   sing N N 254 
PHE C   O    doub N N 255 
PHE C   OXT  sing N N 256 
PHE CB  CG   sing N N 257 
PHE CB  HB2  sing N N 258 
PHE CB  HB3  sing N N 259 
PHE CG  CD1  doub Y N 260 
PHE CG  CD2  sing Y N 261 
PHE CD1 CE1  sing Y N 262 
PHE CD1 HD1  sing N N 263 
PHE CD2 CE2  doub Y N 264 
PHE CD2 HD2  sing N N 265 
PHE CE1 CZ   doub Y N 266 
PHE CE1 HE1  sing N N 267 
PHE CE2 CZ   sing Y N 268 
PHE CE2 HE2  sing N N 269 
PHE CZ  HZ   sing N N 270 
PHE OXT HXT  sing N N 271 
PRO N   CA   sing N N 272 
PRO N   CD   sing N N 273 
PRO N   H    sing N N 274 
PRO CA  C    sing N N 275 
PRO CA  CB   sing N N 276 
PRO CA  HA   sing N N 277 
PRO C   O    doub N N 278 
PRO C   OXT  sing N N 279 
PRO CB  CG   sing N N 280 
PRO CB  HB2  sing N N 281 
PRO CB  HB3  sing N N 282 
PRO CG  CD   sing N N 283 
PRO CG  HG2  sing N N 284 
PRO CG  HG3  sing N N 285 
PRO CD  HD2  sing N N 286 
PRO CD  HD3  sing N N 287 
PRO OXT HXT  sing N N 288 
SER N   CA   sing N N 289 
SER N   H    sing N N 290 
SER N   H2   sing N N 291 
SER CA  C    sing N N 292 
SER CA  CB   sing N N 293 
SER CA  HA   sing N N 294 
SER C   O    doub N N 295 
SER C   OXT  sing N N 296 
SER CB  OG   sing N N 297 
SER CB  HB2  sing N N 298 
SER CB  HB3  sing N N 299 
SER OG  HG   sing N N 300 
SER OXT HXT  sing N N 301 
THR N   CA   sing N N 302 
THR N   H    sing N N 303 
THR N   H2   sing N N 304 
THR CA  C    sing N N 305 
THR CA  CB   sing N N 306 
THR CA  HA   sing N N 307 
THR C   O    doub N N 308 
THR C   OXT  sing N N 309 
THR CB  OG1  sing N N 310 
THR CB  CG2  sing N N 311 
THR CB  HB   sing N N 312 
THR OG1 HG1  sing N N 313 
THR CG2 HG21 sing N N 314 
THR CG2 HG22 sing N N 315 
THR CG2 HG23 sing N N 316 
THR OXT HXT  sing N N 317 
TRP N   CA   sing N N 318 
TRP N   H    sing N N 319 
TRP N   H2   sing N N 320 
TRP CA  C    sing N N 321 
TRP CA  CB   sing N N 322 
TRP CA  HA   sing N N 323 
TRP C   O    doub N N 324 
TRP C   OXT  sing N N 325 
TRP CB  CG   sing N N 326 
TRP CB  HB2  sing N N 327 
TRP CB  HB3  sing N N 328 
TRP CG  CD1  doub Y N 329 
TRP CG  CD2  sing Y N 330 
TRP CD1 NE1  sing Y N 331 
TRP CD1 HD1  sing N N 332 
TRP CD2 CE2  doub Y N 333 
TRP CD2 CE3  sing Y N 334 
TRP NE1 CE2  sing Y N 335 
TRP NE1 HE1  sing N N 336 
TRP CE2 CZ2  sing Y N 337 
TRP CE3 CZ3  doub Y N 338 
TRP CE3 HE3  sing N N 339 
TRP CZ2 CH2  doub Y N 340 
TRP CZ2 HZ2  sing N N 341 
TRP CZ3 CH2  sing Y N 342 
TRP CZ3 HZ3  sing N N 343 
TRP CH2 HH2  sing N N 344 
TRP OXT HXT  sing N N 345 
TYR N   CA   sing N N 346 
TYR N   H    sing N N 347 
TYR N   H2   sing N N 348 
TYR CA  C    sing N N 349 
TYR CA  CB   sing N N 350 
TYR CA  HA   sing N N 351 
TYR C   O    doub N N 352 
TYR C   OXT  sing N N 353 
TYR CB  CG   sing N N 354 
TYR CB  HB2  sing N N 355 
TYR CB  HB3  sing N N 356 
TYR CG  CD1  doub Y N 357 
TYR CG  CD2  sing Y N 358 
TYR CD1 CE1  sing Y N 359 
TYR CD1 HD1  sing N N 360 
TYR CD2 CE2  doub Y N 361 
TYR CD2 HD2  sing N N 362 
TYR CE1 CZ   doub Y N 363 
TYR CE1 HE1  sing N N 364 
TYR CE2 CZ   sing Y N 365 
TYR CE2 HE2  sing N N 366 
TYR CZ  OH   sing N N 367 
TYR OH  HH   sing N N 368 
TYR OXT HXT  sing N N 369 
VAL N   CA   sing N N 370 
VAL N   H    sing N N 371 
VAL N   H2   sing N N 372 
VAL CA  C    sing N N 373 
VAL CA  CB   sing N N 374 
VAL CA  HA   sing N N 375 
VAL C   O    doub N N 376 
VAL C   OXT  sing N N 377 
VAL CB  CG1  sing N N 378 
VAL CB  CG2  sing N N 379 
VAL CB  HB   sing N N 380 
VAL CG1 HG11 sing N N 381 
VAL CG1 HG12 sing N N 382 
VAL CG1 HG13 sing N N 383 
VAL CG2 HG21 sing N N 384 
VAL CG2 HG22 sing N N 385 
VAL CG2 HG23 sing N N 386 
VAL OXT HXT  sing N N 387 
# 
_atom_sites.entry_id                    2IA7 
_atom_sites.fract_transf_matrix[1][1]   0.01276804 
_atom_sites.fract_transf_matrix[1][2]   -0.00536009 
_atom_sites.fract_transf_matrix[1][3]   0.02061008 
_atom_sites.fract_transf_matrix[2][1]   -0.01593225 
_atom_sites.fract_transf_matrix[2][2]   -0.01566016 
_atom_sites.fract_transf_matrix[2][3]   0.00579734 
_atom_sites.fract_transf_matrix[3][1]   0.00787388 
_atom_sites.fract_transf_matrix[3][2]   -0.01086226 
_atom_sites.fract_transf_matrix[3][3]   -0.00770287 
_atom_sites.fract_transf_vector[1]      0.646940 
_atom_sites.fract_transf_vector[2]      0.289478 
_atom_sites.fract_transf_vector[3]      0.638806 
# 
loop_
_atom_type.symbol 
C  
N  
O  
S  
SE 
# 
loop_
_atom_site.group_PDB 
_atom_site.id 
_atom_site.type_symbol 
_atom_site.label_atom_id 
_atom_site.label_alt_id 
_atom_site.label_comp_id 
_atom_site.label_asym_id 
_atom_site.label_entity_id 
_atom_site.label_seq_id 
_atom_site.pdbx_PDB_ins_code 
_atom_site.Cartn_x 
_atom_site.Cartn_y 
_atom_site.Cartn_z 
_atom_site.occupancy 
_atom_site.B_iso_or_equiv 
_atom_site.pdbx_formal_charge 
_atom_site.auth_seq_id 
_atom_site.auth_comp_id 
_atom_site.auth_asym_id 
_atom_site.auth_atom_id 
_atom_site.pdbx_PDB_model_num 
ATOM   1    N  N   . ALA A 1 24  ? 3.967   -11.635 -25.755 1.00 43.12 ? 23  ALA A N   1 
ATOM   2    C  CA  . ALA A 1 24  ? 4.009   -10.177 -26.106 1.00 43.28 ? 23  ALA A CA  1 
ATOM   3    C  C   . ALA A 1 24  ? 4.503   -9.360  -24.921 1.00 42.58 ? 23  ALA A C   1 
ATOM   4    O  O   . ALA A 1 24  ? 3.868   -9.344  -23.848 1.00 42.67 ? 23  ALA A O   1 
ATOM   5    C  CB  . ALA A 1 24  ? 2.640   -9.668  -26.557 1.00 43.75 ? 23  ALA A CB  1 
HETATM 6    N  N   . MSE A 1 25  ? 5.637   -8.685  -25.130 1.00 38.77 ? 24  MSE A N   1 
HETATM 7    C  CA  . MSE A 1 25  ? 6.316   -7.937  -24.089 1.00 38.01 ? 24  MSE A CA  1 
HETATM 8    C  C   . MSE A 1 25  ? 6.224   -6.448  -24.381 1.00 30.75 ? 24  MSE A C   1 
HETATM 9    O  O   . MSE A 1 25  ? 6.264   -6.015  -25.529 1.00 26.54 ? 24  MSE A O   1 
HETATM 10   C  CB  . MSE A 1 25  ? 7.791   -8.337  -24.047 1.00 38.80 ? 24  MSE A CB  1 
HETATM 11   C  CG  . MSE A 1 25  ? 8.069   -9.817  -23.717 1.00 43.78 ? 24  MSE A CG  1 
HETATM 12   SE SE  . MSE A 1 25  ? 9.861   -10.426 -24.217 0.70 52.83 ? 24  MSE A SE  1 
HETATM 13   C  CE  . MSE A 1 25  ? 9.698   -10.378 -26.174 1.00 34.81 ? 24  MSE A CE  1 
ATOM   14   N  N   . VAL A 1 26  ? 6.079   -5.671  -23.332 1.00 27.95 ? 25  VAL A N   1 
ATOM   15   C  CA  . VAL A 1 26  ? 6.288   -4.234  -23.419 1.00 27.38 ? 25  VAL A CA  1 
ATOM   16   C  C   . VAL A 1 26  ? 7.526   -3.865  -22.624 1.00 23.94 ? 25  VAL A C   1 
ATOM   17   O  O   . VAL A 1 26  ? 7.953   -4.606  -21.766 1.00 24.95 ? 25  VAL A O   1 
ATOM   18   C  CB  . VAL A 1 26  ? 5.046   -3.425  -22.959 1.00 27.76 ? 25  VAL A CB  1 
ATOM   19   C  CG1 . VAL A 1 26  ? 3.876   -3.725  -23.891 1.00 31.92 ? 25  VAL A CG1 1 
ATOM   20   C  CG2 . VAL A 1 26  ? 4.684   -3.714  -21.514 1.00 27.10 ? 25  VAL A CG2 1 
ATOM   21   N  N   . LEU A 1 27  ? 8.127   -2.723  -22.970 1.00 21.48 ? 26  LEU A N   1 
ATOM   22   C  CA  . LEU A 1 27  ? 9.212   -2.181  -22.234 1.00 21.96 ? 26  LEU A CA  1 
ATOM   23   C  C   . LEU A 1 27  ? 8.625   -1.044  -21.415 1.00 22.62 ? 26  LEU A C   1 
ATOM   24   O  O   . LEU A 1 27  ? 8.173   -0.035  -21.973 1.00 31.11 ? 26  LEU A O   1 
ATOM   25   C  CB  . LEU A 1 27  ? 10.317  -1.629  -23.152 1.00 22.08 ? 26  LEU A CB  1 
ATOM   26   C  CG  . LEU A 1 27  ? 11.169  -2.672  -23.884 1.00 28.68 ? 26  LEU A CG  1 
ATOM   27   C  CD1 . LEU A 1 27  ? 12.198  -1.962  -24.738 1.00 34.85 ? 26  LEU A CD1 1 
ATOM   28   C  CD2 . LEU A 1 27  ? 11.838  -3.602  -22.914 1.00 31.34 ? 26  LEU A CD2 1 
ATOM   29   N  N   . SER A 1 28  ? 8.629   -1.235  -20.109 1.00 19.05 ? 27  SER A N   1 
ATOM   30   C  CA  A SER A 1 28  ? 8.156   -0.239  -19.167 0.50 19.03 ? 27  SER A CA  1 
ATOM   31   C  CA  B SER A 1 28  ? 8.164   -0.202  -19.196 0.50 18.43 ? 27  SER A CA  1 
ATOM   32   C  C   . SER A 1 28  ? 9.330   0.466   -18.491 1.00 18.78 ? 27  SER A C   1 
ATOM   33   O  O   . SER A 1 28  ? 10.431  -0.057  -18.462 1.00 23.10 ? 27  SER A O   1 
ATOM   34   C  CB  A SER A 1 28  ? 7.292   -0.935  -18.110 0.50 19.44 ? 27  SER A CB  1 
ATOM   35   C  CB  B SER A 1 28  ? 7.189   -0.786  -18.165 0.50 18.73 ? 27  SER A CB  1 
ATOM   36   O  OG  A SER A 1 28  ? 6.370   -1.839  -18.708 0.50 25.31 ? 27  SER A OG  1 
ATOM   37   O  OG  B SER A 1 28  ? 7.782   -1.783  -17.355 0.50 21.98 ? 27  SER A OG  1 
ATOM   38   N  N   . SER A 1 29  ? 9.082   1.610   -17.897 1.00 18.12 ? 28  SER A N   1 
ATOM   39   C  CA  . SER A 1 29  ? 10.151  2.318   -17.208 1.00 18.74 ? 28  SER A CA  1 
ATOM   40   C  C   . SER A 1 29  ? 10.004  2.164   -15.699 1.00 17.17 ? 28  SER A C   1 
ATOM   41   O  O   . SER A 1 29  ? 9.055   1.511   -15.233 1.00 17.09 ? 28  SER A O   1 
ATOM   42   C  CB  . SER A 1 29  ? 10.148  3.767   -17.617 1.00 18.22 ? 28  SER A CB  1 
ATOM   43   O  OG  . SER A 1 29  ? 8.894   4.323   -17.403 1.00 23.75 ? 28  SER A OG  1 
ATOM   44   N  N   . ALA A 1 30  ? 10.938  2.725   -14.925 1.00 17.87 ? 29  ALA A N   1 
ATOM   45   C  CA  . ALA A 1 30  ? 10.909  2.663   -13.487 1.00 17.66 ? 29  ALA A CA  1 
ATOM   46   C  C   . ALA A 1 30  ? 9.602   3.114   -12.907 1.00 15.92 ? 29  ALA A C   1 
ATOM   47   O  O   . ALA A 1 30  ? 9.141   2.556   -11.935 1.00 18.21 ? 29  ALA A O   1 
ATOM   48   C  CB  . ALA A 1 30  ? 12.068  3.469   -12.916 1.00 18.75 ? 29  ALA A CB  1 
ATOM   49   N  N   . GLU A 1 31  ? 8.998   4.139   -13.495 1.00 17.01 ? 30  GLU A N   1 
ATOM   50   C  CA  . GLU A 1 31  ? 7.707   4.693   -13.002 1.00 18.43 ? 30  GLU A CA  1 
ATOM   51   C  C   . GLU A 1 31  ? 6.629   3.614   -12.891 1.00 15.42 ? 30  GLU A C   1 
ATOM   52   O  O   . GLU A 1 31  ? 5.939   3.494   -11.892 1.00 16.91 ? 30  GLU A O   1 
ATOM   53   C  CB  . GLU A 1 31  ? 7.230   5.790   -13.936 1.00 20.04 ? 30  GLU A CB  1 
ATOM   54   C  CG  . GLU A 1 31  ? 8.099   7.043   -13.848 1.00 22.07 ? 30  GLU A CG  1 
ATOM   55   C  CD  . GLU A 1 31  ? 9.344   7.050   -14.769 1.00 20.61 ? 30  GLU A CD  1 
ATOM   56   O  OE1 . GLU A 1 31  ? 9.716   6.023   -15.382 1.00 21.86 ? 30  GLU A OE1 1 
ATOM   57   O  OE2 . GLU A 1 31  ? 9.927   8.127   -14.847 1.00 19.96 ? 30  GLU A OE2 1 
ATOM   58   N  N   . GLU A 1 32  ? 6.546   2.782   -13.904 1.00 16.57 ? 31  GLU A N   1 
ATOM   59   C  CA  . GLU A 1 32  ? 5.573   1.717   -13.942 1.00 17.69 ? 31  GLU A CA  1 
ATOM   60   C  C   . GLU A 1 32  ? 5.999   0.599   -13.046 1.00 16.27 ? 31  GLU A C   1 
ATOM   61   O  O   . GLU A 1 32  ? 5.159   0.015   -12.359 1.00 18.19 ? 31  GLU A O   1 
ATOM   62   C  CB  . GLU A 1 32  ? 5.387   1.200   -15.364 1.00 20.22 ? 31  GLU A CB  1 
ATOM   63   C  CG  . GLU A 1 32  ? 4.959   2.317   -16.376 1.00 27.67 ? 31  GLU A CG  1 
ATOM   64   C  CD  . GLU A 1 32  ? 5.275   1.995   -17.848 1.00 32.66 ? 31  GLU A CD  1 
ATOM   65   O  OE1 . GLU A 1 32  ? 4.401   1.350   -18.480 1.00 41.81 ? 31  GLU A OE1 1 
ATOM   66   O  OE2 . GLU A 1 32  ? 6.373   2.393   -18.361 1.00 31.30 ? 31  GLU A OE2 1 
ATOM   67   N  N   . ASP A 1 33  ? 7.275   0.255   -13.016 1.00 15.00 ? 32  ASP A N   1 
ATOM   68   C  CA  . ASP A 1 33  ? 7.772   -0.750  -12.063 1.00 16.00 ? 32  ASP A CA  1 
ATOM   69   C  C   . ASP A 1 33  ? 7.534   -0.344  -10.606 1.00 15.23 ? 32  ASP A C   1 
ATOM   70   O  O   . ASP A 1 33  ? 7.253   -1.185  -9.805  1.00 15.10 ? 32  ASP A O   1 
ATOM   71   C  CB  . ASP A 1 33  ? 9.250   -0.992  -12.283 1.00 17.23 ? 32  ASP A CB  1 
ATOM   72   C  CG  . ASP A 1 33  ? 9.779   -2.174  -11.493 1.00 18.10 ? 32  ASP A CG  1 
ATOM   73   O  OD1 . ASP A 1 33  ? 9.378   -3.317  -11.784 1.00 20.06 ? 32  ASP A OD1 1 
ATOM   74   O  OD2 . ASP A 1 33  ? 10.609  -1.996  -10.597 1.00 18.74 ? 32  ASP A OD2 1 
ATOM   75   N  N   . ILE A 1 34  ? 7.680   0.950   -10.292 1.00 15.85 ? 33  ILE A N   1 
ATOM   76   C  CA  . ILE A 1 34  ? 7.410   1.485   -8.959  1.00 15.54 ? 33  ILE A CA  1 
ATOM   77   C  C   . ILE A 1 34  ? 5.954   1.319   -8.588  1.00 13.31 ? 33  ILE A C   1 
ATOM   78   O  O   . ILE A 1 34  ? 5.626   0.889   -7.475  1.00 15.19 ? 33  ILE A O   1 
ATOM   79   C  CB  . ILE A 1 34  ? 7.850   2.955   -8.885  1.00 13.79 ? 33  ILE A CB  1 
ATOM   80   C  CG1 . ILE A 1 34  ? 9.374   2.996   -8.844  1.00 15.12 ? 33  ILE A CG1 1 
ATOM   81   C  CG2 . ILE A 1 34  ? 7.249   3.650   -7.636  1.00 13.11 ? 33  ILE A CG2 1 
ATOM   82   C  CD1 . ILE A 1 34  ? 9.919   4.403   -9.048  1.00 18.16 ? 33  ILE A CD1 1 
ATOM   83   N  N   . ALA A 1 35  ? 5.039   1.672   -9.503  1.00 13.74 ? 34  ALA A N   1 
ATOM   84   C  CA  . ALA A 1 35  ? 3.611   1.516   -9.228  1.00 14.43 ? 34  ALA A CA  1 
ATOM   85   C  C   . ALA A 1 35  ? 3.260   0.055   -8.966  1.00 14.21 ? 34  ALA A C   1 
ATOM   86   O  O   . ALA A 1 35  ? 2.594   -0.272  -7.987  1.00 15.01 ? 34  ALA A O   1 
ATOM   87   C  CB  . ALA A 1 35  ? 2.780   2.060   -10.368 1.00 14.55 ? 34  ALA A CB  1 
ATOM   88   N  N   . GLU A 1 36  ? 3.836   -0.834  -9.770  1.00 14.45 ? 35  GLU A N   1 
ATOM   89   C  CA  . GLU A 1 36  ? 3.644   -2.266  -9.561  1.00 14.38 ? 35  GLU A CA  1 
ATOM   90   C  C   . GLU A 1 36  ? 4.216   -2.736  -8.223  1.00 13.58 ? 35  GLU A C   1 
ATOM   91   O  O   . GLU A 1 36  ? 3.604   -3.514  -7.523  1.00 14.17 ? 35  GLU A O   1 
ATOM   92   C  CB  . GLU A 1 36  ? 4.254   -3.027  -10.723 1.00 17.72 ? 35  GLU A CB  1 
ATOM   93   C  CG  . GLU A 1 36  ? 3.989   -4.497  -10.697 1.00 19.09 ? 35  GLU A CG  1 
ATOM   94   C  CD  . GLU A 1 36  ? 4.636   -5.190  -11.873 1.00 18.80 ? 35  GLU A CD  1 
ATOM   95   O  OE1 . GLU A 1 36  ? 5.818   -5.513  -11.764 1.00 22.91 ? 35  GLU A OE1 1 
ATOM   96   O  OE2 . GLU A 1 36  ? 3.961   -5.373  -12.902 1.00 27.73 ? 35  GLU A OE2 1 
ATOM   97   N  N   . SER A 1 37  ? 5.405   -2.263  -7.909  1.00 15.51 ? 36  SER A N   1 
ATOM   98   C  CA  A SER A 1 37  ? 6.065   -2.572  -6.640  0.50 13.53 ? 36  SER A CA  1 
ATOM   99   C  CA  B SER A 1 37  ? 6.054   -2.585  -6.646  0.50 15.00 ? 36  SER A CA  1 
ATOM   100  C  C   . SER A 1 37  ? 5.216   -2.154  -5.414  1.00 13.90 ? 36  SER A C   1 
ATOM   101  O  O   . SER A 1 37  ? 5.024   -2.939  -4.483  1.00 14.82 ? 36  SER A O   1 
ATOM   102  C  CB  A SER A 1 37  ? 7.445   -1.909  -6.559  0.50 13.72 ? 36  SER A CB  1 
ATOM   103  C  CB  B SER A 1 37  ? 7.454   -1.977  -6.619  0.50 14.93 ? 36  SER A CB  1 
ATOM   104  O  OG  A SER A 1 37  ? 7.999   -2.122  -5.264  0.50 9.86  ? 36  SER A OG  1 
ATOM   105  O  OG  B SER A 1 37  ? 8.243   -2.591  -7.616  0.50 22.53 ? 36  SER A OG  1 
ATOM   106  N  N   . ILE A 1 38  ? 4.686   -0.940  -5.447  1.00 14.35 ? 37  ILE A N   1 
ATOM   107  C  CA  . ILE A 1 38  ? 3.768   -0.469  -4.440  1.00 14.21 ? 37  ILE A CA  1 
ATOM   108  C  C   . ILE A 1 38  ? 2.598   -1.448  -4.279  1.00 15.11 ? 37  ILE A C   1 
ATOM   109  O  O   . ILE A 1 38  ? 2.297   -1.886  -3.164  1.00 14.82 ? 37  ILE A O   1 
ATOM   110  C  CB  . ILE A 1 38  ? 3.221   0.931   -4.728  1.00 14.43 ? 37  ILE A CB  1 
ATOM   111  C  CG1 . ILE A 1 38  ? 4.356   1.960   -4.579  1.00 17.08 ? 37  ILE A CG1 1 
ATOM   112  C  CG2 . ILE A 1 38  ? 2.136   1.292   -3.743  1.00 16.16 ? 37  ILE A CG2 1 
ATOM   113  C  CD1 . ILE A 1 38  ? 3.988   3.346   -5.170  1.00 17.18 ? 37  ILE A CD1 1 
ATOM   114  N  N   . ARG A 1 39  ? 2.031   -1.866  -5.372  1.00 14.15 ? 38  ARG A N   1 
ATOM   115  C  CA  . ARG A 1 39  ? 0.911   -2.789  -5.289  1.00 13.47 ? 38  ARG A CA  1 
ATOM   116  C  C   . ARG A 1 39  ? 1.303   -4.138  -4.743  1.00 14.27 ? 38  ARG A C   1 
ATOM   117  O  O   . ARG A 1 39  ? 0.533   -4.780  -4.040  1.00 15.21 ? 38  ARG A O   1 
ATOM   118  C  CB  . ARG A 1 39  ? 0.216   -2.923  -6.645  1.00 12.83 ? 38  ARG A CB  1 
ATOM   119  C  CG  . ARG A 1 39  ? -0.426  -1.627  -7.140  1.00 13.99 ? 38  ARG A CG  1 
ATOM   120  C  CD  . ARG A 1 39  ? -1.184  -1.783  -8.450  1.00 16.23 ? 38  ARG A CD  1 
ATOM   121  N  NE  . ARG A 1 39  ? -0.411  -2.183  -9.632  1.00 22.14 ? 38  ARG A NE  1 
ATOM   122  C  CZ  . ARG A 1 39  ? 0.103   -1.372  -10.566 1.00 20.03 ? 38  ARG A CZ  1 
ATOM   123  N  NH1 . ARG A 1 39  ? -0.125  -0.068  -10.585 1.00 21.28 ? 38  ARG A NH1 1 
ATOM   124  N  NH2 . ARG A 1 39  ? 0.723   -1.930  -11.596 1.00 17.89 ? 38  ARG A NH2 1 
ATOM   125  N  N   . ILE A 1 40  ? 2.477   -4.633  -5.145  1.00 13.54 ? 39  ILE A N   1 
ATOM   126  C  CA  . ILE A 1 40  ? 3.009   -5.901  -4.615  1.00 13.11 ? 39  ILE A CA  1 
ATOM   127  C  C   . ILE A 1 40  ? 3.214   -5.832  -3.132  1.00 14.08 ? 39  ILE A C   1 
ATOM   128  O  O   . ILE A 1 40  ? 2.784   -6.712  -2.399  1.00 14.98 ? 39  ILE A O   1 
ATOM   129  C  CB  . ILE A 1 40  ? 4.307   -6.315  -5.313  1.00 14.22 ? 39  ILE A CB  1 
ATOM   130  C  CG1 . ILE A 1 40  ? 4.043   -6.680  -6.778  1.00 13.62 ? 39  ILE A CG1 1 
ATOM   131  C  CG2 . ILE A 1 40  ? 4.968   -7.474  -4.642  1.00 15.47 ? 39  ILE A CG2 1 
ATOM   132  C  CD1 . ILE A 1 40  ? 5.306   -6.709  -7.627  1.00 15.33 ? 39  ILE A CD1 1 
ATOM   133  N  N   . ILE A 1 41  ? 3.859   -4.780  -2.678  1.00 13.82 ? 40  ILE A N   1 
ATOM   134  C  CA  . ILE A 1 41  ? 4.146   -4.641  -1.262  1.00 13.40 ? 40  ILE A CA  1 
ATOM   135  C  C   . ILE A 1 41  ? 2.902   -4.615  -0.400  1.00 14.03 ? 40  ILE A C   1 
ATOM   136  O  O   . ILE A 1 41  ? 2.798   -5.335  0.578   1.00 15.96 ? 40  ILE A O   1 
ATOM   137  C  CB  . ILE A 1 41  ? 4.981   -3.360  -0.990  1.00 13.30 ? 40  ILE A CB  1 
ATOM   138  C  CG1 . ILE A 1 41  ? 6.341   -3.474  -1.657  1.00 13.80 ? 40  ILE A CG1 1 
ATOM   139  C  CG2 . ILE A 1 41  ? 5.112   -3.085  0.528   1.00 15.60 ? 40  ILE A CG2 1 
ATOM   140  C  CD1 . ILE A 1 41  ? 6.974   -2.149  -1.959  1.00 14.34 ? 40  ILE A CD1 1 
ATOM   141  N  N   . LEU A 1 42  ? 1.908   -3.806  -0.804  1.00 14.41 ? 41  LEU A N   1 
ATOM   142  C  CA  . LEU A 1 42  ? 0.680   -3.623  0.007   1.00 14.52 ? 41  LEU A CA  1 
ATOM   143  C  C   . LEU A 1 42  ? -0.174  -4.915  -0.050  1.00 14.79 ? 41  LEU A C   1 
ATOM   144  O  O   . LEU A 1 42  ? -0.895  -5.230  0.886   1.00 17.72 ? 41  LEU A O   1 
ATOM   145  C  CB  . LEU A 1 42  ? -0.098  -2.393  -0.397  1.00 14.37 ? 41  LEU A CB  1 
ATOM   146  C  CG  . LEU A 1 42  ? 0.655   -1.064  -0.299  1.00 14.68 ? 41  LEU A CG  1 
ATOM   147  C  CD1 . LEU A 1 42  ? -0.236  0.115   -0.670  1.00 15.67 ? 41  LEU A CD1 1 
ATOM   148  C  CD2 . LEU A 1 42  ? 1.284   -0.944  1.117   1.00 16.34 ? 41  LEU A CD2 1 
ATOM   149  N  N   . GLY A 1 43  ? -0.078  -5.638  -1.165  1.00 14.17 ? 42  GLY A N   1 
ATOM   150  C  CA  . GLY A 1 43  ? -0.868  -6.864  -1.338  1.00 17.20 ? 42  GLY A CA  1 
ATOM   151  C  C   . GLY A 1 43  ? -0.256  -8.137  -0.790  1.00 19.49 ? 42  GLY A C   1 
ATOM   152  O  O   . GLY A 1 43  ? -0.846  -9.221  -0.955  1.00 21.28 ? 42  GLY A O   1 
ATOM   153  N  N   . THR A 1 44  ? 0.903   -8.043  -0.157  1.00 16.62 ? 43  THR A N   1 
ATOM   154  C  CA  . THR A 1 44  ? 1.595   -9.189  0.381   1.00 16.62 ? 43  THR A CA  1 
ATOM   155  C  C   . THR A 1 44  ? 1.608   -9.135  1.904   1.00 16.75 ? 43  THR A C   1 
ATOM   156  O  O   . THR A 1 44  ? 2.033   -8.169  2.533   1.00 18.26 ? 43  THR A O   1 
ATOM   157  C  CB  . THR A 1 44  ? 3.064   -9.302  -0.147  1.00 16.38 ? 43  THR A CB  1 
ATOM   158  O  OG1 . THR A 1 44  ? 3.046   -9.291  -1.578  1.00 17.96 ? 43  THR A OG1 1 
ATOM   159  C  CG2 . THR A 1 44  ? 3.761   -10.584 0.344   1.00 17.40 ? 43  THR A CG2 1 
ATOM   160  N  N   . ALA A 1 45  ? 1.109   -10.222 2.522   1.00 19.22 ? 44  ALA A N   1 
ATOM   161  C  CA  . ALA A 1 45  ? 1.241   -10.415 3.933   1.00 18.44 ? 44  ALA A CA  1 
ATOM   162  C  C   . ALA A 1 45  ? 2.637   -10.882 4.274   1.00 19.47 ? 44  ALA A C   1 
ATOM   163  O  O   . ALA A 1 45  ? 3.214   -11.676 3.558   1.00 18.59 ? 44  ALA A O   1 
ATOM   164  C  CB  . ALA A 1 45  ? 0.230   -11.470 4.410   1.00 19.04 ? 44  ALA A CB  1 
ATOM   165  N  N   . ARG A 1 46  ? 3.166   -10.419 5.389   1.00 18.96 ? 45  ARG A N   1 
ATOM   166  C  CA  . ARG A 1 46  ? 4.432   -10.912 5.898   1.00 23.39 ? 45  ARG A CA  1 
ATOM   167  C  C   . ARG A 1 46  ? 4.282   -12.386 6.172   1.00 23.42 ? 45  ARG A C   1 
ATOM   168  O  O   . ARG A 1 46  ? 3.261   -12.806 6.726   1.00 22.71 ? 45  ARG A O   1 
ATOM   169  C  CB  . ARG A 1 46  ? 4.814   -10.122 7.145   1.00 25.21 ? 45  ARG A CB  1 
ATOM   170  C  CG  . ARG A 1 46  ? 5.175   -8.683  6.794   1.00 28.54 ? 45  ARG A CG  1 
ATOM   171  C  CD  . ARG A 1 46  ? 5.774   -7.884  7.924   1.00 31.17 ? 45  ARG A CD  1 
ATOM   172  N  NE  . ARG A 1 46  ? 4.806   -7.660  8.987   1.00 37.26 ? 45  ARG A NE  1 
ATOM   173  C  CZ  . ARG A 1 46  ? 4.691   -6.540  9.712   1.00 42.61 ? 45  ARG A CZ  1 
ATOM   174  N  NH1 . ARG A 1 46  ? 5.475   -5.483  9.499   1.00 43.75 ? 45  ARG A NH1 1 
ATOM   175  N  NH2 . ARG A 1 46  ? 3.764   -6.473  10.664  1.00 42.85 ? 45  ARG A NH2 1 
ATOM   176  N  N   . GLY A 1 47  ? 5.261   -13.166 5.719   1.00 22.41 ? 46  GLY A N   1 
ATOM   177  C  CA  . GLY A 1 47  ? 5.197   -14.621 5.783   1.00 23.64 ? 46  GLY A CA  1 
ATOM   178  C  C   . GLY A 1 47  ? 4.692   -15.317 4.535   1.00 25.39 ? 46  GLY A C   1 
ATOM   179  O  O   . GLY A 1 47  ? 4.862   -16.537 4.405   1.00 26.81 ? 46  GLY A O   1 
ATOM   180  N  N   . GLU A 1 48  ? 4.101   -14.561 3.611   1.00 23.97 ? 47  GLU A N   1 
ATOM   181  C  CA  . GLU A 1 48  ? 3.546   -15.089 2.361   1.00 26.33 ? 47  GLU A CA  1 
ATOM   182  C  C   . GLU A 1 48  ? 4.655   -15.597 1.460   1.00 26.64 ? 47  GLU A C   1 
ATOM   183  O  O   . GLU A 1 48  ? 4.525   -16.648 0.831   1.00 26.12 ? 47  GLU A O   1 
ATOM   184  C  CB  . GLU A 1 48  ? 2.737   -14.005 1.654   1.00 25.28 ? 47  GLU A CB  1 
ATOM   185  C  CG  . GLU A 1 48  ? 1.960   -14.415 0.401   1.00 25.72 ? 47  GLU A CG  1 
ATOM   186  C  CD  . GLU A 1 48  ? 0.953   -13.304 -0.126  1.00 35.76 ? 47  GLU A CD  1 
ATOM   187  O  OE1 . GLU A 1 48  ? 0.273   -12.544 0.680   1.00 30.02 ? 47  GLU A OE1 1 
ATOM   188  O  OE2 . GLU A 1 48  ? 0.817   -13.230 -1.385  1.00 42.57 ? 47  GLU A OE2 1 
ATOM   189  N  N   . ARG A 1 49  ? 5.759   -14.862 1.422   1.00 23.52 ? 48  ARG A N   1 
ATOM   190  C  CA  . ARG A 1 49  ? 6.925   -15.259 0.662   1.00 25.48 ? 48  ARG A CA  1 
ATOM   191  C  C   . ARG A 1 49  ? 7.772   -16.135 1.527   1.00 27.79 ? 48  ARG A C   1 
ATOM   192  O  O   . ARG A 1 49  ? 8.380   -15.679 2.501   1.00 28.13 ? 48  ARG A O   1 
ATOM   193  C  CB  . ARG A 1 49  ? 7.723   -14.056 0.260   1.00 25.28 ? 48  ARG A CB  1 
ATOM   194  C  CG  . ARG A 1 49  ? 6.983   -13.201 -0.677  1.00 25.34 ? 48  ARG A CG  1 
ATOM   195  C  CD  . ARG A 1 49  ? 7.938   -12.314 -1.407  1.00 34.28 ? 48  ARG A CD  1 
ATOM   196  N  NE  . ARG A 1 49  ? 7.273   -11.696 -2.538  1.00 37.66 ? 48  ARG A NE  1 
ATOM   197  C  CZ  . ARG A 1 49  ? 7.865   -10.832 -3.344  1.00 40.84 ? 48  ARG A CZ  1 
ATOM   198  N  NH1 . ARG A 1 49  ? 9.141   -10.493 -3.148  1.00 49.49 ? 48  ARG A NH1 1 
ATOM   199  N  NH2 . ARG A 1 49  ? 7.185   -10.315 -4.354  1.00 44.54 ? 48  ARG A NH2 1 
ATOM   200  N  N   . VAL A 1 50  ? 7.808   -17.409 1.154   1.00 27.45 ? 49  VAL A N   1 
ATOM   201  C  CA  . VAL A 1 50  ? 8.547   -18.431 1.886   1.00 30.54 ? 49  VAL A CA  1 
ATOM   202  C  C   . VAL A 1 50  ? 10.009  -18.037 2.084   1.00 31.29 ? 49  VAL A C   1 
ATOM   203  O  O   . VAL A 1 50  ? 10.546  -18.176 3.177   1.00 32.32 ? 49  VAL A O   1 
ATOM   204  C  CB  . VAL A 1 50  ? 8.450   -19.780 1.138   1.00 32.25 ? 49  VAL A CB  1 
ATOM   205  C  CG1 . VAL A 1 50  ? 9.483   -20.797 1.668   1.00 35.87 ? 49  VAL A CG1 1 
ATOM   206  C  CG2 . VAL A 1 50  ? 7.038   -20.313 1.239   1.00 38.44 ? 49  VAL A CG2 1 
HETATM 207  N  N   . MSE A 1 51  ? 10.660  -17.532 1.041   1.00 32.41 ? 50  MSE A N   1 
HETATM 208  C  CA  . MSE A 1 51  ? 12.075  -17.191 1.165   1.00 32.79 ? 50  MSE A CA  1 
HETATM 209  C  C   . MSE A 1 51  ? 12.325  -15.808 1.730   1.00 34.01 ? 50  MSE A C   1 
HETATM 210  O  O   . MSE A 1 51  ? 13.452  -15.515 2.103   1.00 34.45 ? 50  MSE A O   1 
HETATM 211  C  CB  . MSE A 1 51  ? 12.833  -17.379 -0.158  1.00 32.89 ? 50  MSE A CB  1 
HETATM 212  C  CG  . MSE A 1 51  ? 12.951  -18.824 -0.598  1.00 34.51 ? 50  MSE A CG  1 
HETATM 213  SE SE  . MSE A 1 51  ? 13.708  -19.905 0.838   0.70 41.91 ? 50  MSE A SE  1 
HETATM 214  C  CE  . MSE A 1 51  ? 15.459  -19.019 1.049   1.00 39.90 ? 50  MSE A CE  1 
ATOM   215  N  N   . ARG A 1 52  ? 11.308  -14.943 1.789   1.00 30.60 ? 51  ARG A N   1 
ATOM   216  C  CA  . ARG A 1 52  ? 11.485  -13.636 2.423   1.00 29.69 ? 51  ARG A CA  1 
ATOM   217  C  C   . ARG A 1 52  ? 10.293  -13.303 3.332   1.00 28.62 ? 51  ARG A C   1 
ATOM   218  O  O   . ARG A 1 52  ? 9.460   -12.453 3.019   1.00 22.96 ? 51  ARG A O   1 
ATOM   219  C  CB  . ARG A 1 52  ? 11.747  -12.562 1.361   1.00 31.56 ? 51  ARG A CB  1 
ATOM   220  C  CG  . ARG A 1 52  ? 12.893  -11.612 1.761   1.00 36.52 ? 51  ARG A CG  1 
ATOM   221  N  N   . PRO A 1 53  ? 10.219  -13.958 4.489   1.00 27.09 ? 52  PRO A N   1 
ATOM   222  C  CA  . PRO A 1 53  ? 9.068   -13.867 5.392   1.00 28.06 ? 52  PRO A CA  1 
ATOM   223  C  C   . PRO A 1 53  ? 8.816   -12.484 5.995   1.00 26.73 ? 52  PRO A C   1 
ATOM   224  O  O   . PRO A 1 53  ? 7.719   -12.228 6.474   1.00 29.21 ? 52  PRO A O   1 
ATOM   225  C  CB  . PRO A 1 53  ? 9.402   -14.894 6.484   1.00 29.78 ? 52  PRO A CB  1 
ATOM   226  C  CG  . PRO A 1 53  ? 10.910  -14.965 6.454   1.00 28.67 ? 52  PRO A CG  1 
ATOM   227  C  CD  . PRO A 1 53  ? 11.255  -14.874 5.007   1.00 28.45 ? 52  PRO A CD  1 
ATOM   228  N  N   . ASP A 1 54  ? 9.812   -11.597 5.964   1.00 27.66 ? 53  ASP A N   1 
ATOM   229  C  CA  A ASP A 1 54  ? 9.651   -10.216 6.438   0.50 27.57 ? 53  ASP A CA  1 
ATOM   230  C  CA  B ASP A 1 54  ? 9.639   -10.225 6.445   0.50 26.37 ? 53  ASP A CA  1 
ATOM   231  C  C   . ASP A 1 54  ? 9.001   -9.282  5.406   1.00 24.25 ? 53  ASP A C   1 
ATOM   232  O  O   . ASP A 1 54  ? 8.552   -8.200  5.738   1.00 25.59 ? 53  ASP A O   1 
ATOM   233  C  CB  A ASP A 1 54  ? 11.009  -9.626  6.830   0.50 29.56 ? 53  ASP A CB  1 
ATOM   234  C  CB  B ASP A 1 54  ? 10.976  -9.656  6.940   0.50 27.92 ? 53  ASP A CB  1 
ATOM   235  C  CG  A ASP A 1 54  ? 11.546  -10.185 8.135   0.50 35.43 ? 53  ASP A CG  1 
ATOM   236  C  CG  B ASP A 1 54  ? 12.060  -9.615  5.858   0.50 26.23 ? 53  ASP A CG  1 
ATOM   237  O  OD1 A ASP A 1 54  ? 11.086  -11.266 8.581   0.50 42.91 ? 53  ASP A OD1 1 
ATOM   238  O  OD1 B ASP A 1 54  ? 12.082  -10.474 4.941   0.50 34.59 ? 53  ASP A OD1 1 
ATOM   239  O  OD2 A ASP A 1 54  ? 12.442  -9.529  8.713   0.50 41.86 ? 53  ASP A OD2 1 
ATOM   240  O  OD2 B ASP A 1 54  ? 12.919  -8.713  5.944   0.50 37.15 ? 53  ASP A OD2 1 
ATOM   241  N  N   . PHE A 1 55  ? 8.967   -9.692  4.148   1.00 21.44 ? 54  PHE A N   1 
ATOM   242  C  CA  . PHE A 1 55  ? 8.435   -8.858  3.099   1.00 20.52 ? 54  PHE A CA  1 
ATOM   243  C  C   . PHE A 1 55  ? 6.925   -8.757  3.132   1.00 19.46 ? 54  PHE A C   1 
ATOM   244  O  O   . PHE A 1 55  ? 6.244   -9.771  3.218   1.00 19.03 ? 54  PHE A O   1 
ATOM   245  C  CB  . PHE A 1 55  ? 8.854   -9.390  1.740   1.00 17.60 ? 54  PHE A CB  1 
ATOM   246  C  CG  . PHE A 1 55  ? 8.360   -8.553  0.588   1.00 15.71 ? 54  PHE A CG  1 
ATOM   247  C  CD1 . PHE A 1 55  ? 9.069   -7.479  0.107   1.00 14.89 ? 54  PHE A CD1 1 
ATOM   248  C  CD2 . PHE A 1 55  ? 7.154   -8.877  -0.041  1.00 18.46 ? 54  PHE A CD2 1 
ATOM   249  C  CE1 . PHE A 1 55  ? 8.557   -6.705  -0.919  1.00 18.81 ? 54  PHE A CE1 1 
ATOM   250  C  CE2 . PHE A 1 55  ? 6.658   -8.110  -1.107  1.00 19.49 ? 54  PHE A CE2 1 
ATOM   251  C  CZ  . PHE A 1 55  ? 7.362   -7.033  -1.534  1.00 18.77 ? 54  PHE A CZ  1 
ATOM   252  N  N   . GLY A 1 56  ? 6.411   -7.535  2.971   1.00 17.62 ? 55  GLY A N   1 
ATOM   253  C  CA  . GLY A 1 56  ? 4.992   -7.264  2.927   1.00 18.10 ? 55  GLY A CA  1 
ATOM   254  C  C   . GLY A 1 56  ? 4.570   -6.100  3.796   1.00 16.78 ? 55  GLY A C   1 
ATOM   255  O  O   . GLY A 1 56  ? 5.384   -5.256  4.221   1.00 18.80 ? 55  GLY A O   1 
ATOM   256  N  N   . CYS A 1 57  ? 3.264   -6.044  4.042   1.00 18.13 ? 56  CYS A N   1 
ATOM   257  C  CA  . CYS A 1 57  ? 2.627   -4.949  4.743   1.00 17.35 ? 56  CYS A CA  1 
ATOM   258  C  C   . CYS A 1 57  ? 1.884   -5.470  5.989   1.00 20.32 ? 56  CYS A C   1 
ATOM   259  O  O   . CYS A 1 57  ? 1.136   -6.460  5.922   1.00 18.63 ? 56  CYS A O   1 
ATOM   260  C  CB  . CYS A 1 57  ? 1.660   -4.228  3.815   1.00 18.12 ? 56  CYS A CB  1 
ATOM   261  S  SG  . CYS A 1 57  ? 0.775   -2.872  4.558   1.00 19.00 ? 56  CYS A SG  1 
ATOM   262  N  N   . GLY A 1 58  ? 2.104   -4.826  7.123   1.00 18.23 ? 57  GLY A N   1 
ATOM   263  C  CA  . GLY A 1 58  ? 1.543   -5.285  8.368   1.00 21.37 ? 57  GLY A CA  1 
ATOM   264  C  C   . GLY A 1 58  ? 0.040   -5.216  8.481   1.00 21.27 ? 57  GLY A C   1 
ATOM   265  O  O   . GLY A 1 58  ? -0.523  -5.803  9.393   1.00 21.67 ? 57  GLY A O   1 
ATOM   266  N  N   . ILE A 1 59  ? -0.633  -4.501  7.579   1.00 21.51 ? 58  ILE A N   1 
ATOM   267  C  CA  A ILE A 1 59  ? -2.083  -4.430  7.602   0.70 21.53 ? 58  ILE A CA  1 
ATOM   268  C  CA  B ILE A 1 59  ? -2.098  -4.431  7.523   0.30 20.49 ? 58  ILE A CA  1 
ATOM   269  C  C   . ILE A 1 59  ? -2.743  -5.820  7.563   1.00 22.07 ? 58  ILE A C   1 
ATOM   270  O  O   . ILE A 1 59  ? -3.793  -6.026  8.190   1.00 22.27 ? 58  ILE A O   1 
ATOM   271  C  CB  A ILE A 1 59  ? -2.627  -3.545  6.468   0.70 22.27 ? 58  ILE A CB  1 
ATOM   272  C  CB  B ILE A 1 59  ? -2.557  -3.681  6.236   0.30 19.30 ? 58  ILE A CB  1 
ATOM   273  C  CG1 A ILE A 1 59  ? -4.025  -3.029  6.841   0.70 31.64 ? 58  ILE A CG1 1 
ATOM   274  C  CG1 B ILE A 1 59  ? -2.429  -2.166  6.447   0.30 16.56 ? 58  ILE A CG1 1 
ATOM   275  C  CG2 A ILE A 1 59  ? -2.587  -4.275  5.140   0.70 25.62 ? 58  ILE A CG2 1 
ATOM   276  C  CG2 B ILE A 1 59  ? -3.982  -4.032  5.859   0.30 17.03 ? 58  ILE A CG2 1 
ATOM   277  C  CD1 A ILE A 1 59  ? -4.036  -2.290  8.193   0.70 26.97 ? 58  ILE A CD1 1 
ATOM   278  C  CD1 B ILE A 1 59  ? -2.999  -1.332  5.345   0.30 24.11 ? 58  ILE A CD1 1 
ATOM   279  N  N   . HIS A 1 60  ? -2.106  -6.784  6.891   1.00 20.35 ? 59  HIS A N   1 
ATOM   280  C  CA  . HIS A 1 60  ? -2.644  -8.125  6.758   1.00 21.25 ? 59  HIS A CA  1 
ATOM   281  C  C   . HIS A 1 60  ? -2.630  -8.894  8.076   1.00 23.83 ? 59  HIS A C   1 
ATOM   282  O  O   . HIS A 1 60  ? -3.308  -9.903  8.174   1.00 27.24 ? 59  HIS A O   1 
ATOM   283  C  CB  . HIS A 1 60  ? -1.862  -8.901  5.676   1.00 21.92 ? 59  HIS A CB  1 
ATOM   284  C  CG  . HIS A 1 60  ? -1.979  -8.286  4.306   1.00 22.48 ? 59  HIS A CG  1 
ATOM   285  N  ND1 . HIS A 1 60  ? -3.030  -8.551  3.456   1.00 28.44 ? 59  HIS A ND1 1 
ATOM   286  C  CD2 . HIS A 1 60  ? -1.204  -7.384  3.673   1.00 21.02 ? 59  HIS A CD2 1 
ATOM   287  C  CE1 . HIS A 1 60  ? -2.874  -7.854  2.338   1.00 29.56 ? 59  HIS A CE1 1 
ATOM   288  N  NE2 . HIS A 1 60  ? -1.773  -7.136  2.446   1.00 21.84 ? 59  HIS A NE2 1 
ATOM   289  N  N   . ASP A 1 61  ? -1.858  -8.443  9.069   1.00 25.12 ? 60  ASP A N   1 
ATOM   290  C  CA  . ASP A 1 61  ? -1.835  -9.092  10.390  1.00 25.29 ? 60  ASP A CA  1 
ATOM   291  C  C   . ASP A 1 61  ? -2.960  -8.630  11.339  1.00 25.58 ? 60  ASP A C   1 
ATOM   292  O  O   . ASP A 1 61  ? -3.169  -9.231  12.384  1.00 29.66 ? 60  ASP A O   1 
ATOM   293  C  CB  . ASP A 1 61  ? -0.503  -8.854  11.058  1.00 24.83 ? 60  ASP A CB  1 
ATOM   294  C  CG  . ASP A 1 61  ? 0.657   -9.396  10.240  1.00 34.49 ? 60  ASP A CG  1 
ATOM   295  O  OD1 . ASP A 1 61  ? 0.528   -10.515 9.704   1.00 50.63 ? 60  ASP A OD1 1 
ATOM   296  O  OD2 . ASP A 1 61  ? 1.688   -8.709  10.137  1.00 44.50 ? 60  ASP A OD2 1 
ATOM   297  N  N   . ARG A 1 62  ? -3.688  -7.590  10.956  1.00 23.45 ? 61  ARG A N   1 
ATOM   298  C  CA  . ARG A 1 62  ? -4.613  -6.931  11.862  1.00 23.11 ? 61  ARG A CA  1 
ATOM   299  C  C   . ARG A 1 62  ? -6.013  -7.517  11.774  1.00 22.86 ? 61  ARG A C   1 
ATOM   300  O  O   . ARG A 1 62  ? -6.453  -7.860  10.697  1.00 23.53 ? 61  ARG A O   1 
ATOM   301  C  CB  . ARG A 1 62  ? -4.716  -5.472  11.502  1.00 22.99 ? 61  ARG A CB  1 
ATOM   302  C  CG  . ARG A 1 62  ? -3.414  -4.697  11.575  1.00 31.55 ? 61  ARG A CG  1 
ATOM   303  C  CD  . ARG A 1 62  ? -3.388  -3.866  12.822  1.00 31.60 ? 61  ARG A CD  1 
ATOM   304  N  NE  . ARG A 1 62  ? -2.114  -3.163  13.000  1.00 30.27 ? 61  ARG A NE  1 
ATOM   305  C  CZ  . ARG A 1 62  ? -1.702  -2.720  14.194  1.00 25.03 ? 61  ARG A CZ  1 
ATOM   306  N  NH1 . ARG A 1 62  ? -2.470  -2.888  15.249  1.00 27.52 ? 61  ARG A NH1 1 
ATOM   307  N  NH2 . ARG A 1 62  ? -0.540  -2.102  14.314  1.00 29.22 ? 61  ARG A NH2 1 
ATOM   308  N  N   . VAL A 1 63  ? -6.702  -7.586  12.913  1.00 25.95 ? 62  VAL A N   1 
ATOM   309  C  CA  . VAL A 1 63  ? -8.152  -7.829  12.952  1.00 27.42 ? 62  VAL A CA  1 
ATOM   310  C  C   . VAL A 1 63  ? -8.762  -6.629  13.635  1.00 26.02 ? 62  VAL A C   1 
ATOM   311  O  O   . VAL A 1 63  ? -8.217  -6.159  14.626  1.00 28.63 ? 62  VAL A O   1 
ATOM   312  C  CB  . VAL A 1 63  ? -8.517  -9.114  13.708  1.00 27.82 ? 62  VAL A CB  1 
ATOM   313  C  CG1 . VAL A 1 63  ? -10.024 -9.359  13.632  1.00 30.25 ? 62  VAL A CG1 1 
ATOM   314  C  CG2 . VAL A 1 63  ? -7.773  -10.296 13.117  1.00 32.73 ? 62  VAL A CG2 1 
ATOM   315  N  N   . PHE A 1 64  ? -9.847  -6.102  13.064  1.00 23.07 ? 63  PHE A N   1 
ATOM   316  C  CA  . PHE A 1 64  ? -10.502 -4.902  13.567  1.00 25.25 ? 63  PHE A CA  1 
ATOM   317  C  C   . PHE A 1 64  ? -11.912 -5.224  14.029  1.00 27.06 ? 63  PHE A C   1 
ATOM   318  O  O   . PHE A 1 64  ? -12.705 -5.745  13.270  1.00 30.14 ? 63  PHE A O   1 
ATOM   319  C  CB  . PHE A 1 64  ? -10.557 -3.826  12.503  1.00 24.56 ? 63  PHE A CB  1 
ATOM   320  C  CG  . PHE A 1 64  ? -9.213  -3.399  12.041  1.00 25.76 ? 63  PHE A CG  1 
ATOM   321  C  CD1 . PHE A 1 64  ? -8.446  -2.529  12.801  1.00 26.04 ? 63  PHE A CD1 1 
ATOM   322  C  CD2 . PHE A 1 64  ? -8.690  -3.904  10.873  1.00 28.78 ? 63  PHE A CD2 1 
ATOM   323  C  CE1 . PHE A 1 64  ? -7.176  -2.139  12.360  1.00 25.61 ? 63  PHE A CE1 1 
ATOM   324  C  CE2 . PHE A 1 64  ? -7.429  -3.512  10.432  1.00 26.19 ? 63  PHE A CE2 1 
ATOM   325  C  CZ  . PHE A 1 64  ? -6.676  -2.632  11.197  1.00 26.13 ? 63  PHE A CZ  1 
ATOM   326  N  N   . SER A 1 65  ? -12.199 -4.908  15.282  1.00 29.98 ? 64  SER A N   1 
ATOM   327  C  CA  . SER A 1 65  ? -13.533 -5.010  15.839  1.00 30.33 ? 64  SER A CA  1 
ATOM   328  C  C   . SER A 1 65  ? -14.295 -3.799  15.401  1.00 31.18 ? 64  SER A C   1 
ATOM   329  O  O   . SER A 1 65  ? -15.489 -3.863  15.122  1.00 32.49 ? 64  SER A O   1 
ATOM   330  C  CB  . SER A 1 65  ? -13.476 -4.980  17.376  1.00 31.19 ? 64  SER A CB  1 
ATOM   331  O  OG  . SER A 1 65  ? -12.814 -6.102  17.908  1.00 41.01 ? 64  SER A OG  1 
ATOM   332  N  N   . VAL A 1 66  ? -13.579 -2.676  15.411  1.00 29.06 ? 65  VAL A N   1 
ATOM   333  C  CA  A VAL A 1 66  ? -14.120 -1.393  15.018  0.70 29.28 ? 65  VAL A CA  1 
ATOM   334  C  CA  B VAL A 1 66  ? -14.118 -1.391  15.022  0.30 28.69 ? 65  VAL A CA  1 
ATOM   335  C  C   . VAL A 1 66  ? -13.080 -0.662  14.185  1.00 28.73 ? 65  VAL A C   1 
ATOM   336  O  O   . VAL A 1 66  ? -11.874 -0.778  14.433  1.00 30.14 ? 65  VAL A O   1 
ATOM   337  C  CB  A VAL A 1 66  ? -14.464 -0.537  16.251  0.70 28.90 ? 65  VAL A CB  1 
ATOM   338  C  CB  B VAL A 1 66  ? -14.457 -0.523  16.255  0.30 28.37 ? 65  VAL A CB  1 
ATOM   339  C  CG1 A VAL A 1 66  ? -14.821 0.862   15.835  0.70 27.39 ? 65  VAL A CG1 1 
ATOM   340  C  CG1 B VAL A 1 66  ? -13.189 -0.112  16.991  0.30 25.43 ? 65  VAL A CG1 1 
ATOM   341  C  CG2 A VAL A 1 66  ? -15.613 -1.172  17.031  0.70 29.90 ? 65  VAL A CG2 1 
ATOM   342  C  CG2 B VAL A 1 66  ? -15.248 0.698   15.843  0.30 27.40 ? 65  VAL A CG2 1 
ATOM   343  N  N   . ILE A 1 67  ? -13.538 0.072   13.194  1.00 26.89 ? 66  ILE A N   1 
ATOM   344  C  CA  . ILE A 1 67  ? -12.645 0.962   12.483  1.00 25.61 ? 66  ILE A CA  1 
ATOM   345  C  C   . ILE A 1 67  ? -13.104 2.391   12.737  1.00 23.65 ? 66  ILE A C   1 
ATOM   346  O  O   . ILE A 1 67  ? -14.109 2.838   12.199  1.00 23.28 ? 66  ILE A O   1 
ATOM   347  C  CB  . ILE A 1 67  ? -12.587 0.615   11.000  1.00 26.87 ? 66  ILE A CB  1 
ATOM   348  C  CG1 . ILE A 1 67  ? -11.944 -0.781  10.858  1.00 28.13 ? 66  ILE A CG1 1 
ATOM   349  C  CG2 . ILE A 1 67  ? -11.791 1.696   10.251  1.00 26.71 ? 66  ILE A CG2 1 
ATOM   350  C  CD1 . ILE A 1 67  ? -12.278 -1.454  9.541   1.00 33.87 ? 66  ILE A CD1 1 
ATOM   351  N  N   . ASN A 1 68  ? -12.406 3.070   13.659  1.00 22.14 ? 67  ASN A N   1 
ATOM   352  C  CA  . ASN A 1 68  ? -12.745 4.438   13.921  1.00 21.99 ? 67  ASN A CA  1 
ATOM   353  C  C   . ASN A 1 68  ? -11.825 5.342   13.118  1.00 19.72 ? 67  ASN A C   1 
ATOM   354  O  O   . ASN A 1 68  ? -10.980 4.868   12.341  1.00 19.80 ? 67  ASN A O   1 
ATOM   355  C  CB  . ASN A 1 68  ? -12.808 4.722   15.444  1.00 19.70 ? 67  ASN A CB  1 
ATOM   356  C  CG  . ASN A 1 68  ? -11.505 4.433   16.158  1.00 24.96 ? 67  ASN A CG  1 
ATOM   357  O  OD1 . ASN A 1 68  ? -10.469 4.993   15.808  1.00 18.99 ? 67  ASN A OD1 1 
ATOM   358  N  ND2 . ASN A 1 68  ? -11.557 3.598   17.189  1.00 22.38 ? 67  ASN A ND2 1 
ATOM   359  N  N   . THR A 1 69  ? -11.985 6.633   13.301  1.00 20.89 ? 68  THR A N   1 
ATOM   360  C  CA  . THR A 1 69  ? -11.184 7.600   12.601  1.00 21.69 ? 68  THR A CA  1 
ATOM   361  C  C   . THR A 1 69  ? -9.683  7.449   12.936  1.00 22.75 ? 68  THR A C   1 
ATOM   362  O  O   . THR A 1 69  ? -8.811  7.680   12.099  1.00 21.99 ? 68  THR A O   1 
ATOM   363  C  CB  . THR A 1 69  ? -11.649 9.003   12.953  1.00 26.21 ? 68  THR A CB  1 
ATOM   364  O  OG1 . THR A 1 69  ? -13.005 9.161   12.503  1.00 33.84 ? 68  THR A OG1 1 
ATOM   365  C  CG2 . THR A 1 69  ? -10.776 10.051  12.268  1.00 31.37 ? 68  THR A CG2 1 
ATOM   366  N  N   . THR A 1 70  ? -9.379  7.073   14.177  1.00 19.86 ? 69  THR A N   1 
ATOM   367  C  CA  . THR A 1 70  ? -7.958  6.900   14.566  1.00 20.52 ? 69  THR A CA  1 
ATOM   368  C  C   . THR A 1 70  ? -7.390  5.626   13.935  1.00 20.36 ? 69  THR A C   1 
ATOM   369  O  O   . THR A 1 70  ? -6.205  5.568   13.576  1.00 17.22 ? 69  THR A O   1 
ATOM   370  C  CB  . THR A 1 70  ? -7.720  6.906   16.110  1.00 18.96 ? 69  THR A CB  1 
ATOM   371  O  OG1 . THR A 1 70  ? -8.028  5.631   16.663  1.00 16.84 ? 69  THR A OG1 1 
ATOM   372  C  CG2 . THR A 1 70  ? -8.530  7.985   16.849  1.00 16.14 ? 69  THR A CG2 1 
ATOM   373  N  N   . THR A 1 71  ? -8.224  4.593   13.796  1.00 18.71 ? 70  THR A N   1 
ATOM   374  C  CA  . THR A 1 71  ? -7.834  3.390   13.084  1.00 18.80 ? 70  THR A CA  1 
ATOM   375  C  C   . THR A 1 71  ? -7.417  3.677   11.645  1.00 19.86 ? 70  THR A C   1 
ATOM   376  O  O   . THR A 1 71  ? -6.489  3.056   11.114  1.00 19.57 ? 70  THR A O   1 
ATOM   377  C  CB  . THR A 1 71  ? -9.048  2.445   13.006  1.00 17.65 ? 70  THR A CB  1 
ATOM   378  O  OG1 . THR A 1 71  ? -9.689  2.426   14.285  1.00 19.33 ? 70  THR A OG1 1 
ATOM   379  C  CG2 . THR A 1 71  ? -8.607  1.038   12.660  1.00 21.68 ? 70  THR A CG2 1 
ATOM   380  N  N   . LEU A 1 72  ? -8.108  4.578   10.968  1.00 20.58 ? 71  LEU A N   1 
ATOM   381  C  CA  . LEU A 1 72  ? -7.726  4.913   9.599   1.00 18.95 ? 71  LEU A CA  1 
ATOM   382  C  C   . LEU A 1 72  ? -6.277  5.386   9.585   1.00 18.46 ? 71  LEU A C   1 
ATOM   383  O  O   . LEU A 1 72  ? -5.525  5.027   8.669   1.00 16.43 ? 71  LEU A O   1 
ATOM   384  C  CB  . LEU A 1 72  ? -8.667  5.969   8.993   1.00 18.24 ? 71  LEU A CB  1 
ATOM   385  C  CG  . LEU A 1 72  ? -10.111 5.507   8.747   1.00 17.65 ? 71  LEU A CG  1 
ATOM   386  C  CD1 . LEU A 1 72  ? -10.936 6.704   8.272   1.00 18.74 ? 71  LEU A CD1 1 
ATOM   387  C  CD2 . LEU A 1 72  ? -10.274 4.350   7.759   1.00 21.54 ? 71  LEU A CD2 1 
ATOM   388  N  N   . GLY A 1 73  ? -5.874  6.172   10.577  1.00 17.12 ? 72  GLY A N   1 
ATOM   389  C  CA  . GLY A 1 73  ? -4.497  6.604   10.690  1.00 16.83 ? 72  GLY A CA  1 
ATOM   390  C  C   . GLY A 1 73  ? -3.527  5.470   10.918  1.00 17.32 ? 72  GLY A C   1 
ATOM   391  O  O   . GLY A 1 73  ? -2.435  5.452   10.378  1.00 16.08 ? 72  GLY A O   1 
ATOM   392  N  N   . LEU A 1 74  ? -3.919  4.490   11.694  1.00 16.74 ? 73  LEU A N   1 
ATOM   393  C  CA  . LEU A 1 74  ? -3.118  3.300   11.905  1.00 18.54 ? 73  LEU A CA  1 
ATOM   394  C  C   . LEU A 1 74  ? -2.894  2.553   10.599  1.00 19.95 ? 73  LEU A C   1 
ATOM   395  O  O   . LEU A 1 74  ? -1.726  2.196   10.300  1.00 18.50 ? 73  LEU A O   1 
ATOM   396  C  CB  . LEU A 1 74  ? -3.815  2.425   12.908  1.00 19.59 ? 73  LEU A CB  1 
ATOM   397  C  CG  . LEU A 1 74  ? -3.127  1.163   13.386  1.00 21.37 ? 73  LEU A CG  1 
ATOM   398  C  CD1 . LEU A 1 74  ? -3.542  0.813   14.776  1.00 26.98 ? 73  LEU A CD1 1 
ATOM   399  C  CD2 . LEU A 1 74  ? -3.479  0.042   12.435  1.00 22.15 ? 73  LEU A CD2 1 
ATOM   400  N  N   . ILE A 1 75  ? -3.960  2.390   9.801   1.00 18.94 ? 74  ILE A N   1 
ATOM   401  C  CA  . ILE A 1 75  ? -3.907  1.768   8.479   1.00 17.20 ? 74  ILE A CA  1 
ATOM   402  C  C   . ILE A 1 75  ? -2.979  2.540   7.551   1.00 16.81 ? 74  ILE A C   1 
ATOM   403  O  O   . ILE A 1 75  ? -2.079  1.968   6.946   1.00 16.31 ? 74  ILE A O   1 
ATOM   404  C  CB  . ILE A 1 75  ? -5.289  1.623   7.890   1.00 17.20 ? 74  ILE A CB  1 
ATOM   405  C  CG1 . ILE A 1 75  ? -6.066  0.638   8.780   1.00 16.70 ? 74  ILE A CG1 1 
ATOM   406  C  CG2 . ILE A 1 75  ? -5.246  1.228   6.420   1.00 18.10 ? 74  ILE A CG2 1 
ATOM   407  C  CD1 . ILE A 1 75  ? -7.608  0.774   8.547   1.00 20.62 ? 74  ILE A CD1 1 
ATOM   408  N  N   . GLU A 1 76  ? -3.119  3.848   7.563   1.00 16.15 ? 75  GLU A N   1 
ATOM   409  C  CA  . GLU A 1 76  ? -2.229  4.727   6.836   1.00 15.71 ? 75  GLU A CA  1 
ATOM   410  C  C   . GLU A 1 76  ? -0.781  4.484   7.193   1.00 13.85 ? 75  GLU A C   1 
ATOM   411  O  O   . GLU A 1 76  ? 0.078   4.459   6.320   1.00 15.79 ? 75  GLU A O   1 
ATOM   412  C  CB  . GLU A 1 76  ? -2.597  6.190   7.086   1.00 15.17 ? 75  GLU A CB  1 
ATOM   413  C  CG  . GLU A 1 76  ? -3.866  6.635   6.384   1.00 18.14 ? 75  GLU A CG  1 
ATOM   414  C  CD  . GLU A 1 76  ? -4.535  7.849   7.015   1.00 17.67 ? 75  GLU A CD  1 
ATOM   415  O  OE1 . GLU A 1 76  ? -3.969  8.442   7.977   1.00 19.98 ? 75  GLU A OE1 1 
ATOM   416  O  OE2 . GLU A 1 76  ? -5.643  8.179   6.586   1.00 18.27 ? 75  GLU A OE2 1 
ATOM   417  N  N   . ASN A 1 77  ? -0.480  4.383   8.466   1.00 16.47 ? 76  ASN A N   1 
ATOM   418  C  CA  . ASN A 1 77  ? 0.901   4.370   8.867   1.00 15.84 ? 76  ASN A CA  1 
ATOM   419  C  C   . ASN A 1 77  ? 1.526   2.989   8.670   1.00 14.66 ? 76  ASN A C   1 
ATOM   420  O  O   . ASN A 1 77  ? 2.715   2.902   8.356   1.00 16.18 ? 76  ASN A O   1 
ATOM   421  C  CB  . ASN A 1 77  ? 0.983   4.861   10.312  1.00 18.35 ? 76  ASN A CB  1 
ATOM   422  C  CG  . ASN A 1 77  ? 0.607   6.342   10.433  1.00 18.83 ? 76  ASN A CG  1 
ATOM   423  O  OD1 . ASN A 1 77  ? 0.706   7.094   9.450   1.00 21.59 ? 76  ASN A OD1 1 
ATOM   424  N  ND2 . ASN A 1 77  ? 0.168   6.772   11.623  1.00 20.15 ? 76  ASN A ND2 1 
ATOM   425  N  N   . GLU A 1 78  ? 0.708   1.945   8.666   1.00 15.98 ? 77  GLU A N   1 
ATOM   426  C  CA  . GLU A 1 78  ? 1.169   0.624   8.246   1.00 17.77 ? 77  GLU A CA  1 
ATOM   427  C  C   . GLU A 1 78  ? 1.575   0.634   6.765   1.00 17.03 ? 77  GLU A C   1 
ATOM   428  O  O   . GLU A 1 78  ? 2.587   0.025   6.348   1.00 16.58 ? 77  GLU A O   1 
ATOM   429  C  CB  . GLU A 1 78  ? 0.102   -0.435  8.463   1.00 16.88 ? 77  GLU A CB  1 
ATOM   430  C  CG  . GLU A 1 78  ? -0.089  -0.800  9.915   1.00 23.10 ? 77  GLU A CG  1 
ATOM   431  C  CD  . GLU A 1 78  ? 0.769   -1.936  10.345  1.00 29.93 ? 77  GLU A CD  1 
ATOM   432  O  OE1 . GLU A 1 78  ? 1.866   -2.132  9.811   1.00 31.50 ? 77  GLU A OE1 1 
ATOM   433  O  OE2 . GLU A 1 78  ? 0.328   -2.631  11.253  1.00 31.06 ? 77  GLU A OE2 1 
ATOM   434  N  N   . VAL A 1 79  ? 0.801   1.332   5.933   1.00 14.69 ? 78  VAL A N   1 
ATOM   435  C  CA  . VAL A 1 79  ? 1.121   1.468   4.520   1.00 13.41 ? 78  VAL A CA  1 
ATOM   436  C  C   . VAL A 1 79  ? 2.407   2.270   4.392   1.00 16.00 ? 78  VAL A C   1 
ATOM   437  O  O   . VAL A 1 79  ? 3.308   1.887   3.635   1.00 15.98 ? 78  VAL A O   1 
ATOM   438  C  CB  . VAL A 1 79  ? -0.034  2.151   3.819   1.00 13.36 ? 78  VAL A CB  1 
ATOM   439  C  CG1 . VAL A 1 79  ? 0.349   2.636   2.436   1.00 14.48 ? 78  VAL A CG1 1 
ATOM   440  C  CG2 . VAL A 1 79  ? -1.276  1.209   3.792   1.00 13.64 ? 78  VAL A CG2 1 
ATOM   441  N  N   . LYS A 1 80  ? 2.527   3.367   5.134   1.00 15.84 ? 79  LYS A N   1 
ATOM   442  C  CA  . LYS A 1 80  ? 3.707   4.200   5.018   1.00 13.79 ? 79  LYS A CA  1 
ATOM   443  C  C   . LYS A 1 80  ? 4.921   3.340   5.342   1.00 13.59 ? 79  LYS A C   1 
ATOM   444  O  O   . LYS A 1 80  ? 5.937   3.361   4.624   1.00 14.75 ? 79  LYS A O   1 
ATOM   445  C  CB  . LYS A 1 80  ? 3.684   5.348   6.025   1.00 15.86 ? 79  LYS A CB  1 
ATOM   446  C  CG  . LYS A 1 80  ? 2.716   6.473   5.688   1.00 16.69 ? 79  LYS A CG  1 
ATOM   447  C  CD  . LYS A 1 80  ? 2.678   7.483   6.859   1.00 16.51 ? 79  LYS A CD  1 
ATOM   448  C  CE  . LYS A 1 80  ? 1.544   8.475   6.711   1.00 20.06 ? 79  LYS A CE  1 
ATOM   449  N  NZ  . LYS A 1 80  ? 1.573   9.395   7.879   1.00 21.68 ? 79  LYS A NZ  1 
ATOM   450  N  N   . GLU A 1 81  ? 4.886   2.656   6.493   1.00 14.33 ? 80  GLU A N   1 
ATOM   451  C  CA  . GLU A 1 81  ? 6.078   1.929   6.907   1.00 14.66 ? 80  GLU A CA  1 
ATOM   452  C  C   . GLU A 1 81  ? 6.513   0.859   5.923   1.00 15.14 ? 80  GLU A C   1 
ATOM   453  O  O   . GLU A 1 81  ? 7.699   0.675   5.675   1.00 15.56 ? 80  GLU A O   1 
ATOM   454  C  CB  . GLU A 1 81  ? 5.883   1.338   8.279   1.00 14.48 ? 80  GLU A CB  1 
ATOM   455  C  CG  . GLU A 1 81  ? 5.801   2.339   9.392   1.00 17.67 ? 80  GLU A CG  1 
ATOM   456  C  CD  . GLU A 1 81  ? 7.056   3.173   9.677   1.00 22.97 ? 80  GLU A CD  1 
ATOM   457  O  OE1 . GLU A 1 81  ? 8.162   3.056   9.085   1.00 19.33 ? 80  GLU A OE1 1 
ATOM   458  O  OE2 . GLU A 1 81  ? 6.933   4.014   10.603  1.00 19.78 ? 80  GLU A OE2 1 
ATOM   459  N  N   . ALA A 1 82  ? 5.569   0.156   5.353   1.00 14.18 ? 81  ALA A N   1 
ATOM   460  C  CA  . ALA A 1 82  ? 5.860   -0.869  4.357   1.00 14.73 ? 81  ALA A CA  1 
ATOM   461  C  C   . ALA A 1 82  ? 6.486   -0.293  3.111   1.00 14.34 ? 81  ALA A C   1 
ATOM   462  O  O   . ALA A 1 82  ? 7.443   -0.869  2.580   1.00 14.97 ? 81  ALA A O   1 
ATOM   463  C  CB  . ALA A 1 82  ? 4.596   -1.647  4.036   1.00 15.22 ? 81  ALA A CB  1 
ATOM   464  N  N   . LEU A 1 83  ? 5.992   0.846   2.635   1.00 14.99 ? 82  LEU A N   1 
ATOM   465  C  CA  . LEU A 1 83  ? 6.549   1.526   1.449   1.00 14.50 ? 82  LEU A CA  1 
ATOM   466  C  C   . LEU A 1 83  ? 7.920   2.139   1.644   1.00 15.12 ? 82  LEU A C   1 
ATOM   467  O  O   . LEU A 1 83  ? 8.781   2.115   0.753   1.00 16.03 ? 82  LEU A O   1 
ATOM   468  C  CB  . LEU A 1 83  ? 5.527   2.501   0.859   1.00 15.04 ? 82  LEU A CB  1 
ATOM   469  C  CG  . LEU A 1 83  ? 4.220   1.835   0.392   1.00 14.68 ? 82  LEU A CG  1 
ATOM   470  C  CD1 . LEU A 1 83  ? 3.292   2.880   -0.260  1.00 16.82 ? 82  LEU A CD1 1 
ATOM   471  C  CD2 . LEU A 1 83  ? 4.395   0.702   -0.597  1.00 14.24 ? 82  LEU A CD2 1 
ATOM   472  N  N   . ILE A 1 84  ? 8.126   2.678   2.837   1.00 13.10 ? 83  ILE A N   1 
ATOM   473  C  CA  . ILE A 1 84  ? 9.447   3.221   3.214   1.00 14.69 ? 83  ILE A CA  1 
ATOM   474  C  C   . ILE A 1 84  ? 10.492  2.142   3.263   1.00 15.11 ? 83  ILE A C   1 
ATOM   475  O  O   . ILE A 1 84  ? 11.578  2.309   2.765   1.00 19.04 ? 83  ILE A O   1 
ATOM   476  C  CB  . ILE A 1 84  ? 9.370   3.935   4.550   1.00 16.06 ? 83  ILE A CB  1 
ATOM   477  C  CG1 . ILE A 1 84  ? 8.571   5.209   4.359   1.00 16.91 ? 83  ILE A CG1 1 
ATOM   478  C  CG2 . ILE A 1 84  ? 10.781  4.222   5.119   1.00 19.74 ? 83  ILE A CG2 1 
ATOM   479  C  CD1 . ILE A 1 84  ? 8.200   5.871   5.673   1.00 18.59 ? 83  ILE A CD1 1 
ATOM   480  N  N   . LEU A 1 85  ? 10.152  1.013   3.856   1.00 15.51 ? 84  LEU A N   1 
ATOM   481  C  CA  . LEU A 1 85  ? 11.060  -0.099  3.940   1.00 16.35 ? 84  LEU A CA  1 
ATOM   482  C  C   . LEU A 1 85  ? 11.317  -0.734  2.576   1.00 16.72 ? 84  LEU A C   1 
ATOM   483  O  O   . LEU A 1 85  ? 12.488  -1.032  2.269   1.00 20.13 ? 84  LEU A O   1 
ATOM   484  C  CB  . LEU A 1 85  ? 10.506  -1.120  4.909   1.00 17.02 ? 84  LEU A CB  1 
ATOM   485  C  CG  . LEU A 1 85  ? 11.389  -2.322  5.197   1.00 22.33 ? 84  LEU A CG  1 
ATOM   486  C  CD1 . LEU A 1 85  ? 12.778  -1.925  5.714   1.00 24.72 ? 84  LEU A CD1 1 
ATOM   487  C  CD2 . LEU A 1 85  ? 10.672  -3.208  6.211   1.00 22.46 ? 84  LEU A CD2 1 
ATOM   488  N  N   . TRP A 1 86  ? 10.298  -1.027  1.781   1.00 14.78 ? 85  TRP A N   1 
ATOM   489  C  CA  . TRP A 1 86  ? 10.446  -1.888  0.603   1.00 14.72 ? 85  TRP A CA  1 
ATOM   490  C  C   . TRP A 1 86  ? 10.471  -1.155  -0.724  1.00 14.81 ? 85  TRP A C   1 
ATOM   491  O  O   . TRP A 1 86  ? 10.760  -1.786  -1.726  1.00 17.55 ? 85  TRP A O   1 
ATOM   492  C  CB  . TRP A 1 86  ? 9.341   -2.941  0.612   1.00 15.57 ? 85  TRP A CB  1 
ATOM   493  C  CG  . TRP A 1 86  ? 9.458   -3.843  1.783   1.00 14.41 ? 85  TRP A CG  1 
ATOM   494  C  CD1 . TRP A 1 86  ? 8.624   -3.932  2.845   1.00 12.60 ? 85  TRP A CD1 1 
ATOM   495  C  CD2 . TRP A 1 86  ? 10.527  -4.775  2.034   1.00 16.17 ? 85  TRP A CD2 1 
ATOM   496  N  NE1 . TRP A 1 86  ? 9.097   -4.892  3.750   1.00 16.79 ? 85  TRP A NE1 1 
ATOM   497  C  CE2 . TRP A 1 86  ? 10.252  -5.415  3.254   1.00 19.75 ? 85  TRP A CE2 1 
ATOM   498  C  CE3 . TRP A 1 86  ? 11.666  -5.154  1.307   1.00 19.84 ? 85  TRP A CE3 1 
ATOM   499  C  CZ2 . TRP A 1 86  ? 11.098  -6.378  3.799   1.00 20.81 ? 85  TRP A CZ2 1 
ATOM   500  C  CZ3 . TRP A 1 86  ? 12.490  -6.126  1.845   1.00 20.59 ? 85  TRP A CZ3 1 
ATOM   501  C  CH2 . TRP A 1 86  ? 12.193  -6.724  3.071   1.00 23.47 ? 85  TRP A CH2 1 
ATOM   502  N  N   . GLU A 1 87  ? 10.200  0.150   -0.746  1.00 16.63 ? 86  GLU A N   1 
ATOM   503  C  CA  . GLU A 1 87  ? 10.216  0.892   -2.025  1.00 15.42 ? 86  GLU A CA  1 
ATOM   504  C  C   . GLU A 1 87  ? 11.014  2.200   -1.885  1.00 15.53 ? 86  GLU A C   1 
ATOM   505  O  O   . GLU A 1 87  ? 10.433  3.300   -1.827  1.00 17.62 ? 86  GLU A O   1 
ATOM   506  C  CB  . GLU A 1 87  ? 8.840   1.141   -2.571  1.00 15.33 ? 86  GLU A CB  1 
ATOM   507  C  CG  . GLU A 1 87  ? 8.854   1.684   -4.020  1.00 16.96 ? 86  GLU A CG  1 
ATOM   508  C  CD  . GLU A 1 87  ? 9.902   1.057   -4.876  1.00 18.88 ? 86  GLU A CD  1 
ATOM   509  O  OE1 . GLU A 1 87  ? 9.600   0.023   -5.488  1.00 16.76 ? 86  GLU A OE1 1 
ATOM   510  O  OE2 . GLU A 1 87  ? 11.033  1.584   -4.989  1.00 18.63 ? 86  GLU A OE2 1 
ATOM   511  N  N   . PRO A 1 88  ? 12.338  2.067   -1.810  1.00 17.94 ? 87  PRO A N   1 
ATOM   512  C  CA  . PRO A 1 88  ? 13.191  3.239   -1.585  1.00 17.79 ? 87  PRO A CA  1 
ATOM   513  C  C   . PRO A 1 88  ? 13.267  4.217   -2.739  1.00 18.60 ? 87  PRO A C   1 
ATOM   514  O  O   . PRO A 1 88  ? 13.876  5.318   -2.609  1.00 17.89 ? 87  PRO A O   1 
ATOM   515  C  CB  . PRO A 1 88  ? 14.559  2.603   -1.293  1.00 20.76 ? 87  PRO A CB  1 
ATOM   516  C  CG  . PRO A 1 88  ? 14.544  1.318   -1.958  1.00 21.96 ? 87  PRO A CG  1 
ATOM   517  C  CD  . PRO A 1 88  ? 13.113  0.825   -1.839  1.00 19.07 ? 87  PRO A CD  1 
ATOM   518  N  N   . ARG A 1 89  ? 12.735  3.855   -3.888  1.00 16.25 ? 88  ARG A N   1 
ATOM   519  C  CA  . ARG A 1 89  ? 12.778  4.734   -5.083  1.00 15.81 ? 88  ARG A CA  1 
ATOM   520  C  C   . ARG A 1 89  ? 11.803  5.904   -5.002  1.00 15.17 ? 88  ARG A C   1 
ATOM   521  O  O   . ARG A 1 89  ? 11.899  6.834   -5.788  1.00 16.10 ? 88  ARG A O   1 
ATOM   522  C  CB  . ARG A 1 89  ? 12.474  3.929   -6.332  1.00 17.41 ? 88  ARG A CB  1 
ATOM   523  C  CG  . ARG A 1 89  ? 13.587  2.976   -6.700  1.00 15.14 ? 88  ARG A CG  1 
ATOM   524  C  CD  . ARG A 1 89  ? 13.269  2.138   -7.906  1.00 18.66 ? 88  ARG A CD  1 
ATOM   525  N  NE  . ARG A 1 89  ? 12.153  1.252   -7.612  1.00 16.82 ? 88  ARG A NE  1 
ATOM   526  C  CZ  . ARG A 1 89  ? 11.637  0.390   -8.462  1.00 16.39 ? 88  ARG A CZ  1 
ATOM   527  N  NH1 . ARG A 1 89  ? 12.133  0.257   -9.683  1.00 17.35 ? 88  ARG A NH1 1 
ATOM   528  N  NH2 . ARG A 1 89  ? 10.614  -0.373  -8.088  1.00 16.63 ? 88  ARG A NH2 1 
ATOM   529  N  N   . ILE A 1 90  ? 10.947  5.896   -3.989  1.00 16.16 ? 89  ILE A N   1 
ATOM   530  C  CA  . ILE A 1 90  ? 9.964   6.972   -3.772  1.00 15.70 ? 89  ILE A CA  1 
ATOM   531  C  C   . ILE A 1 90  ? 10.102  7.675   -2.450  1.00 17.24 ? 89  ILE A C   1 
ATOM   532  O  O   . ILE A 1 90  ? 10.618  7.095   -1.508  1.00 17.29 ? 89  ILE A O   1 
ATOM   533  C  CB  . ILE A 1 90  ? 8.511   6.437   -3.968  1.00 15.31 ? 89  ILE A CB  1 
ATOM   534  C  CG1 . ILE A 1 90  ? 8.062   5.535   -2.813  1.00 17.28 ? 89  ILE A CG1 1 
ATOM   535  C  CG2 . ILE A 1 90  ? 8.405   5.726   -5.321  1.00 16.81 ? 89  ILE A CG2 1 
ATOM   536  C  CD1 . ILE A 1 90  ? 6.652   4.965   -2.961  1.00 16.15 ? 89  ILE A CD1 1 
ATOM   537  N  N   . GLU A 1 91  ? 9.600   8.911   -2.402  1.00 15.52 ? 90  GLU A N   1 
ATOM   538  C  CA  . GLU A 1 91  ? 9.359   9.658   -1.178  1.00 16.31 ? 90  GLU A CA  1 
ATOM   539  C  C   . GLU A 1 91  ? 7.865   9.768   -1.065  1.00 17.34 ? 90  GLU A C   1 
ATOM   540  O  O   . GLU A 1 91  ? 7.192   10.241  -1.944  1.00 17.17 ? 90  GLU A O   1 
ATOM   541  C  CB  . GLU A 1 91  ? 9.950   11.088  -1.253  1.00 18.92 ? 90  GLU A CB  1 
ATOM   542  C  CG  . GLU A 1 91  ? 9.579   11.868  -0.002  1.00 20.76 ? 90  GLU A CG  1 
ATOM   543  C  CD  . GLU A 1 91  ? 10.022  13.326  0.009   1.00 28.86 ? 90  GLU A CD  1 
ATOM   544  O  OE1 . GLU A 1 91  ? 10.185  13.943  -1.071  1.00 28.71 ? 90  GLU A OE1 1 
ATOM   545  O  OE2 . GLU A 1 91  ? 10.142  13.877  1.137   1.00 30.27 ? 90  GLU A OE2 1 
ATOM   546  N  N   . LEU A 1 92  ? 7.305   9.307   0.026   1.00 16.44 ? 91  LEU A N   1 
ATOM   547  C  CA  . LEU A 1 92  ? 5.894   9.476   0.231   1.00 16.62 ? 91  LEU A CA  1 
ATOM   548  C  C   . LEU A 1 92  ? 5.531   10.903  0.603   1.00 18.48 ? 91  LEU A C   1 
ATOM   549  O  O   . LEU A 1 92  ? 6.138   11.440  1.505   1.00 20.61 ? 91  LEU A O   1 
ATOM   550  C  CB  . LEU A 1 92  ? 5.399   8.583   1.372   1.00 19.00 ? 91  LEU A CB  1 
ATOM   551  C  CG  . LEU A 1 92  ? 5.520   7.076   1.165   1.00 16.37 ? 91  LEU A CG  1 
ATOM   552  C  CD1 . LEU A 1 92  ? 5.082   6.308   2.455   1.00 18.50 ? 91  LEU A CD1 1 
ATOM   553  C  CD2 . LEU A 1 92  ? 4.811   6.570   -0.086  1.00 18.66 ? 91  LEU A CD2 1 
ATOM   554  N  N   . LEU A 1 93  ? 4.513   11.465  -0.042  1.00 17.60 ? 92  LEU A N   1 
ATOM   555  C  CA  . LEU A 1 93  ? 4.006   12.823  0.190   1.00 17.38 ? 92  LEU A CA  1 
ATOM   556  C  C   . LEU A 1 93  ? 2.702   12.826  1.000   1.00 19.84 ? 92  LEU A C   1 
ATOM   557  O  O   . LEU A 1 93  ? 2.540   13.642  1.892   1.00 19.64 ? 92  LEU A O   1 
ATOM   558  C  CB  . LEU A 1 93  ? 3.752   13.535  -1.141  1.00 19.20 ? 92  LEU A CB  1 
ATOM   559  C  CG  . LEU A 1 93  ? 4.971   13.608  -2.069  1.00 18.01 ? 92  LEU A CG  1 
ATOM   560  C  CD1 . LEU A 1 93  ? 4.668   14.304  -3.367  1.00 21.64 ? 92  LEU A CD1 1 
ATOM   561  C  CD2 . LEU A 1 93  ? 6.163   14.282  -1.410  1.00 22.95 ? 92  LEU A CD2 1 
ATOM   562  N  N   . SER A 1 94  ? 1.787   11.891  0.727   1.00 17.53 ? 93  SER A N   1 
ATOM   563  C  CA  . SER A 1 94  ? 0.492   11.819  1.414   1.00 16.56 ? 93  SER A CA  1 
ATOM   564  C  C   . SER A 1 94  ? 0.076   10.361  1.371   1.00 16.08 ? 93  SER A C   1 
ATOM   565  O  O   . SER A 1 94  ? 0.133   9.739   0.321   1.00 17.30 ? 93  SER A O   1 
ATOM   566  C  CB  . SER A 1 94  ? -0.566  12.665  0.674   1.00 16.89 ? 93  SER A CB  1 
ATOM   567  O  OG  . SER A 1 94  ? -1.698  12.776  1.509   1.00 22.84 ? 93  SER A OG  1 
ATOM   568  N  N   . VAL A 1 95  ? -0.421  9.839   2.481   1.00 15.27 ? 94  VAL A N   1 
ATOM   569  C  CA  . VAL A 1 95  ? -1.098  8.539   2.562   1.00 14.82 ? 94  VAL A CA  1 
ATOM   570  C  C   . VAL A 1 95  ? -2.396  8.763   3.334   1.00 15.42 ? 94  VAL A C   1 
ATOM   571  O  O   . VAL A 1 95  ? -2.354  9.075   4.535   1.00 17.62 ? 94  VAL A O   1 
ATOM   572  C  CB  . VAL A 1 95  ? -0.226  7.435   3.205   1.00 18.00 ? 94  VAL A CB  1 
ATOM   573  C  CG1 . VAL A 1 95  ? -1.012  6.130   3.291   1.00 20.11 ? 94  VAL A CG1 1 
ATOM   574  C  CG2 . VAL A 1 95  ? 1.067   7.247   2.377   1.00 18.65 ? 94  VAL A CG2 1 
ATOM   575  N  N   . THR A 1 96  ? -3.538  8.549   2.689   1.00 16.41 ? 95  THR A N   1 
ATOM   576  C  CA  . THR A 1 96  ? -4.857  8.730   3.333   1.00 16.53 ? 95  THR A CA  1 
ATOM   577  C  C   . THR A 1 96  ? -5.766  7.552   3.056   1.00 15.48 ? 95  THR A C   1 
ATOM   578  O  O   . THR A 1 96  ? -5.953  7.133   1.898   1.00 17.33 ? 95  THR A O   1 
ATOM   579  C  CB  . THR A 1 96  ? -5.579  9.976   2.726   1.00 19.79 ? 95  THR A CB  1 
ATOM   580  O  OG1 . THR A 1 96  ? -4.741  11.109  2.884   1.00 21.46 ? 95  THR A OG1 1 
ATOM   581  C  CG2 . THR A 1 96  ? -6.971  10.235  3.368   1.00 20.69 ? 95  THR A CG2 1 
ATOM   582  N  N   . ALA A 1 97  ? -6.357  7.020   4.110   1.00 16.25 ? 96  ALA A N   1 
ATOM   583  C  CA  . ALA A 1 97  ? -7.330  5.939   4.010   1.00 15.38 ? 96  ALA A CA  1 
ATOM   584  C  C   . ALA A 1 97  ? -8.721  6.488   3.975   1.00 17.91 ? 96  ALA A C   1 
ATOM   585  O  O   . ALA A 1 97  ? -9.245  6.939   4.978   1.00 23.48 ? 96  ALA A O   1 
ATOM   586  C  CB  . ALA A 1 97  ? -7.142  4.972   5.212   1.00 16.25 ? 96  ALA A CB  1 
ATOM   587  N  N   . SER A 1 98  ? -9.348  6.438   2.813   1.00 16.61 ? 97  SER A N   1 
ATOM   588  C  CA  . SER A 1 98  ? -10.661 7.027   2.648   1.00 15.30 ? 97  SER A CA  1 
ATOM   589  C  C   . SER A 1 98  ? -11.758 5.976   2.763   1.00 17.00 ? 97  SER A C   1 
ATOM   590  O  O   . SER A 1 98  ? -11.664 4.936   2.158   1.00 16.10 ? 97  SER A O   1 
ATOM   591  C  CB  . SER A 1 98  ? -10.771 7.652   1.262   1.00 16.13 ? 97  SER A CB  1 
ATOM   592  O  OG  . SER A 1 98  ? -12.126 8.002   1.029   1.00 17.82 ? 97  SER A OG  1 
ATOM   593  N  N   . PRO A 1 99  ? -12.843 6.284   3.459   1.00 17.95 ? 98  PRO A N   1 
ATOM   594  C  CA  . PRO A 1 99  ? -13.993 5.397   3.491   1.00 17.61 ? 98  PRO A CA  1 
ATOM   595  C  C   . PRO A 1 99  ? -15.002 5.707   2.376   1.00 18.35 ? 98  PRO A C   1 
ATOM   596  O  O   . PRO A 1 99  ? -16.197 5.291   2.444   1.00 19.39 ? 98  PRO A O   1 
ATOM   597  C  CB  . PRO A 1 99  ? -14.594 5.728   4.863   1.00 18.33 ? 98  PRO A CB  1 
ATOM   598  C  CG  . PRO A 1 99  ? -14.320 7.186   5.010   1.00 18.51 ? 98  PRO A CG  1 
ATOM   599  C  CD  . PRO A 1 99  ? -13.027 7.477   4.291   1.00 19.23 ? 98  PRO A CD  1 
ATOM   600  N  N   . ARG A 1 100 ? -14.577 6.360   1.290   1.00 19.73 ? 99  ARG A N   1 
ATOM   601  C  CA  . ARG A 1 100 ? -15.560 6.802   0.277   1.00 18.75 ? 99  ARG A CA  1 
ATOM   602  C  C   . ARG A 1 100 ? -16.266 5.651   -0.451  1.00 21.82 ? 99  ARG A C   1 
ATOM   603  O  O   . ARG A 1 100 ? -17.372 5.854   -1.013  1.00 23.45 ? 99  ARG A O   1 
ATOM   604  C  CB  . ARG A 1 100 ? -14.964 7.809   -0.695  1.00 17.36 ? 99  ARG A CB  1 
ATOM   605  C  CG  . ARG A 1 100 ? -13.898 7.296   -1.623  1.00 17.67 ? 99  ARG A CG  1 
ATOM   606  C  CD  . ARG A 1 100 ? -13.475 8.285   -2.699  1.00 16.68 ? 99  ARG A CD  1 
ATOM   607  N  NE  . ARG A 1 100 ? -12.332 7.776   -3.441  1.00 16.51 ? 99  ARG A NE  1 
ATOM   608  C  CZ  . ARG A 1 100 ? -11.049 7.989   -3.149  1.00 18.12 ? 99  ARG A CZ  1 
ATOM   609  N  NH1 . ARG A 1 100 ? -10.688 8.704   -2.093  1.00 16.80 ? 99  ARG A NH1 1 
ATOM   610  N  NH2 . ARG A 1 100 ? -10.110 7.403   -3.854  1.00 15.68 ? 99  ARG A NH2 1 
ATOM   611  N  N   . GLU A 1 101 ? -15.677 4.449   -0.422  1.00 20.11 ? 100 GLU A N   1 
ATOM   612  C  CA  . GLU A 1 101 ? -16.300 3.237   -0.951  1.00 21.40 ? 100 GLU A CA  1 
ATOM   613  C  C   . GLU A 1 101 ? -16.607 2.229   0.140   1.00 21.06 ? 100 GLU A C   1 
ATOM   614  O  O   . GLU A 1 101 ? -16.767 1.038   -0.129  1.00 24.20 ? 100 GLU A O   1 
ATOM   615  C  CB  . GLU A 1 101 ? -15.419 2.623   -2.041  1.00 18.42 ? 100 GLU A CB  1 
ATOM   616  C  CG  . GLU A 1 101 ? -15.456 3.449   -3.337  1.00 20.87 ? 100 GLU A CG  1 
ATOM   617  C  CD  . GLU A 1 101 ? -14.707 2.854   -4.505  1.00 26.73 ? 100 GLU A CD  1 
ATOM   618  O  OE1 . GLU A 1 101 ? -14.336 1.647   -4.509  1.00 25.29 ? 100 GLU A OE1 1 
ATOM   619  O  OE2 . GLU A 1 101 ? -14.460 3.639   -5.434  1.00 25.59 ? 100 GLU A OE2 1 
ATOM   620  N  N   . ALA A 1 102 ? -16.698 2.699   1.378   1.00 23.65 ? 101 ALA A N   1 
ATOM   621  C  CA  . ALA A 1 102 ? -16.961 1.799   2.505   1.00 28.24 ? 101 ALA A CA  1 
ATOM   622  C  C   . ALA A 1 102 ? -18.292 1.036   2.329   1.00 28.11 ? 101 ALA A C   1 
ATOM   623  O  O   . ALA A 1 102 ? -18.357 -0.155  2.654   1.00 29.68 ? 101 ALA A O   1 
ATOM   624  C  CB  . ALA A 1 102 ? -16.939 2.550   3.818   1.00 28.46 ? 101 ALA A CB  1 
ATOM   625  N  N   . ALA A 1 103 ? -19.295 1.694   1.736   1.00 28.74 ? 102 ALA A N   1 
ATOM   626  C  CA  . ALA A 1 103 ? -20.627 1.079   1.483   1.00 31.68 ? 102 ALA A CA  1 
ATOM   627  C  C   . ALA A 1 103 ? -20.519 -0.146  0.586   1.00 33.71 ? 102 ALA A C   1 
ATOM   628  O  O   . ALA A 1 103 ? -21.357 -1.040  0.633   1.00 36.00 ? 102 ALA A O   1 
ATOM   629  C  CB  . ALA A 1 103 ? -21.577 2.085   0.850   1.00 31.86 ? 102 ALA A CB  1 
ATOM   630  N  N   . GLU A 1 104 ? -19.471 -0.187  -0.227  1.00 32.55 ? 103 GLU A N   1 
ATOM   631  C  CA  . GLU A 1 104 ? -19.194 -1.337  -1.059  1.00 29.53 ? 103 GLU A CA  1 
ATOM   632  C  C   . GLU A 1 104 ? -18.140 -2.273  -0.424  1.00 26.30 ? 103 GLU A C   1 
ATOM   633  O  O   . GLU A 1 104 ? -17.678 -3.192  -1.073  1.00 27.58 ? 103 GLU A O   1 
ATOM   634  C  CB  . GLU A 1 104 ? -18.773 -0.864  -2.448  1.00 33.23 ? 103 GLU A CB  1 
ATOM   635  C  CG  . GLU A 1 104 ? -19.576 0.349   -2.992  1.00 37.03 ? 103 GLU A CG  1 
ATOM   636  C  CD  . GLU A 1 104 ? -21.077 0.206   -2.836  1.00 46.01 ? 103 GLU A CD  1 
ATOM   637  N  N   . GLY A 1 105 ? -17.797 -2.046  0.838   1.00 25.12 ? 104 GLY A N   1 
ATOM   638  C  CA  . GLY A 1 105 ? -16.860 -2.901  1.568   1.00 25.51 ? 104 GLY A CA  1 
ATOM   639  C  C   . GLY A 1 105 ? -15.385 -2.708  1.202   1.00 25.48 ? 104 GLY A C   1 
ATOM   640  O  O   . GLY A 1 105 ? -14.561 -3.640  1.312   1.00 25.67 ? 104 GLY A O   1 
ATOM   641  N  N   . ARG A 1 106 ? -15.042 -1.494  0.768   1.00 22.64 ? 105 ARG A N   1 
ATOM   642  C  CA  . ARG A 1 106 ? -13.655 -1.193  0.463   1.00 22.10 ? 105 ARG A CA  1 
ATOM   643  C  C   . ARG A 1 106 ? -13.182 0.004   1.260   1.00 18.54 ? 105 ARG A C   1 
ATOM   644  O  O   . ARG A 1 106 ? -13.955 0.889   1.565   1.00 17.96 ? 105 ARG A O   1 
ATOM   645  C  CB  . ARG A 1 106 ? -13.489 -0.944  -1.025  1.00 24.65 ? 105 ARG A CB  1 
ATOM   646  C  CG  . ARG A 1 106 ? -13.766 -2.165  -1.899  1.00 23.30 ? 105 ARG A CG  1 
ATOM   647  C  CD  . ARG A 1 106 ? -13.454 -1.898  -3.335  1.00 29.44 ? 105 ARG A CD  1 
ATOM   648  N  NE  . ARG A 1 106 ? -14.463 -1.017  -3.908  1.00 32.71 ? 105 ARG A NE  1 
ATOM   649  C  CZ  . ARG A 1 106 ? -15.602 -1.424  -4.461  1.00 34.03 ? 105 ARG A CZ  1 
ATOM   650  N  NH1 . ARG A 1 106 ? -15.915 -2.710  -4.521  1.00 35.65 ? 105 ARG A NH1 1 
ATOM   651  N  NH2 . ARG A 1 106 ? -16.450 -0.530  -4.949  1.00 34.45 ? 105 ARG A NH2 1 
ATOM   652  N  N   . LEU A 1 107 ? -11.886 0.001   1.580   1.00 19.31 ? 106 LEU A N   1 
ATOM   653  C  CA  . LEU A 1 107 ? -11.177 1.140   2.120   1.00 17.40 ? 106 LEU A CA  1 
ATOM   654  C  C   . LEU A 1 107 ? -10.100 1.458   1.092   1.00 18.88 ? 106 LEU A C   1 
ATOM   655  O  O   . LEU A 1 107 ? -9.259  0.602   0.795   1.00 20.01 ? 106 LEU A O   1 
ATOM   656  C  CB  . LEU A 1 107 ? -10.503 0.860   3.468   1.00 18.59 ? 106 LEU A CB  1 
ATOM   657  C  CG  . LEU A 1 107 ? -11.302 0.973   4.762   1.00 32.38 ? 106 LEU A CG  1 
ATOM   658  C  CD1 . LEU A 1 107 ? -10.419 0.493   5.902   1.00 33.20 ? 106 LEU A CD1 1 
ATOM   659  C  CD2 . LEU A 1 107 ? -11.716 2.425   4.991   1.00 31.72 ? 106 LEU A CD2 1 
ATOM   660  N  N   . LEU A 1 108 ? -10.099 2.687   0.573   1.00 16.75 ? 107 LEU A N   1 
ATOM   661  C  CA  . LEU A 1 108 ? -9.179  3.079   -0.488  1.00 14.36 ? 107 LEU A CA  1 
ATOM   662  C  C   . LEU A 1 108 ? -8.035  3.861   0.106   1.00 15.44 ? 107 LEU A C   1 
ATOM   663  O  O   . LEU A 1 108 ? -8.276  4.815   0.879   1.00 16.99 ? 107 LEU A O   1 
ATOM   664  C  CB  . LEU A 1 108 ? -9.929  3.899   -1.544  1.00 15.07 ? 107 LEU A CB  1 
ATOM   665  C  CG  . LEU A 1 108 ? -11.031 3.166   -2.286  1.00 17.32 ? 107 LEU A CG  1 
ATOM   666  C  CD1 . LEU A 1 108 ? -11.690 4.141   -3.301  1.00 20.07 ? 107 LEU A CD1 1 
ATOM   667  C  CD2 . LEU A 1 108 ? -10.639 1.841   -2.966  1.00 19.41 ? 107 LEU A CD2 1 
ATOM   668  N  N   . ILE A 1 109 ? -6.792  3.516   -0.246  1.00 15.00 ? 108 ILE A N   1 
ATOM   669  C  CA  . ILE A 1 109 ? -5.618  4.260   0.220   1.00 14.95 ? 108 ILE A CA  1 
ATOM   670  C  C   . ILE A 1 109 ? -5.169  5.144   -0.905  1.00 15.98 ? 108 ILE A C   1 
ATOM   671  O  O   . ILE A 1 109 ? -4.753  4.680   -1.947  1.00 17.08 ? 108 ILE A O   1 
ATOM   672  C  CB  . ILE A 1 109 ? -4.475  3.376   0.674   1.00 13.98 ? 108 ILE A CB  1 
ATOM   673  C  CG1 . ILE A 1 109 ? -5.050  2.229   1.529   1.00 17.91 ? 108 ILE A CG1 1 
ATOM   674  C  CG2 . ILE A 1 109 ? -3.471  4.218   1.396   1.00 17.08 ? 108 ILE A CG2 1 
ATOM   675  C  CD1 . ILE A 1 109 ? -5.753  2.607   2.816   1.00 15.24 ? 108 ILE A CD1 1 
ATOM   676  N  N   . ASP A 1 110 ? -5.321  6.453   -0.725  1.00 14.91 ? 109 ASP A N   1 
ATOM   677  C  CA  . ASP A 1 110 ? -4.840  7.448   -1.675  1.00 12.73 ? 109 ASP A CA  1 
ATOM   678  C  C   . ASP A 1 110 ? -3.394  7.780   -1.297  1.00 15.85 ? 109 ASP A C   1 
ATOM   679  O  O   . ASP A 1 110 ? -3.126  8.291   -0.220  1.00 15.65 ? 109 ASP A O   1 
ATOM   680  C  CB  . ASP A 1 110 ? -5.696  8.675   -1.587  1.00 12.73 ? 109 ASP A CB  1 
ATOM   681  C  CG  . ASP A 1 110 ? -7.160  8.393   -1.963  1.00 21.94 ? 109 ASP A CG  1 
ATOM   682  O  OD1 . ASP A 1 110 ? -7.407  7.846   -3.024  1.00 18.14 ? 109 ASP A OD1 1 
ATOM   683  O  OD2 . ASP A 1 110 ? -8.040  8.891   -1.166  1.00 20.04 ? 109 ASP A OD2 1 
ATOM   684  N  N   . ILE A 1 111 ? -2.474  7.463   -2.196  1.00 13.75 ? 110 ILE A N   1 
ATOM   685  C  CA  . ILE A 1 111 ? -1.072  7.549   -2.011  1.00 13.63 ? 110 ILE A CA  1 
ATOM   686  C  C   . ILE A 1 111 ? -0.488  8.517   -3.041  1.00 13.49 ? 110 ILE A C   1 
ATOM   687  O  O   . ILE A 1 111 ? -0.536  8.259   -4.229  1.00 16.85 ? 110 ILE A O   1 
ATOM   688  C  CB  . ILE A 1 111 ? -0.390  6.166   -2.152  1.00 15.49 ? 110 ILE A CB  1 
ATOM   689  C  CG1 . ILE A 1 111 ? -0.992  5.122   -1.177  1.00 16.09 ? 110 ILE A CG1 1 
ATOM   690  C  CG2 . ILE A 1 111 ? 1.107   6.341   -1.895  1.00 15.76 ? 110 ILE A CG2 1 
ATOM   691  C  CD1 . ILE A 1 111 ? -0.583  3.686   -1.456  1.00 17.64 ? 110 ILE A CD1 1 
ATOM   692  N  N   . GLU A 1 112 ? 0.090   9.598   -2.537  1.00 14.29 ? 111 GLU A N   1 
ATOM   693  C  CA  . GLU A 1 112 ? 0.781   10.580  -3.404  1.00 14.48 ? 111 GLU A CA  1 
ATOM   694  C  C   . GLU A 1 112 ? 2.247   10.411  -3.090  1.00 15.55 ? 111 GLU A C   1 
ATOM   695  O  O   . GLU A 1 112 ? 2.646   10.322  -1.922  1.00 15.50 ? 111 GLU A O   1 
ATOM   696  C  CB  . GLU A 1 112 ? 0.342   12.031  -3.140  1.00 17.15 ? 111 GLU A CB  1 
ATOM   697  C  CG  . GLU A 1 112 ? -1.111  12.309  -3.287  1.00 20.42 ? 111 GLU A CG  1 
ATOM   698  C  CD  . GLU A 1 112 ? -1.472  13.779  -3.023  1.00 24.61 ? 111 GLU A CD  1 
ATOM   699  O  OE1 . GLU A 1 112 ? -0.692  14.682  -3.475  1.00 29.08 ? 111 GLU A OE1 1 
ATOM   700  O  OE2 . GLU A 1 112 ? -2.524  13.997  -2.345  1.00 25.08 ? 111 GLU A OE2 1 
ATOM   701  N  N   . TYR A 1 113 ? 3.078   10.336  -4.112  1.00 15.38 ? 112 TYR A N   1 
ATOM   702  C  CA  . TYR A 1 113 ? 4.477   10.111  -3.931  1.00 16.57 ? 112 TYR A CA  1 
ATOM   703  C  C   . TYR A 1 113 ? 5.300   10.774  -5.029  1.00 14.32 ? 112 TYR A C   1 
ATOM   704  O  O   . TYR A 1 113 ? 4.795   11.111  -6.093  1.00 17.17 ? 112 TYR A O   1 
ATOM   705  C  CB  . TYR A 1 113 ? 4.752   8.621   -3.840  1.00 16.94 ? 112 TYR A CB  1 
ATOM   706  C  CG  . TYR A 1 113 ? 4.443   7.833   -5.094  1.00 15.32 ? 112 TYR A CG  1 
ATOM   707  C  CD1 . TYR A 1 113 ? 5.418   7.638   -6.113  1.00 15.31 ? 112 TYR A CD1 1 
ATOM   708  C  CD2 . TYR A 1 113 ? 3.179   7.254   -5.300  1.00 16.94 ? 112 TYR A CD2 1 
ATOM   709  C  CE1 . TYR A 1 113 ? 5.119   6.887   -7.248  1.00 17.36 ? 112 TYR A CE1 1 
ATOM   710  C  CE2 . TYR A 1 113 ? 2.893   6.511   -6.425  1.00 17.19 ? 112 TYR A CE2 1 
ATOM   711  C  CZ  . TYR A 1 113 ? 3.867   6.293   -7.389  1.00 17.00 ? 112 TYR A CZ  1 
ATOM   712  O  OH  . TYR A 1 113 ? 3.545   5.584   -8.516  1.00 17.11 ? 112 TYR A OH  1 
ATOM   713  N  N   . ARG A 1 114 ? 6.562   10.978  -4.707  1.00 15.17 ? 113 ARG A N   1 
ATOM   714  C  CA  . ARG A 1 114 ? 7.585   11.560  -5.609  1.00 16.72 ? 113 ARG A CA  1 
ATOM   715  C  C   . ARG A 1 114 ? 8.587   10.467  -5.984  1.00 13.87 ? 113 ARG A C   1 
ATOM   716  O  O   . ARG A 1 114 ? 9.092   9.733   -5.131  1.00 15.58 ? 113 ARG A O   1 
ATOM   717  C  CB  . ARG A 1 114 ? 8.315   12.712  -4.895  1.00 17.42 ? 113 ARG A CB  1 
ATOM   718  C  CG  . ARG A 1 114 ? 9.374   13.384  -5.721  1.00 21.82 ? 113 ARG A CG  1 
ATOM   719  C  CD  . ARG A 1 114 ? 9.998   14.545  -4.947  1.00 22.40 ? 113 ARG A CD  1 
ATOM   720  N  NE  . ARG A 1 114 ? 10.750  14.051  -3.820  1.00 25.56 ? 113 ARG A NE  1 
ATOM   721  C  CZ  . ARG A 1 114 ? 12.040  13.720  -3.824  1.00 24.41 ? 113 ARG A CZ  1 
ATOM   722  N  NH1 . ARG A 1 114 ? 12.776  13.853  -4.904  1.00 29.47 ? 113 ARG A NH1 1 
ATOM   723  N  NH2 . ARG A 1 114 ? 12.594  13.247  -2.725  1.00 27.12 ? 113 ARG A NH2 1 
ATOM   724  N  N   . VAL A 1 115 ? 8.814   10.258  -7.280  1.00 14.47 ? 114 VAL A N   1 
ATOM   725  C  CA  . VAL A 1 115 ? 9.873   9.384   -7.751  1.00 16.59 ? 114 VAL A CA  1 
ATOM   726  C  C   . VAL A 1 115 ? 11.169  10.130  -7.670  1.00 15.70 ? 114 VAL A C   1 
ATOM   727  O  O   . VAL A 1 115 ? 11.316  11.182  -8.262  1.00 16.79 ? 114 VAL A O   1 
ATOM   728  C  CB  . VAL A 1 115 ? 9.600   8.885   -9.188  1.00 16.78 ? 114 VAL A CB  1 
ATOM   729  C  CG1 . VAL A 1 115 ? 10.780  8.071   -9.711  1.00 14.82 ? 114 VAL A CG1 1 
ATOM   730  C  CG2 . VAL A 1 115 ? 8.337   7.990   -9.165  1.00 19.29 ? 114 VAL A CG2 1 
ATOM   731  N  N   . ARG A 1 116 ? 12.078  9.627   -6.852  1.00 14.91 ? 115 ARG A N   1 
ATOM   732  C  CA  . ARG A 1 116 ? 13.286  10.369  -6.516  1.00 15.26 ? 115 ARG A CA  1 
ATOM   733  C  C   . ARG A 1 116 ? 14.142  10.599  -7.746  1.00 15.28 ? 115 ARG A C   1 
ATOM   734  O  O   . ARG A 1 116 ? 14.763  11.669  -7.885  1.00 18.09 ? 115 ARG A O   1 
ATOM   735  C  CB  . ARG A 1 116 ? 14.106  9.637   -5.416  1.00 17.56 ? 115 ARG A CB  1 
ATOM   736  C  CG  . ARG A 1 116 ? 13.408  9.568   -4.083  1.00 18.31 ? 115 ARG A CG  1 
ATOM   737  C  CD  . ARG A 1 116 ? 14.201  8.669   -3.119  1.00 23.37 ? 115 ARG A CD  1 
ATOM   738  N  NE  . ARG A 1 116 ? 13.471  8.393   -1.884  1.00 21.47 ? 115 ARG A NE  1 
ATOM   739  C  CZ  . ARG A 1 116 ? 13.326  9.259   -0.891  1.00 26.78 ? 115 ARG A CZ  1 
ATOM   740  N  NH1 . ARG A 1 116 ? 13.876  10.462  -0.974  1.00 27.70 ? 115 ARG A NH1 1 
ATOM   741  N  NH2 . ARG A 1 116 ? 12.592  8.936   0.171   1.00 26.73 ? 115 ARG A NH2 1 
ATOM   742  N  N   . SER A 1 117 ? 14.240  9.620   -8.641  1.00 15.94 ? 116 SER A N   1 
ATOM   743  C  CA  . SER A 1 117 ? 15.104  9.747   -9.852  1.00 15.83 ? 116 SER A CA  1 
ATOM   744  C  C   . SER A 1 117 ? 14.695  10.821  -10.893 1.00 16.59 ? 116 SER A C   1 
ATOM   745  O  O   . SER A 1 117 ? 15.526  11.287  -11.642 1.00 19.11 ? 116 SER A O   1 
ATOM   746  C  CB  . SER A 1 117 ? 15.237  8.430   -10.614 1.00 16.56 ? 116 SER A CB  1 
ATOM   747  O  OG  . SER A 1 117 ? 14.012  7.986   -11.145 1.00 17.37 ? 116 SER A OG  1 
ATOM   748  N  N   . THR A 1 118 ? 13.440  11.213  -10.888 1.00 15.60 ? 117 THR A N   1 
ATOM   749  C  CA  . THR A 1 118 ? 12.876  12.183  -11.796 1.00 16.17 ? 117 THR A CA  1 
ATOM   750  C  C   . THR A 1 118 ? 12.243  13.412  -11.145 1.00 17.94 ? 117 THR A C   1 
ATOM   751  O  O   . THR A 1 118 ? 11.896  14.349  -11.865 1.00 18.16 ? 117 THR A O   1 
ATOM   752  C  CB  . THR A 1 118 ? 11.776  11.551  -12.635 1.00 16.03 ? 117 THR A CB  1 
ATOM   753  O  OG1 . THR A 1 118 ? 10.731  11.103  -11.731 1.00 18.24 ? 117 THR A OG1 1 
ATOM   754  C  CG2 . THR A 1 118 ? 12.306  10.374  -13.481 1.00 20.33 ? 117 THR A CG2 1 
ATOM   755  N  N   . ASN A 1 119 ? 12.090  13.397  -9.822  1.00 15.85 ? 118 ASN A N   1 
ATOM   756  C  CA  . ASN A 1 119 ? 11.329  14.410  -9.097  1.00 17.48 ? 118 ASN A CA  1 
ATOM   757  C  C   . ASN A 1 119 ? 9.917   14.613  -9.629  1.00 16.72 ? 118 ASN A C   1 
ATOM   758  O  O   . ASN A 1 119 ? 9.347   15.661  -9.461  1.00 25.40 ? 118 ASN A O   1 
ATOM   759  C  CB  . ASN A 1 119 ? 12.095  15.728  -9.052  1.00 18.96 ? 118 ASN A CB  1 
ATOM   760  C  CG  . ASN A 1 119 ? 13.163  15.729  -7.979  1.00 26.21 ? 118 ASN A CG  1 
ATOM   761  O  OD1 . ASN A 1 119 ? 12.897  15.322  -6.862  1.00 33.69 ? 118 ASN A OD1 1 
ATOM   762  N  ND2 . ASN A 1 119 ? 14.394  16.156  -8.321  1.00 28.32 ? 118 ASN A ND2 1 
ATOM   763  N  N   . THR A 1 120 ? 9.327   13.585  -10.219 1.00 16.21 ? 119 THR A N   1 
ATOM   764  C  CA  A THR A 1 120 ? 7.954   13.671  -10.711 0.50 16.05 ? 119 THR A CA  1 
ATOM   765  C  CA  B THR A 1 120 ? 7.967   13.672  -10.722 0.50 16.45 ? 119 THR A CA  1 
ATOM   766  C  C   . THR A 1 120 ? 7.002   13.043  -9.717  1.00 18.10 ? 119 THR A C   1 
ATOM   767  O  O   . THR A 1 120 ? 7.323   12.078  -9.085  1.00 17.72 ? 119 THR A O   1 
ATOM   768  C  CB  A THR A 1 120 ? 7.770   12.964  -12.056 0.50 15.83 ? 119 THR A CB  1 
ATOM   769  C  CB  B THR A 1 120 ? 7.866   13.024  -12.122 0.50 16.60 ? 119 THR A CB  1 
ATOM   770  O  OG1 A THR A 1 120 ? 8.712   13.488  -12.997 0.50 21.58 ? 119 THR A OG1 1 
ATOM   771  O  OG1 B THR A 1 120 ? 8.474   11.726  -12.109 0.50 18.54 ? 119 THR A OG1 1 
ATOM   772  C  CG2 A THR A 1 120 ? 6.377   13.206  -12.573 0.50 11.87 ? 119 THR A CG2 1 
ATOM   773  C  CG2 B THR A 1 120 ? 8.606   13.892  -13.133 0.50 17.30 ? 119 THR A CG2 1 
ATOM   774  N  N   . ARG A 1 121 ? 5.828   13.618  -9.614  1.00 18.40 ? 120 ARG A N   1 
ATOM   775  C  CA  . ARG A 1 121 ? 4.818   13.193  -8.672  1.00 19.71 ? 120 ARG A CA  1 
ATOM   776  C  C   . ARG A 1 121 ? 3.767   12.345  -9.339  1.00 16.54 ? 120 ARG A C   1 
ATOM   777  O  O   . ARG A 1 121 ? 3.371   12.609  -10.462 1.00 17.98 ? 120 ARG A O   1 
ATOM   778  C  CB  . ARG A 1 121 ? 4.214   14.412  -7.978  1.00 19.56 ? 120 ARG A CB  1 
ATOM   779  C  CG  . ARG A 1 121 ? 5.289   15.195  -7.243  1.00 23.57 ? 120 ARG A CG  1 
ATOM   780  C  CD  . ARG A 1 121 ? 4.780   16.332  -6.434  1.00 29.90 ? 120 ARG A CD  1 
ATOM   781  N  NE  . ARG A 1 121 ? 5.843   16.760  -5.531  1.00 38.54 ? 120 ARG A NE  1 
ATOM   782  C  CZ  . ARG A 1 121 ? 5.665   17.513  -4.451  1.00 43.22 ? 120 ARG A CZ  1 
ATOM   783  N  NH1 . ARG A 1 121 ? 4.457   17.966  -4.115  1.00 43.10 ? 120 ARG A NH1 1 
ATOM   784  N  NH2 . ARG A 1 121 ? 6.719   17.797  -3.696  1.00 45.38 ? 120 ARG A NH2 1 
ATOM   785  N  N   . PHE A 1 122 ? 3.318   11.328  -8.588  1.00 15.08 ? 121 PHE A N   1 
ATOM   786  C  CA  . PHE A 1 122 ? 2.296   10.426  -9.042  1.00 13.96 ? 121 PHE A CA  1 
ATOM   787  C  C   . PHE A 1 122 ? 1.298   10.180  -7.924  1.00 15.27 ? 121 PHE A C   1 
ATOM   788  O  O   . PHE A 1 122 ? 1.583   10.416  -6.745  1.00 16.26 ? 121 PHE A O   1 
ATOM   789  C  CB  . PHE A 1 122 ? 2.907   9.091   -9.498  1.00 19.07 ? 121 PHE A CB  1 
ATOM   790  C  CG  . PHE A 1 122 ? 3.755   9.214   -10.652 1.00 19.81 ? 121 PHE A CG  1 
ATOM   791  C  CD1 . PHE A 1 122 ? 3.233   9.124   -11.905 1.00 24.39 ? 121 PHE A CD1 1 
ATOM   792  C  CD2 . PHE A 1 122 ? 5.095   9.416   -10.490 1.00 19.08 ? 121 PHE A CD2 1 
ATOM   793  C  CE1 . PHE A 1 122 ? 4.050   9.263   -12.993 1.00 26.64 ? 121 PHE A CE1 1 
ATOM   794  C  CE2 . PHE A 1 122 ? 5.897   9.554   -11.543 1.00 21.54 ? 121 PHE A CE2 1 
ATOM   795  C  CZ  . PHE A 1 122 ? 5.408   9.463   -12.789 1.00 22.98 ? 121 PHE A CZ  1 
ATOM   796  N  N   . ASN A 1 123 ? 0.120   9.704   -8.313  1.00 16.93 ? 122 ASN A N   1 
ATOM   797  C  CA  . ASN A 1 123 ? -0.917  9.289   -7.377  1.00 15.60 ? 122 ASN A CA  1 
ATOM   798  C  C   . ASN A 1 123 ? -1.225  7.824   -7.640  1.00 14.30 ? 122 ASN A C   1 
ATOM   799  O  O   . ASN A 1 123 ? -1.133  7.342   -8.786  1.00 18.07 ? 122 ASN A O   1 
ATOM   800  C  CB  . ASN A 1 123 ? -2.168  10.140  -7.570  1.00 15.00 ? 122 ASN A CB  1 
ATOM   801  C  CG  . ASN A 1 123 ? -3.160  10.007  -6.397  1.00 15.63 ? 122 ASN A CG  1 
ATOM   802  O  OD1 . ASN A 1 123 ? -2.880  10.464  -5.285  1.00 22.75 ? 122 ASN A OD1 1 
ATOM   803  N  ND2 . ASN A 1 123 ? -4.341  9.420   -6.677  1.00 23.49 ? 122 ASN A ND2 1 
ATOM   804  N  N   . LEU A 1 124 ? -1.587  7.075   -6.592  1.00 13.26 ? 123 LEU A N   1 
ATOM   805  C  CA  . LEU A 1 124 ? -2.004  5.720   -6.735  1.00 14.84 ? 123 LEU A CA  1 
ATOM   806  C  C   . LEU A 1 124 ? -3.060  5.470   -5.690  1.00 17.64 ? 123 LEU A C   1 
ATOM   807  O  O   . LEU A 1 124 ? -2.909  5.915   -4.562  1.00 16.63 ? 123 LEU A O   1 
ATOM   808  C  CB  . LEU A 1 124 ? -0.813  4.800   -6.457  1.00 17.54 ? 123 LEU A CB  1 
ATOM   809  C  CG  . LEU A 1 124 ? -0.964  3.310   -6.661  1.00 17.03 ? 123 LEU A CG  1 
ATOM   810  C  CD1 . LEU A 1 124 ? 0.341   2.645   -7.138  1.00 22.44 ? 123 LEU A CD1 1 
ATOM   811  C  CD2 . LEU A 1 124 ? -1.407  2.687   -5.311  1.00 18.82 ? 123 LEU A CD2 1 
ATOM   812  N  N   . VAL A 1 125 ? -4.130  4.790   -6.082  1.00 15.78 ? 124 VAL A N   1 
ATOM   813  C  CA  . VAL A 1 125 ? -5.213  4.457   -5.191  1.00 15.57 ? 124 VAL A CA  1 
ATOM   814  C  C   . VAL A 1 125 ? -5.161  2.951   -4.991  1.00 15.70 ? 124 VAL A C   1 
ATOM   815  O  O   . VAL A 1 125 ? -5.295  2.194   -5.955  1.00 16.16 ? 124 VAL A O   1 
ATOM   816  C  CB  . VAL A 1 125 ? -6.568  4.869   -5.757  1.00 17.40 ? 124 VAL A CB  1 
ATOM   817  C  CG1 . VAL A 1 125 ? -7.695  4.451   -4.819  1.00 17.13 ? 124 VAL A CG1 1 
ATOM   818  C  CG2 . VAL A 1 125 ? -6.601  6.402   -6.023  1.00 19.43 ? 124 VAL A CG2 1 
ATOM   819  N  N   . TYR A 1 126 ? -4.950  2.508   -3.761  1.00 14.43 ? 125 TYR A N   1 
ATOM   820  C  CA  . TYR A 1 126 ? -4.826  1.097   -3.464  1.00 15.08 ? 125 TYR A CA  1 
ATOM   821  C  C   . TYR A 1 126 ? -6.071  0.617   -2.719  1.00 13.60 ? 125 TYR A C   1 
ATOM   822  O  O   . TYR A 1 126 ? -6.334  1.086   -1.607  1.00 15.54 ? 125 TYR A O   1 
ATOM   823  C  CB  . TYR A 1 126 ? -3.569  0.791   -2.636  1.00 17.56 ? 125 TYR A CB  1 
ATOM   824  C  CG  . TYR A 1 126 ? -3.349  -0.693  -2.610  1.00 19.01 ? 125 TYR A CG  1 
ATOM   825  C  CD1 . TYR A 1 126 ? -2.776  -1.356  -3.689  1.00 17.46 ? 125 TYR A CD1 1 
ATOM   826  C  CD2 . TYR A 1 126 ? -3.770  -1.441  -1.519  1.00 17.57 ? 125 TYR A CD2 1 
ATOM   827  C  CE1 . TYR A 1 126 ? -2.648  -2.764  -3.703  1.00 20.36 ? 125 TYR A CE1 1 
ATOM   828  C  CE2 . TYR A 1 126 ? -3.652  -2.833  -1.537  1.00 19.46 ? 125 TYR A CE2 1 
ATOM   829  C  CZ  . TYR A 1 126 ? -3.105  -3.471  -2.622  1.00 20.97 ? 125 TYR A CZ  1 
ATOM   830  O  OH  . TYR A 1 126 ? -3.008  -4.842  -2.513  1.00 20.90 ? 125 TYR A OH  1 
ATOM   831  N  N   . PRO A 1 127 ? -6.825  -0.351  -3.277  1.00 14.99 ? 126 PRO A N   1 
ATOM   832  C  CA  . PRO A 1 127 ? -8.009  -0.832  -2.570  1.00 15.93 ? 126 PRO A CA  1 
ATOM   833  C  C   . PRO A 1 127 ? -7.747  -1.977  -1.574  1.00 16.50 ? 126 PRO A C   1 
ATOM   834  O  O   . PRO A 1 127 ? -7.129  -3.018  -1.907  1.00 16.75 ? 126 PRO A O   1 
ATOM   835  C  CB  . PRO A 1 127 ? -8.912  -1.297  -3.706  1.00 18.29 ? 126 PRO A CB  1 
ATOM   836  C  CG  . PRO A 1 127 ? -7.945  -1.780  -4.739  1.00 17.90 ? 126 PRO A CG  1 
ATOM   837  C  CD  . PRO A 1 127 ? -6.693  -0.967  -4.610  1.00 18.27 ? 126 PRO A CD  1 
ATOM   838  N  N   . PHE A 1 128 ? -8.244  -1.803  -0.354  1.00 18.54 ? 127 PHE A N   1 
ATOM   839  C  CA  . PHE A 1 128 ? -8.363  -2.893  0.627   1.00 17.75 ? 127 PHE A CA  1 
ATOM   840  C  C   . PHE A 1 128 ? -9.839  -3.272  0.745   1.00 18.50 ? 127 PHE A C   1 
ATOM   841  O  O   . PHE A 1 128 ? -10.717 -2.458  0.565   1.00 20.05 ? 127 PHE A O   1 
ATOM   842  C  CB  . PHE A 1 128 ? -7.793  -2.519  1.985   1.00 16.54 ? 127 PHE A CB  1 
ATOM   843  C  CG  . PHE A 1 128 ? -6.293  -2.518  2.041   1.00 20.37 ? 127 PHE A CG  1 
ATOM   844  C  CD1 . PHE A 1 128 ? -5.575  -3.690  1.965   1.00 23.22 ? 127 PHE A CD1 1 
ATOM   845  C  CD2 . PHE A 1 128 ? -5.607  -1.345  2.257   1.00 26.34 ? 127 PHE A CD2 1 
ATOM   846  C  CE1 . PHE A 1 128 ? -4.181  -3.689  2.044   1.00 25.17 ? 127 PHE A CE1 1 
ATOM   847  C  CE2 . PHE A 1 128 ? -4.216  -1.341  2.332   1.00 26.14 ? 127 PHE A CE2 1 
ATOM   848  C  CZ  . PHE A 1 128 ? -3.511  -2.519  2.229   1.00 25.72 ? 127 PHE A CZ  1 
ATOM   849  N  N   . TYR A 1 129 ? -10.094 -4.561  0.927   1.00 18.32 ? 128 TYR A N   1 
ATOM   850  C  CA  . TYR A 1 129 ? -11.446 -5.106  0.948   1.00 20.22 ? 128 TYR A CA  1 
ATOM   851  C  C   . TYR A 1 129 ? -11.733 -5.534  2.356   1.00 22.02 ? 128 TYR A C   1 
ATOM   852  O  O   . TYR A 1 129 ? -10.972 -6.307  2.925   1.00 22.73 ? 128 TYR A O   1 
ATOM   853  C  CB  . TYR A 1 129 ? -11.536 -6.320  0.004   1.00 21.82 ? 128 TYR A CB  1 
ATOM   854  C  CG  . TYR A 1 129 ? -11.369 -5.928  -1.411  1.00 20.15 ? 128 TYR A CG  1 
ATOM   855  C  CD1 . TYR A 1 129 ? -10.123 -5.726  -1.935  1.00 17.24 ? 128 TYR A CD1 1 
ATOM   856  C  CD2 . TYR A 1 129 ? -12.455 -5.677  -2.219  1.00 21.70 ? 128 TYR A CD2 1 
ATOM   857  C  CE1 . TYR A 1 129 ? -9.951  -5.281  -3.241  1.00 19.29 ? 128 TYR A CE1 1 
ATOM   858  C  CE2 . TYR A 1 129 ? -12.295 -5.242  -3.511  1.00 20.81 ? 128 TYR A CE2 1 
ATOM   859  C  CZ  . TYR A 1 129 ? -11.047 -5.037  -4.017  1.00 18.46 ? 128 TYR A CZ  1 
ATOM   860  O  OH  . TYR A 1 129 ? -10.897 -4.597  -5.302  1.00 27.34 ? 128 TYR A OH  1 
ATOM   861  N  N   . LEU A 1 130 ? -12.801 -5.007  2.944   1.00 20.60 ? 129 LEU A N   1 
ATOM   862  C  CA  . LEU A 1 130 ? -13.196 -5.391  4.298   1.00 23.39 ? 129 LEU A CA  1 
ATOM   863  C  C   . LEU A 1 130 ? -13.901 -6.719  4.256   1.00 23.30 ? 129 LEU A C   1 
ATOM   864  O  O   . LEU A 1 130 ? -14.907 -6.847  3.556   1.00 28.05 ? 129 LEU A O   1 
ATOM   865  C  CB  . LEU A 1 130 ? -14.139 -4.356  4.889   1.00 27.67 ? 129 LEU A CB  1 
ATOM   866  C  CG  . LEU A 1 130 ? -13.523 -3.009  5.198   1.00 31.82 ? 129 LEU A CG  1 
ATOM   867  C  CD1 . LEU A 1 130 ? -14.599 -1.909  5.082   1.00 37.78 ? 129 LEU A CD1 1 
ATOM   868  C  CD2 . LEU A 1 130 ? -12.881 -3.060  6.569   1.00 39.01 ? 129 LEU A CD2 1 
ATOM   869  N  N   . LYS A 1 131 ? -13.335 -7.726  4.904   1.00 23.88 ? 130 LYS A N   1 
ATOM   870  C  CA  . LYS A 1 131 ? -13.930 -9.073  4.865   1.00 26.53 ? 130 LYS A CA  1 
ATOM   871  C  C   . LYS A 1 131 ? -14.077 -9.607  6.262   1.00 27.46 ? 130 LYS A C   1 
ATOM   872  O  O   . LYS A 1 131 ? -13.356 -9.196  7.167   1.00 28.23 ? 130 LYS A O   1 
ATOM   873  C  CB  . LYS A 1 131 ? -13.040 -10.055 4.087   1.00 26.98 ? 130 LYS A CB  1 
ATOM   874  C  CG  . LYS A 1 131 ? -12.571 -9.621  2.720   1.00 32.28 ? 130 LYS A CG  1 
ATOM   875  C  CD  . LYS A 1 131 ? -13.566 -9.840  1.612   1.00 32.29 ? 130 LYS A CD  1 
ATOM   876  C  CE  . LYS A 1 131 ? -12.773 -9.824  0.295   1.00 33.51 ? 130 LYS A CE  1 
ATOM   877  N  NZ  . LYS A 1 131 ? -13.592 -10.035 -0.845  1.00 21.36 ? 130 LYS A NZ  1 
ATOM   878  N  N   . GLU A 1 132 ? -14.991 -10.565 6.431   1.00 30.32 ? 131 GLU A N   1 
ATOM   879  C  CA  . GLU A 1 132 ? -15.091 -11.315 7.688   1.00 31.84 ? 131 GLU A CA  1 
ATOM   880  C  C   . GLU A 1 132 ? -13.755 -11.957 8.063   1.00 32.98 ? 131 GLU A C   1 
ATOM   881  O  O   . GLU A 1 132 ? -13.034 -12.451 7.198   1.00 32.23 ? 131 GLU A O   1 
ATOM   882  C  CB  . GLU A 1 132 ? -16.195 -12.368 7.581   1.00 32.26 ? 131 GLU A CB  1 
ATOM   883  C  CG  . GLU A 1 132 ? -17.605 -11.748 7.466   1.00 36.57 ? 131 GLU A CG  1 
ATOM   884  N  N   . SER A 1 133 ? -13.425 -11.918 9.350   1.00 36.13 ? 132 SER A N   1 
ATOM   885  C  CA  . SER A 1 133 ? -12.129 -12.393 9.861   1.00 38.19 ? 132 SER A CA  1 
ATOM   886  C  C   . SER A 1 133 ? -11.829 -13.864 9.534   1.00 41.57 ? 132 SER A C   1 
ATOM   887  O  O   . SER A 1 133 ? -10.729 -14.201 9.091   1.00 43.54 ? 132 SER A O   1 
ATOM   888  C  CB  . SER A 1 133 ? -12.071 -12.203 11.393  1.00 37.75 ? 132 SER A CB  1 
ATOM   889  N  N   . ALA A 1 134 ? -12.807 -14.735 9.770   1.00 42.20 ? 133 ALA A N   1 
ATOM   890  C  CA  . ALA A 1 134 ? -12.619 -16.177 9.623   1.00 44.52 ? 133 ALA A CA  1 
ATOM   891  C  C   . ALA A 1 134 ? -13.691 -16.735 8.691   1.00 45.66 ? 133 ALA A C   1 
ATOM   892  O  O   . ALA A 1 134 ? -14.625 -16.015 8.334   1.00 46.13 ? 133 ALA A O   1 
ATOM   893  C  CB  . ALA A 1 134 ? -12.690 -16.856 10.993  1.00 44.12 ? 133 ALA A CB  1 
ATOM   894  O  OXT . ALA A 1 134 ? -13.657 -17.895 8.272   1.00 45.14 ? 133 ALA A OXT 1 
HETATM 895  N  N   . NO3 B 2 .   ? 9.961   -16.209 -2.044  1.00 42.39 ? 134 NO3 A N   1 
HETATM 896  O  O1  . NO3 B 2 .   ? 10.657  -15.518 -1.046  1.00 43.32 ? 134 NO3 A O1  1 
HETATM 897  O  O2  . NO3 B 2 .   ? 9.705   -17.561 -1.959  1.00 46.92 ? 134 NO3 A O2  1 
HETATM 898  O  O3  . NO3 B 2 .   ? 9.497   -15.558 -3.172  1.00 43.82 ? 134 NO3 A O3  1 
HETATM 899  C  C1  . EDO C 3 .   ? -17.575 6.473   -7.059  1.00 45.83 ? 135 EDO A C1  1 
HETATM 900  O  O1  . EDO C 3 .   ? -17.692 7.183   -8.297  1.00 46.17 ? 135 EDO A O1  1 
HETATM 901  C  C2  . EDO C 3 .   ? -17.544 7.474   -5.908  1.00 43.53 ? 135 EDO A C2  1 
HETATM 902  O  O2  . EDO C 3 .   ? -16.692 7.066   -4.831  1.00 39.68 ? 135 EDO A O2  1 
HETATM 903  O  O   . HOH D 4 .   ? -1.770  -5.892  -4.687  1.00 17.21 ? 136 HOH A O   1 
HETATM 904  O  O   . HOH D 4 .   ? 14.287  7.261   -13.752 1.00 18.08 ? 137 HOH A O   1 
HETATM 905  O  O   . HOH D 4 .   ? 13.724  6.955   -7.868  1.00 17.56 ? 138 HOH A O   1 
HETATM 906  O  O   . HOH D 4 .   ? 5.234   5.735   -10.513 1.00 18.05 ? 139 HOH A O   1 
HETATM 907  O  O   . HOH D 4 .   ? -13.347 3.402   0.649   1.00 18.69 ? 140 HOH A O   1 
HETATM 908  O  O   . HOH D 4 .   ? 0.975   5.623   -9.781  1.00 21.18 ? 141 HOH A O   1 
HETATM 909  O  O   . HOH D 4 .   ? -10.770 5.956   -6.274  1.00 21.21 ? 142 HOH A O   1 
HETATM 910  O  O   . HOH D 4 .   ? -5.728  -4.455  -3.584  1.00 21.13 ? 143 HOH A O   1 
HETATM 911  O  O   . HOH D 4 .   ? 3.666   -2.395  7.420   1.00 21.51 ? 144 HOH A O   1 
HETATM 912  O  O   . HOH D 4 .   ? 13.267  5.583   -10.168 1.00 22.27 ? 145 HOH A O   1 
HETATM 913  O  O   . HOH D 4 .   ? -3.135  10.920  0.278   1.00 21.53 ? 146 HOH A O   1 
HETATM 914  O  O   . HOH D 4 .   ? 15.220  4.717   -13.665 1.00 21.29 ? 147 HOH A O   1 
HETATM 915  O  O   . HOH D 4 .   ? 1.412   -8.941  7.103   1.00 22.20 ? 148 HOH A O   1 
HETATM 916  O  O   . HOH D 4 .   ? -2.143  1.539   -9.401  1.00 22.34 ? 149 HOH A O   1 
HETATM 917  O  O   . HOH D 4 .   ? 15.101  3.810   -11.095 1.00 23.62 ? 150 HOH A O   1 
HETATM 918  O  O   . HOH D 4 .   ? -6.605  9.664   -4.991  1.00 22.94 ? 151 HOH A O   1 
HETATM 919  O  O   . HOH D 4 .   ? 9.708   5.120   0.327   1.00 22.86 ? 152 HOH A O   1 
HETATM 920  O  O   . HOH D 4 .   ? 9.473   1.292   7.593   1.00 23.66 ? 153 HOH A O   1 
HETATM 921  O  O   . HOH D 4 .   ? 14.672  1.273   -10.894 1.00 22.75 ? 154 HOH A O   1 
HETATM 922  O  O   . HOH D 4 .   ? -0.812  9.767   11.385  1.00 24.31 ? 155 HOH A O   1 
HETATM 923  O  O   . HOH D 4 .   ? 0.006   11.512  4.921   1.00 24.44 ? 156 HOH A O   1 
HETATM 924  O  O   . HOH D 4 .   ? 6.628   -12.521 3.058   1.00 23.68 ? 157 HOH A O   1 
HETATM 925  O  O   . HOH D 4 .   ? -4.638  8.460   -9.507  1.00 23.75 ? 158 HOH A O   1 
HETATM 926  O  O   . HOH D 4 .   ? -14.175 6.174   -5.279  1.00 25.32 ? 159 HOH A O   1 
HETATM 927  O  O   . HOH D 4 .   ? -3.444  0.491   -7.070  1.00 23.98 ? 160 HOH A O   1 
HETATM 928  O  O   . HOH D 4 .   ? -4.407  4.199   -8.909  1.00 25.27 ? 161 HOH A O   1 
HETATM 929  O  O   . HOH D 4 .   ? -7.472  9.807   7.571   1.00 28.08 ? 162 HOH A O   1 
HETATM 930  O  O   . HOH D 4 .   ? 7.562   -4.435  -9.674  1.00 26.50 ? 163 HOH A O   1 
HETATM 931  O  O   . HOH D 4 .   ? -0.711  3.867   -10.579 1.00 28.63 ? 164 HOH A O   1 
HETATM 932  O  O   . HOH D 4 .   ? -2.763  5.754   -10.275 1.00 29.06 ? 165 HOH A O   1 
HETATM 933  O  O   . HOH D 4 .   ? 10.519  4.243   9.570   1.00 27.49 ? 166 HOH A O   1 
HETATM 934  O  O   . HOH D 4 .   ? 16.149  6.282   -6.920  1.00 28.08 ? 167 HOH A O   1 
HETATM 935  O  O   . HOH D 4 .   ? 2.540   -0.464  -13.412 1.00 28.25 ? 168 HOH A O   1 
HETATM 936  O  O   . HOH D 4 .   ? 8.783   10.511  -14.359 1.00 29.52 ? 169 HOH A O   1 
HETATM 937  O  O   . HOH D 4 .   ? 7.213   -1.092  -25.073 1.00 29.90 ? 170 HOH A O   1 
HETATM 938  O  O   . HOH D 4 .   ? 6.923   -4.664  6.067   1.00 32.43 ? 171 HOH A O   1 
HETATM 939  O  O   . HOH D 4 .   ? 0.065   1.721   -12.739 1.00 28.63 ? 172 HOH A O   1 
HETATM 940  O  O   . HOH D 4 .   ? 7.189   1.911   12.771  1.00 29.75 ? 173 HOH A O   1 
HETATM 941  O  O   . HOH D 4 .   ? 17.858  5.276   -13.484 1.00 31.24 ? 174 HOH A O   1 
HETATM 942  O  O   . HOH D 4 .   ? -1.458  8.903   8.916   1.00 28.97 ? 175 HOH A O   1 
HETATM 943  O  O   . HOH D 4 .   ? 10.815  -4.344  -2.790  1.00 33.20 ? 176 HOH A O   1 
HETATM 944  O  O   . HOH D 4 .   ? 9.040   7.821   1.798   1.00 34.40 ? 177 HOH A O   1 
HETATM 945  O  O   . HOH D 4 .   ? -4.529  11.588  -3.453  1.00 32.81 ? 178 HOH A O   1 
HETATM 946  O  O   . HOH D 4 .   ? 1.274   -4.537  -13.230 1.00 29.98 ? 179 HOH A O   1 
HETATM 947  O  O   . HOH D 4 .   ? 6.334   -2.485  7.479   1.00 32.18 ? 180 HOH A O   1 
HETATM 948  O  O   . HOH D 4 .   ? 18.249  6.723   -11.166 1.00 33.95 ? 181 HOH A O   1 
HETATM 949  O  O   . HOH D 4 .   ? 5.447   16.373  -10.716 1.00 34.94 ? 182 HOH A O   1 
HETATM 950  O  O   . HOH D 4 .   ? 7.411   13.513  2.627   1.00 36.42 ? 183 HOH A O   1 
HETATM 951  O  O   . HOH D 4 .   ? 1.292   -11.017 -3.399  1.00 37.30 ? 184 HOH A O   1 
HETATM 952  O  O   . HOH D 4 .   ? 5.059   2.214   14.106  1.00 33.69 ? 185 HOH A O   1 
HETATM 953  O  O   . HOH D 4 .   ? 8.516   -4.812  -4.398  1.00 32.98 ? 186 HOH A O   1 
HETATM 954  O  O   . HOH D 4 .   ? 10.752  -5.517  -11.469 1.00 34.26 ? 187 HOH A O   1 
HETATM 955  O  O   . HOH D 4 .   ? -9.727  9.356   6.007   1.00 33.91 ? 188 HOH A O   1 
HETATM 956  O  O   . HOH D 4 .   ? -6.842  10.315  14.287  1.00 35.19 ? 189 HOH A O   1 
HETATM 957  O  O   . HOH D 4 .   ? 16.881  4.774   -9.377  1.00 36.64 ? 190 HOH A O   1 
HETATM 958  O  O   . HOH D 4 .   ? 12.348  5.435   7.992   1.00 39.54 ? 191 HOH A O   1 
HETATM 959  O  O   . HOH D 4 .   ? -12.387 9.979   7.264   1.00 42.19 ? 192 HOH A O   1 
HETATM 960  O  O   . HOH D 4 .   ? 18.607  9.324   -9.719  1.00 39.05 ? 193 HOH A O   1 
HETATM 961  O  O   . HOH D 4 .   ? 0.479   2.281   12.556  1.00 38.63 ? 194 HOH A O   1 
HETATM 962  O  O   . HOH D 4 .   ? 12.213  -3.576  -9.416  1.00 37.87 ? 195 HOH A O   1 
HETATM 963  O  O   . HOH D 4 .   ? -8.251  1.678   16.404  1.00 41.59 ? 196 HOH A O   1 
HETATM 964  O  O   . HOH D 4 .   ? 4.584   -11.103 -3.012  1.00 39.55 ? 197 HOH A O   1 
HETATM 965  O  O   . HOH D 4 .   ? 9.642   1.659   13.104  1.00 44.58 ? 198 HOH A O   1 
HETATM 966  O  O   . HOH D 4 .   ? 15.458  13.149  -5.662  1.00 38.70 ? 199 HOH A O   1 
HETATM 967  O  O   . HOH D 4 .   ? 0.790   14.934  -5.322  1.00 39.87 ? 200 HOH A O   1 
HETATM 968  O  O   . HOH D 4 .   ? 10.752  16.860  -12.422 1.00 37.77 ? 201 HOH A O   1 
HETATM 969  O  O   . HOH D 4 .   ? 19.083  3.171   -12.395 1.00 40.98 ? 202 HOH A O   1 
HETATM 970  O  O   . HOH D 4 .   ? 0.754   -5.210  11.948  1.00 41.26 ? 203 HOH A O   1 
HETATM 971  O  O   . HOH D 4 .   ? -12.052 3.576   -6.930  1.00 39.87 ? 204 HOH A O   1 
HETATM 972  O  O   . HOH D 4 .   ? 2.306   2.078   -14.287 1.00 44.52 ? 205 HOH A O   1 
HETATM 973  O  O   . HOH D 4 .   ? -13.651 -13.659 4.932   1.00 42.22 ? 206 HOH A O   1 
HETATM 974  O  O   . HOH D 4 .   ? 5.740   1.229   -21.353 1.00 47.06 ? 207 HOH A O   1 
HETATM 975  O  O   . HOH D 4 .   ? -3.071  9.617   13.022  1.00 41.37 ? 208 HOH A O   1 
HETATM 976  O  O   . HOH D 4 .   ? -19.634 3.843   -0.488  1.00 45.58 ? 209 HOH A O   1 
HETATM 977  O  O   . HOH D 4 .   ? 0.466   11.999  8.289   1.00 44.53 ? 210 HOH A O   1 
HETATM 978  O  O   . HOH D 4 .   ? -10.570 -3.065  17.226  1.00 46.26 ? 211 HOH A O   1 
HETATM 979  O  O   . HOH D 4 .   ? 20.653  2.184   -13.921 1.00 44.87 ? 212 HOH A O   1 
HETATM 980  O  O   . HOH D 4 .   ? -1.456  10.199  6.786   1.00 43.39 ? 213 HOH A O   1 
HETATM 981  O  O   . HOH D 4 .   ? -8.190  9.741   10.182  1.00 43.40 ? 214 HOH A O   1 
HETATM 982  O  O   . HOH D 4 .   ? -5.348  9.916   9.906   1.00 39.80 ? 215 HOH A O   1 
HETATM 983  O  O   . HOH D 4 .   ? 5.946   5.659   -17.830 1.00 42.01 ? 216 HOH A O   1 
HETATM 984  O  O   . HOH D 4 .   ? 16.644  0.402   -9.219  1.00 44.94 ? 217 HOH A O   1 
HETATM 985  O  O   . HOH D 4 .   ? -12.608 0.404   -6.033  1.00 46.87 ? 218 HOH A O   1 
HETATM 986  O  O   . HOH D 4 .   ? -18.704 6.826   -3.134  1.00 48.65 ? 219 HOH A O   1 
HETATM 987  O  O   . HOH D 4 .   ? 6.328   -10.643 -21.875 1.00 47.21 ? 220 HOH A O   1 
HETATM 988  O  O   . HOH D 4 .   ? 2.826   1.643   12.017  1.00 40.14 ? 221 HOH A O   1 
HETATM 989  O  O   . HOH D 4 .   ? 20.815  7.093   -11.186 1.00 48.84 ? 222 HOH A O   1 
HETATM 990  O  O   . HOH D 4 .   ? 3.150   4.705   -13.800 1.00 45.07 ? 223 HOH A O   1 
HETATM 991  O  O   . HOH D 4 .   ? 11.678  -1.727  -4.888  1.00 49.13 ? 224 HOH A O   1 
HETATM 992  O  O   . HOH D 4 .   ? 8.214   -1.480  9.494   1.00 42.60 ? 225 HOH A O   1 
HETATM 993  O  O   . HOH D 4 .   ? 8.487   16.784  -6.846  1.00 45.81 ? 226 HOH A O   1 
HETATM 994  O  O   . HOH D 4 .   ? -5.610  -10.537 9.782   1.00 46.58 ? 227 HOH A O   1 
HETATM 995  O  O   . HOH D 4 .   ? -10.130 -0.643  16.190  1.00 60.47 ? 228 HOH A O   1 
HETATM 996  O  O   . HOH D 4 .   ? 13.691  -0.747  -5.069  1.00 52.55 ? 229 HOH A O   1 
HETATM 997  O  O   . HOH D 4 .   ? -15.854 -5.029  -2.873  1.00 47.92 ? 230 HOH A O   1 
HETATM 998  O  O   . HOH D 4 .   ? -19.203 7.553   0.719   1.00 49.26 ? 231 HOH A O   1 
HETATM 999  O  O   . HOH D 4 .   ? 4.228   6.298   -15.644 1.00 52.97 ? 232 HOH A O   1 
HETATM 1000 O  O   . HOH D 4 .   ? 0.932   14.689  3.979   1.00 49.72 ? 233 HOH A O   1 
HETATM 1001 O  O   . HOH D 4 .   ? 14.319  -2.505  -0.313  1.00 46.25 ? 234 HOH A O   1 
HETATM 1002 O  O   . HOH D 4 .   ? 6.778   -0.781  11.344  1.00 45.72 ? 235 HOH A O   1 
HETATM 1003 O  O   . HOH D 4 .   ? 15.381  5.861   -0.342  1.00 51.69 ? 236 HOH A O   1 
HETATM 1004 O  O   . HOH D 4 .   ? -15.175 -6.517  0.535   1.00 47.33 ? 237 HOH A O   1 
HETATM 1005 O  O   . HOH D 4 .   ? -9.985  1.627   -6.613  1.00 51.73 ? 238 HOH A O   1 
HETATM 1006 O  O   . HOH D 4 .   ? -6.202  9.180   12.192  1.00 49.55 ? 239 HOH A O   1 
HETATM 1007 O  O   . HOH D 4 .   ? 11.315  -12.967 -2.629  1.00 44.61 ? 240 HOH A O   1 
HETATM 1008 O  O   . HOH D 4 .   ? 0.092   13.690  -7.676  1.00 49.81 ? 241 HOH A O   1 
HETATM 1009 O  O   . HOH D 4 .   ? 16.309  4.878   -4.672  1.00 48.82 ? 242 HOH A O   1 
HETATM 1010 O  O   . HOH D 4 .   ? 11.008  -3.999  -7.030  1.00 50.37 ? 243 HOH A O   1 
HETATM 1011 O  O   . HOH D 4 .   ? -16.886 -10.887 4.172   1.00 46.74 ? 244 HOH A O   1 
HETATM 1012 O  O   . HOH D 4 .   ? 17.564  8.524   -7.381  1.00 45.16 ? 245 HOH A O   1 
HETATM 1013 O  O   . HOH D 4 .   ? 4.449   15.612  2.335   1.00 48.93 ? 246 HOH A O   1 
HETATM 1014 O  O   . HOH D 4 .   ? -5.520  -3.938  15.329  1.00 49.09 ? 247 HOH A O   1 
HETATM 1015 O  O   . HOH D 4 .   ? 8.702   -7.213  -5.320  1.00 52.36 ? 248 HOH A O   1 
HETATM 1016 O  O   . HOH D 4 .   ? 9.510   -19.264 5.348   1.00 48.76 ? 249 HOH A O   1 
HETATM 1017 O  O   . HOH D 4 .   ? -13.323 -4.688  -6.645  1.00 53.21 ? 250 HOH A O   1 
HETATM 1018 O  O   . HOH D 4 .   ? -0.087  -16.440 -0.917  1.00 52.82 ? 251 HOH A O   1 
HETATM 1019 O  O   . HOH D 4 .   ? 14.040  13.209  0.841   1.00 57.20 ? 252 HOH A O   1 
HETATM 1020 O  O   . HOH D 4 .   ? 9.258   -1.252  14.360  1.00 53.79 ? 253 HOH A O   1 
HETATM 1021 O  O   . HOH D 4 .   ? 12.368  -6.292  -2.389  1.00 51.20 ? 254 HOH A O   1 
HETATM 1022 O  O   . HOH D 4 .   ? 6.931   -7.799  -12.797 1.00 55.44 ? 255 HOH A O   1 
# 
